data_9MVU
#
_entry.id   9MVU
#
_cell.length_a   1.00
_cell.length_b   1.00
_cell.length_c   1.00
_cell.angle_alpha   90.00
_cell.angle_beta   90.00
_cell.angle_gamma   90.00
#
_symmetry.space_group_name_H-M   'P 1'
#
loop_
_entity.id
_entity.type
_entity.pdbx_description
1 polymer 'Envelope glycoprotein B'
2 polymer 'C6 Neutralizing Nanobody'
3 water water
#
loop_
_entity_poly.entity_id
_entity_poly.type
_entity_poly.pdbx_seq_one_letter_code
_entity_poly.pdbx_strand_id
1 'polypeptide(L)'
;APAAPAAPRASGGVAATVAANGGPASRPPPVPSPATTKARKRKTKKPPKRPEATPPPDANATVAAGHATLRAHLREIKVE
NADANFYVCPPPTGATVVQFEQPRRCPTRPEGQNYTEGIAVVFKENIAPYKFKATMYYKDVTVSQVWFGHRYSQFMGIFE
DRAPVPFEEVIDKINAKGVCRSTAKYVRNNMETTAFHRDDHETDMELKPAKVATRTSRGWHTTDLKYNPSRVEAFHRYGT
TVNCIVEEVDARSVYPYDEFVLATGDFVYMSPFYGYREGSHTEHTSYAADRFKQVDGFYARDLTTKARATSPTTRNLLTT
PKFTVAWDWVPKRPAVCTMTKWQEVDEMLRAEYGGSFRFSSDAISTTFTTNLTEYSLSRVDLGDCIGRDAREAIDRMFAR
KYNATHIKVGQPQYYLATGGFLIAYQPLLSNTLAELYVREYMREQDRKPRNATPAPLREAPSANASVERIKTTSSIEFAR
LQFTYNHIQRHVNDMLGRIAVAWCELQNHELTLWNEARKLNPNAIASATVGRRVSARMLGDVMAVSTCVPVAPDNVIVQN
SMRVSSRPGTCYSRPLVSFRYEDQGPLIEGQLGENNELRLTRDALEPCTVGHRRYFIFGGGYVYFEEYAYSHQLSRADVT
TVSTFIDLNITMLEDHEFVPLEVYTRHEIKDSGLLDYTEVQRRNQLHDLRFADIDTVIRADANAAGGGSHHHHHHHHGSD
YKDDDDK
;
A,B,C
2 'polypeptide(L)'
;EVQLVESGGGLVQPGGSLRLSCAASGVTFGSNRMGWFRQAPGKGREFVATHSTYFNPARTNYADSVKGRFTISRDNAGNS
VYLQMNSLRAEDTAVYYCLFDRRLGTVVTGPEGYWGQGTQVTVSSHHHHHH
;
D,E,F
#
# COMPACT_ATOMS: atom_id res chain seq x y z
N ALA A 84 -26.06 57.25 -18.23
CA ALA A 84 -26.53 58.57 -18.63
C ALA A 84 -26.88 59.39 -17.39
N ASN A 85 -25.93 60.23 -16.96
CA ASN A 85 -26.11 61.07 -15.79
C ASN A 85 -25.22 62.29 -15.93
N PHE A 86 -25.81 63.48 -16.03
CA PHE A 86 -25.00 64.67 -16.14
C PHE A 86 -24.52 65.12 -14.77
N TYR A 87 -23.58 66.05 -14.76
CA TYR A 87 -23.08 66.61 -13.51
C TYR A 87 -22.78 68.09 -13.68
N VAL A 88 -23.13 68.87 -12.68
CA VAL A 88 -22.73 70.28 -12.60
C VAL A 88 -21.57 70.36 -11.62
N CYS A 89 -20.45 70.89 -12.09
CA CYS A 89 -19.21 70.86 -11.30
C CYS A 89 -18.80 72.28 -10.93
N PRO A 90 -19.11 72.73 -9.72
CA PRO A 90 -18.61 74.04 -9.28
C PRO A 90 -17.09 74.04 -9.21
N PRO A 91 -16.46 75.16 -9.52
CA PRO A 91 -14.99 75.24 -9.45
C PRO A 91 -14.52 74.92 -8.04
N PRO A 92 -13.41 74.20 -7.91
CA PRO A 92 -12.97 73.75 -6.59
C PRO A 92 -12.54 74.90 -5.69
N THR A 93 -12.71 74.69 -4.39
CA THR A 93 -12.23 75.60 -3.37
C THR A 93 -11.23 74.87 -2.47
N GLY A 94 -10.61 75.62 -1.57
CA GLY A 94 -9.63 75.06 -0.67
C GLY A 94 -10.17 74.23 0.47
N ALA A 95 -11.45 73.87 0.42
CA ALA A 95 -12.04 73.07 1.50
C ALA A 95 -11.46 71.66 1.52
N THR A 96 -11.34 71.03 0.35
CA THR A 96 -10.82 69.67 0.25
C THR A 96 -9.63 69.66 -0.69
N VAL A 97 -8.49 69.18 -0.19
CA VAL A 97 -7.24 69.16 -0.94
C VAL A 97 -6.63 67.77 -0.80
N VAL A 98 -6.26 67.17 -1.94
CA VAL A 98 -5.80 65.79 -1.99
C VAL A 98 -4.50 65.69 -2.78
N GLN A 99 -3.77 64.61 -2.50
CA GLN A 99 -2.44 64.37 -3.02
C GLN A 99 -2.31 62.90 -3.37
N PHE A 100 -1.39 62.60 -4.28
CA PHE A 100 -1.14 61.22 -4.68
C PHE A 100 -0.26 60.49 -3.67
N GLU A 101 -0.55 59.20 -3.49
CA GLU A 101 0.30 58.38 -2.63
C GLU A 101 1.66 58.15 -3.30
N GLN A 102 2.72 58.32 -2.52
CA GLN A 102 4.07 58.12 -3.00
C GLN A 102 4.40 56.63 -3.10
N PRO A 103 5.44 56.27 -3.86
CA PRO A 103 5.69 54.85 -4.14
C PRO A 103 5.82 54.02 -2.88
N ARG A 104 5.19 52.85 -2.91
CA ARG A 104 5.28 51.88 -1.83
C ARG A 104 6.61 51.14 -1.92
N ARG A 105 7.05 50.60 -0.78
CA ARG A 105 8.23 49.75 -0.79
C ARG A 105 7.85 48.36 -1.28
N CYS A 106 8.45 47.94 -2.37
CA CYS A 106 8.10 46.69 -3.02
C CYS A 106 8.60 45.49 -2.22
N PRO A 107 7.96 44.34 -2.36
CA PRO A 107 8.50 43.12 -1.78
C PRO A 107 9.81 42.73 -2.43
N THR A 108 10.54 41.87 -1.76
CA THR A 108 11.78 41.32 -2.30
C THR A 108 11.62 39.83 -2.54
N ARG A 109 12.37 39.32 -3.50
CA ARG A 109 12.45 37.88 -3.68
C ARG A 109 13.10 37.28 -2.44
N PRO A 110 12.46 36.34 -1.76
CA PRO A 110 13.12 35.69 -0.62
C PRO A 110 14.42 35.02 -1.06
N GLU A 111 15.37 34.97 -0.14
CA GLU A 111 16.75 34.58 -0.48
C GLU A 111 16.78 33.21 -1.15
N GLY A 112 15.83 32.35 -0.86
CA GLY A 112 15.82 30.99 -1.36
C GLY A 112 16.38 30.02 -0.34
N GLN A 113 16.29 28.74 -0.68
CA GLN A 113 16.73 27.67 0.19
C GLN A 113 18.15 27.26 -0.20
N ASN A 114 19.00 27.07 0.82
CA ASN A 114 20.34 26.53 0.60
C ASN A 114 20.27 25.02 0.66
N TYR A 115 20.79 24.36 -0.36
CA TYR A 115 20.84 22.91 -0.42
C TYR A 115 22.27 22.43 -0.41
N THR A 116 22.58 21.51 0.50
CA THR A 116 23.83 20.78 0.46
C THR A 116 23.65 19.56 -0.44
N GLU A 117 24.53 19.41 -1.42
CA GLU A 117 24.54 18.19 -2.22
C GLU A 117 25.13 17.05 -1.41
N GLY A 118 24.65 15.84 -1.69
CA GLY A 118 25.26 14.70 -1.03
C GLY A 118 24.80 13.40 -1.65
N ILE A 119 25.38 12.32 -1.13
CA ILE A 119 25.04 10.96 -1.53
C ILE A 119 24.37 10.28 -0.34
N ALA A 120 23.22 9.66 -0.58
CA ALA A 120 22.46 9.06 0.51
C ALA A 120 22.27 7.57 0.29
N VAL A 121 22.23 6.84 1.40
CA VAL A 121 21.76 5.47 1.45
C VAL A 121 20.63 5.42 2.46
N VAL A 122 19.46 5.01 2.01
CA VAL A 122 18.26 4.96 2.84
C VAL A 122 18.05 3.51 3.24
N PHE A 123 18.04 3.26 4.55
CA PHE A 123 17.83 1.95 5.14
C PHE A 123 16.44 1.89 5.74
N LYS A 124 15.78 0.75 5.55
CA LYS A 124 14.50 0.44 6.16
C LYS A 124 14.70 -0.67 7.20
N GLU A 125 13.68 -0.86 8.03
CA GLU A 125 13.71 -1.95 8.99
C GLU A 125 13.74 -3.28 8.24
N ASN A 126 14.64 -4.17 8.66
CA ASN A 126 14.77 -5.46 8.01
C ASN A 126 13.62 -6.37 8.45
N ILE A 127 12.83 -6.83 7.49
CA ILE A 127 11.80 -7.83 7.73
C ILE A 127 12.17 -9.19 7.14
N ALA A 128 13.29 -9.29 6.45
CA ALA A 128 13.69 -10.55 5.83
C ALA A 128 14.30 -11.48 6.89
N PRO A 129 13.84 -12.72 6.99
CA PRO A 129 14.50 -13.68 7.88
C PRO A 129 15.93 -13.95 7.45
N TYR A 130 16.79 -14.17 8.44
CA TYR A 130 18.13 -14.67 8.17
C TYR A 130 18.06 -16.09 7.59
N LYS A 131 18.78 -16.31 6.50
CA LYS A 131 18.73 -17.57 5.77
C LYS A 131 20.11 -18.21 5.75
N PHE A 132 20.14 -19.54 5.88
CA PHE A 132 21.39 -20.27 5.83
C PHE A 132 21.10 -21.72 5.44
N LYS A 133 22.16 -22.48 5.23
CA LYS A 133 22.06 -23.85 4.76
C LYS A 133 22.25 -24.82 5.91
N ALA A 134 21.45 -25.88 5.94
CA ALA A 134 21.58 -26.92 6.94
C ALA A 134 21.50 -28.29 6.26
N THR A 135 21.83 -29.33 7.00
CA THR A 135 21.69 -30.70 6.52
C THR A 135 21.06 -31.53 7.62
N MET A 136 19.98 -32.23 7.28
CA MET A 136 19.32 -33.14 8.19
C MET A 136 19.83 -34.55 7.94
N TYR A 137 20.09 -35.26 9.03
CA TYR A 137 20.48 -36.67 9.03
C TYR A 137 19.47 -37.36 9.94
N TYR A 138 18.64 -38.23 9.37
CA TYR A 138 17.68 -38.96 10.18
C TYR A 138 17.45 -40.31 9.52
N LYS A 139 16.59 -41.10 10.15
CA LYS A 139 16.29 -42.44 9.69
C LYS A 139 14.79 -42.65 9.79
N ASP A 140 14.16 -42.94 8.67
CA ASP A 140 12.77 -43.35 8.67
C ASP A 140 12.70 -44.79 9.17
N VAL A 141 12.04 -44.99 10.30
CA VAL A 141 11.87 -46.31 10.90
C VAL A 141 10.40 -46.68 10.80
N THR A 142 10.12 -47.76 10.11
CA THR A 142 8.77 -48.27 9.93
C THR A 142 8.69 -49.66 10.53
N VAL A 143 7.69 -49.88 11.39
CA VAL A 143 7.36 -51.22 11.85
C VAL A 143 5.94 -51.51 11.38
N SER A 144 5.80 -52.47 10.49
CA SER A 144 4.50 -52.89 10.00
C SER A 144 4.06 -54.16 10.71
N GLN A 145 2.87 -54.12 11.30
CA GLN A 145 2.20 -55.30 11.82
C GLN A 145 1.16 -55.72 10.80
N VAL A 146 1.32 -56.93 10.27
CA VAL A 146 0.50 -57.48 9.19
C VAL A 146 -0.17 -58.74 9.68
N TRP A 147 -1.48 -58.82 9.52
CA TRP A 147 -2.23 -60.05 9.71
C TRP A 147 -2.35 -60.76 8.37
N PHE A 148 -2.18 -62.07 8.40
CA PHE A 148 -2.24 -62.88 7.17
C PHE A 148 -3.49 -63.73 7.23
N GLY A 149 -4.55 -63.27 6.57
CA GLY A 149 -5.76 -64.04 6.42
C GLY A 149 -5.59 -65.13 5.39
N HIS A 150 -6.68 -65.86 5.15
CA HIS A 150 -6.60 -67.03 4.27
C HIS A 150 -6.28 -66.63 2.84
N ARG A 151 -6.89 -65.55 2.33
CA ARG A 151 -6.68 -65.12 0.96
C ARG A 151 -6.24 -63.68 0.84
N TYR A 152 -5.95 -63.01 1.96
CA TYR A 152 -5.60 -61.60 1.93
C TYR A 152 -4.61 -61.31 3.04
N SER A 153 -3.89 -60.20 2.87
CA SER A 153 -3.03 -59.65 3.91
C SER A 153 -3.55 -58.27 4.28
N GLN A 154 -3.55 -57.97 5.57
CA GLN A 154 -4.04 -56.69 6.06
C GLN A 154 -3.05 -56.08 7.02
N PHE A 155 -2.82 -54.78 6.88
CA PHE A 155 -2.02 -54.03 7.84
C PHE A 155 -2.82 -53.85 9.12
N MET A 156 -2.45 -54.57 10.17
CA MET A 156 -2.96 -54.29 11.50
C MET A 156 -2.47 -52.94 12.00
N GLY A 157 -1.23 -52.58 11.67
CA GLY A 157 -0.73 -51.29 12.09
C GLY A 157 0.56 -50.93 11.38
N ILE A 158 0.84 -49.64 11.32
CA ILE A 158 2.09 -49.15 10.75
C ILE A 158 2.64 -48.06 11.65
N PHE A 159 3.68 -48.38 12.41
CA PHE A 159 4.33 -47.44 13.31
C PHE A 159 5.46 -46.75 12.56
N GLU A 160 5.38 -45.43 12.48
CA GLU A 160 6.31 -44.62 11.71
C GLU A 160 7.04 -43.67 12.65
N ASP A 161 8.36 -43.60 12.52
CA ASP A 161 9.17 -42.79 13.41
C ASP A 161 10.34 -42.19 12.64
N ARG A 162 10.80 -41.04 13.10
CA ARG A 162 12.02 -40.40 12.61
C ARG A 162 13.06 -40.46 13.71
N ALA A 163 14.14 -41.21 13.47
CA ALA A 163 15.21 -41.32 14.45
C ALA A 163 16.39 -40.45 14.05
N PRO A 164 17.01 -39.72 14.96
CA PRO A 164 18.22 -38.97 14.59
C PRO A 164 19.37 -39.91 14.28
N VAL A 165 20.23 -39.45 13.37
CA VAL A 165 21.51 -40.12 13.11
C VAL A 165 22.52 -39.58 14.11
N PRO A 166 23.07 -40.41 14.99
CA PRO A 166 24.00 -39.89 16.01
C PRO A 166 25.25 -39.27 15.40
N PHE A 167 25.86 -38.37 16.18
CA PHE A 167 27.03 -37.63 15.73
C PHE A 167 28.13 -38.55 15.21
N GLU A 168 28.40 -39.64 15.94
CA GLU A 168 29.48 -40.54 15.54
C GLU A 168 29.20 -41.20 14.19
N GLU A 169 27.93 -41.48 13.87
CA GLU A 169 27.63 -42.04 12.57
C GLU A 169 27.77 -40.99 11.47
N VAL A 170 27.36 -39.75 11.74
CA VAL A 170 27.53 -38.67 10.78
C VAL A 170 29.01 -38.49 10.45
N ILE A 171 29.86 -38.57 11.46
CA ILE A 171 31.30 -38.35 11.25
C ILE A 171 31.94 -39.57 10.59
N ASP A 172 31.81 -40.75 11.22
CA ASP A 172 32.58 -41.91 10.80
C ASP A 172 32.01 -42.60 9.57
N LYS A 173 30.71 -42.46 9.29
CA LYS A 173 30.08 -43.21 8.21
C LYS A 173 29.62 -42.32 7.06
N ILE A 174 28.78 -41.31 7.34
CA ILE A 174 28.20 -40.54 6.24
C ILE A 174 29.25 -39.61 5.63
N ASN A 175 29.90 -38.81 6.45
CA ASN A 175 30.89 -37.86 5.93
C ASN A 175 32.21 -38.52 5.57
N ALA A 176 32.50 -39.71 6.10
CA ALA A 176 33.76 -40.39 5.81
C ALA A 176 33.65 -41.36 4.65
N LYS A 177 32.51 -42.04 4.50
CA LYS A 177 32.37 -43.09 3.50
C LYS A 177 31.12 -42.95 2.64
N GLY A 178 30.21 -42.03 2.96
CA GLY A 178 28.93 -41.98 2.28
C GLY A 178 28.03 -43.16 2.54
N VAL A 179 28.08 -43.72 3.75
CA VAL A 179 27.27 -44.88 4.11
C VAL A 179 26.57 -44.61 5.44
N CYS A 180 25.51 -45.38 5.69
CA CYS A 180 24.78 -45.36 6.94
C CYS A 180 24.73 -46.77 7.50
N ARG A 181 24.51 -46.87 8.81
CA ARG A 181 24.19 -48.17 9.37
C ARG A 181 22.75 -48.54 9.03
N SER A 182 22.53 -49.84 8.83
CA SER A 182 21.17 -50.33 8.59
C SER A 182 20.34 -50.35 9.87
N THR A 183 20.95 -50.09 11.01
CA THR A 183 20.26 -50.08 12.29
C THR A 183 20.06 -48.65 12.77
N ALA A 184 18.99 -48.45 13.53
CA ALA A 184 18.70 -47.18 14.18
C ALA A 184 18.61 -47.42 15.68
N LYS A 185 19.58 -46.89 16.43
CA LYS A 185 19.60 -46.95 17.88
C LYS A 185 19.41 -45.54 18.42
N TYR A 186 18.34 -45.32 19.17
CA TYR A 186 18.02 -43.95 19.58
C TYR A 186 17.09 -43.97 20.79
N VAL A 187 17.00 -42.82 21.45
CA VAL A 187 16.17 -42.68 22.63
C VAL A 187 14.80 -42.16 22.21
N ARG A 188 13.77 -42.98 22.42
CA ARG A 188 12.40 -42.61 22.15
C ARG A 188 11.59 -42.89 23.40
N ASN A 189 10.79 -41.91 23.84
CA ASN A 189 9.89 -42.08 24.99
C ASN A 189 10.65 -42.60 26.21
N ASN A 190 11.80 -42.00 26.51
CA ASN A 190 12.59 -42.34 27.74
C ASN A 190 13.12 -43.78 27.65
N MET A 191 13.20 -44.34 26.46
CA MET A 191 13.71 -45.73 26.27
C MET A 191 14.71 -45.80 25.10
N GLU A 192 15.78 -46.57 25.27
CA GLU A 192 16.71 -46.80 24.14
C GLU A 192 16.10 -47.89 23.26
N THR A 193 15.74 -47.52 22.04
CA THR A 193 15.15 -48.48 21.08
C THR A 193 16.13 -48.76 19.97
N THR A 194 16.12 -49.99 19.45
CA THR A 194 16.99 -50.40 18.36
C THR A 194 16.14 -51.07 17.29
N ALA A 195 16.26 -50.60 16.05
CA ALA A 195 15.55 -51.15 14.92
C ALA A 195 16.56 -51.63 13.87
N PHE A 196 16.34 -52.81 13.34
CA PHE A 196 17.18 -53.41 12.31
C PHE A 196 16.43 -53.43 10.98
N HIS A 197 17.07 -52.90 9.94
CA HIS A 197 16.47 -52.95 8.61
C HIS A 197 16.26 -54.39 8.17
N ARG A 198 15.03 -54.69 7.71
CA ARG A 198 14.60 -56.03 7.33
C ARG A 198 14.81 -57.05 8.45
N ASP A 199 14.97 -56.57 9.69
CA ASP A 199 15.26 -57.41 10.84
C ASP A 199 16.50 -58.27 10.62
N ASP A 200 17.42 -57.79 9.77
CA ASP A 200 18.67 -58.48 9.50
C ASP A 200 19.77 -57.96 10.42
N HIS A 201 20.98 -58.49 10.23
CA HIS A 201 22.13 -58.03 10.97
C HIS A 201 22.58 -56.66 10.45
N GLU A 202 23.29 -55.93 11.31
CA GLU A 202 23.81 -54.63 10.96
C GLU A 202 24.73 -54.70 9.76
N THR A 203 24.51 -53.81 8.79
CA THR A 203 25.38 -53.67 7.62
C THR A 203 25.54 -52.20 7.31
N ASP A 204 26.64 -51.88 6.62
CA ASP A 204 26.85 -50.54 6.09
C ASP A 204 26.20 -50.46 4.71
N MET A 205 25.35 -49.45 4.51
CA MET A 205 24.56 -49.33 3.31
C MET A 205 24.84 -47.97 2.67
N GLU A 206 25.08 -47.98 1.37
CA GLU A 206 25.49 -46.79 0.66
C GLU A 206 24.33 -45.81 0.53
N LEU A 207 24.64 -44.52 0.63
CA LEU A 207 23.68 -43.46 0.37
C LEU A 207 23.68 -43.14 -1.12
N LYS A 208 22.50 -43.05 -1.70
CA LYS A 208 22.35 -42.80 -3.12
C LYS A 208 21.37 -41.64 -3.33
N PRO A 209 21.50 -40.92 -4.43
CA PRO A 209 20.63 -39.77 -4.67
C PRO A 209 19.16 -40.18 -4.68
N ALA A 210 18.33 -39.31 -4.10
CA ALA A 210 16.89 -39.54 -4.11
C ALA A 210 16.31 -39.24 -5.49
N LYS A 211 15.13 -39.77 -5.73
CA LYS A 211 14.42 -39.49 -6.98
C LYS A 211 14.21 -37.99 -7.12
N VAL A 212 14.54 -37.46 -8.29
CA VAL A 212 14.51 -36.02 -8.50
C VAL A 212 13.08 -35.49 -8.47
N ALA A 213 12.90 -34.37 -7.78
CA ALA A 213 11.63 -33.65 -7.75
C ALA A 213 11.90 -32.19 -8.07
N THR A 214 11.02 -31.58 -8.86
CA THR A 214 11.21 -30.21 -9.30
C THR A 214 11.17 -29.26 -8.10
N ARG A 215 12.04 -28.24 -8.14
CA ARG A 215 12.13 -27.23 -7.07
C ARG A 215 12.35 -27.88 -5.71
N THR A 216 13.25 -28.85 -5.66
CA THR A 216 13.57 -29.56 -4.44
C THR A 216 15.08 -29.65 -4.28
N SER A 217 15.55 -29.47 -3.05
CA SER A 217 16.97 -29.55 -2.74
C SER A 217 17.45 -31.01 -2.77
N ARG A 218 18.75 -31.20 -2.60
CA ARG A 218 19.37 -32.50 -2.78
C ARG A 218 19.11 -33.43 -1.60
N GLY A 219 18.82 -34.69 -1.89
CA GLY A 219 18.60 -35.68 -0.87
C GLY A 219 19.24 -37.01 -1.24
N TRP A 220 19.51 -37.80 -0.22
CA TRP A 220 20.11 -39.12 -0.36
C TRP A 220 19.45 -40.06 0.64
N HIS A 221 19.41 -41.34 0.28
CA HIS A 221 18.79 -42.35 1.14
C HIS A 221 19.37 -43.71 0.78
N THR A 222 19.04 -44.70 1.61
CA THR A 222 19.61 -46.04 1.48
C THR A 222 18.64 -47.09 0.97
N THR A 223 17.34 -46.97 1.27
CA THR A 223 16.35 -47.95 0.87
C THR A 223 15.17 -47.26 0.22
N ASP A 224 14.63 -47.88 -0.83
CA ASP A 224 13.43 -47.37 -1.50
C ASP A 224 12.22 -48.28 -1.31
N LEU A 225 12.38 -49.46 -0.73
CA LEU A 225 11.29 -50.40 -0.53
C LEU A 225 11.00 -50.56 0.96
N LYS A 226 9.72 -50.59 1.30
CA LYS A 226 9.32 -50.98 2.65
C LYS A 226 9.40 -52.49 2.77
N TYR A 227 9.94 -52.95 3.89
CA TYR A 227 10.06 -54.38 4.15
C TYR A 227 8.87 -54.82 5.01
N ASN A 228 8.17 -55.84 4.53
CA ASN A 228 7.05 -56.41 5.26
C ASN A 228 7.32 -57.89 5.53
N PRO A 229 6.82 -58.43 6.64
CA PRO A 229 7.07 -59.83 6.96
C PRO A 229 6.50 -60.76 5.90
N SER A 230 7.21 -61.86 5.67
CA SER A 230 6.75 -62.87 4.72
C SER A 230 5.48 -63.54 5.24
N ARG A 231 4.65 -64.00 4.31
CA ARG A 231 3.38 -64.61 4.65
C ARG A 231 3.55 -65.87 5.50
N VAL A 232 2.90 -65.87 6.66
CA VAL A 232 2.61 -67.09 7.42
C VAL A 232 1.14 -67.00 7.82
N GLU A 233 0.35 -67.98 7.37
CA GLU A 233 -1.10 -67.88 7.51
C GLU A 233 -1.53 -67.89 8.97
N ALA A 234 -2.52 -67.05 9.27
CA ALA A 234 -3.16 -66.99 10.59
C ALA A 234 -2.18 -66.55 11.67
N PHE A 235 -1.27 -65.64 11.32
CA PHE A 235 -0.36 -65.04 12.29
C PHE A 235 -0.27 -63.53 12.07
N HIS A 236 -0.11 -62.82 13.18
CA HIS A 236 0.34 -61.44 13.16
C HIS A 236 1.87 -61.46 13.08
N ARG A 237 2.44 -60.78 12.09
CA ARG A 237 3.89 -60.72 11.97
C ARG A 237 4.35 -59.27 11.79
N TYR A 238 5.57 -59.00 12.21
CA TYR A 238 6.11 -57.64 12.22
C TYR A 238 7.29 -57.54 11.27
N GLY A 239 7.44 -56.37 10.66
CA GLY A 239 8.56 -56.10 9.77
C GLY A 239 9.12 -54.71 9.96
N THR A 240 10.44 -54.59 9.95
CA THR A 240 11.11 -53.31 10.21
C THR A 240 11.82 -52.83 8.95
N THR A 241 11.62 -51.55 8.63
CA THR A 241 12.32 -50.85 7.56
C THR A 241 13.09 -49.70 8.16
N VAL A 242 14.36 -49.59 7.82
CA VAL A 242 15.20 -48.48 8.24
C VAL A 242 15.76 -47.82 6.97
N ASN A 243 15.40 -46.57 6.76
CA ASN A 243 15.85 -45.80 5.60
C ASN A 243 16.62 -44.58 6.10
N CYS A 244 17.94 -44.63 5.97
CA CYS A 244 18.77 -43.49 6.39
C CYS A 244 18.66 -42.40 5.33
N ILE A 245 18.17 -41.23 5.74
CA ILE A 245 17.92 -40.12 4.84
C ILE A 245 18.81 -38.95 5.24
N VAL A 246 19.61 -38.48 4.30
CA VAL A 246 20.37 -37.25 4.43
C VAL A 246 19.74 -36.24 3.48
N GLU A 247 19.54 -35.02 3.95
CA GLU A 247 18.70 -34.08 3.22
C GLU A 247 19.16 -32.67 3.55
N GLU A 248 19.83 -32.02 2.61
CA GLU A 248 20.26 -30.65 2.84
C GLU A 248 19.11 -29.70 2.56
N VAL A 249 18.86 -28.79 3.49
CA VAL A 249 17.64 -27.98 3.52
C VAL A 249 17.99 -26.52 3.75
N ASP A 250 17.02 -25.68 3.45
CA ASP A 250 17.08 -24.27 3.79
C ASP A 250 16.66 -24.09 5.25
N ALA A 251 17.38 -23.26 5.98
CA ALA A 251 17.04 -22.92 7.36
C ALA A 251 16.89 -21.41 7.45
N ARG A 252 15.95 -20.96 8.27
CA ARG A 252 15.69 -19.54 8.38
C ARG A 252 15.28 -19.19 9.80
N SER A 253 15.72 -18.01 10.23
CA SER A 253 15.64 -17.55 11.60
C SER A 253 15.23 -16.09 11.62
N VAL A 254 14.39 -15.71 12.57
CA VAL A 254 14.00 -14.31 12.72
C VAL A 254 14.57 -13.80 14.03
N TYR A 255 14.69 -12.48 14.10
CA TYR A 255 15.20 -11.83 15.30
C TYR A 255 14.29 -12.17 16.48
N PRO A 256 14.85 -12.41 17.69
CA PRO A 256 16.25 -12.25 18.11
C PRO A 256 17.18 -13.40 17.77
N TYR A 257 16.80 -14.30 16.85
CA TYR A 257 17.66 -15.40 16.40
C TYR A 257 18.02 -16.35 17.55
N ASP A 258 17.03 -16.67 18.37
CA ASP A 258 17.18 -17.66 19.41
C ASP A 258 16.65 -19.03 19.01
N GLU A 259 16.14 -19.16 17.79
CA GLU A 259 15.66 -20.43 17.25
C GLU A 259 15.61 -20.30 15.74
N PHE A 260 15.58 -21.44 15.05
CA PHE A 260 15.44 -21.41 13.60
C PHE A 260 14.59 -22.58 13.14
N VAL A 261 14.10 -22.48 11.90
CA VAL A 261 13.25 -23.50 11.32
C VAL A 261 13.98 -24.13 10.14
N LEU A 262 13.56 -25.34 9.80
CA LEU A 262 14.02 -26.05 8.62
C LEU A 262 12.90 -26.08 7.59
N ALA A 263 13.27 -26.30 6.33
CA ALA A 263 12.27 -26.29 5.26
C ALA A 263 11.21 -27.37 5.44
N THR A 264 11.51 -28.42 6.20
CA THR A 264 10.57 -29.48 6.50
C THR A 264 9.52 -29.07 7.53
N GLY A 265 9.59 -27.85 8.05
CA GLY A 265 8.68 -27.39 9.08
C GLY A 265 9.13 -27.69 10.50
N ASP A 266 10.33 -28.22 10.69
CA ASP A 266 10.83 -28.57 12.01
C ASP A 266 11.52 -27.36 12.65
N PHE A 267 11.10 -27.02 13.86
CA PHE A 267 11.78 -26.02 14.66
C PHE A 267 12.99 -26.61 15.36
N VAL A 268 14.08 -25.84 15.37
CA VAL A 268 15.26 -26.12 16.16
C VAL A 268 15.35 -25.01 17.20
N TYR A 269 15.17 -25.38 18.47
CA TYR A 269 14.99 -24.40 19.54
C TYR A 269 16.36 -23.98 20.05
N MET A 270 17.05 -23.22 19.21
CA MET A 270 18.47 -22.98 19.34
C MET A 270 18.89 -21.86 18.40
N SER A 271 19.75 -20.98 18.88
CA SER A 271 20.29 -19.94 18.03
C SER A 271 21.12 -20.56 16.91
N PRO A 272 20.97 -20.08 15.67
CA PRO A 272 21.90 -20.50 14.60
C PRO A 272 23.34 -20.15 14.89
N PHE A 273 23.58 -19.13 15.71
CA PHE A 273 24.93 -18.64 15.98
C PHE A 273 25.48 -19.17 17.29
N TYR A 274 24.87 -20.22 17.84
CA TYR A 274 25.35 -20.80 19.09
C TYR A 274 26.65 -21.55 18.87
N GLY A 275 27.55 -21.46 19.84
CA GLY A 275 28.84 -22.10 19.71
C GLY A 275 29.64 -21.97 20.98
N TYR A 276 30.94 -22.18 20.87
CA TYR A 276 31.84 -22.14 22.02
C TYR A 276 32.76 -20.92 22.05
N ARG A 277 32.92 -20.21 20.94
CA ARG A 277 33.91 -19.15 20.82
C ARG A 277 33.25 -17.80 20.55
N GLU A 278 33.94 -16.73 20.96
CA GLU A 278 33.52 -15.35 20.74
C GLU A 278 32.18 -15.05 21.40
N GLY A 279 31.92 -15.68 22.55
CA GLY A 279 30.72 -15.41 23.30
C GLY A 279 29.47 -16.04 22.76
N SER A 280 29.56 -16.91 21.75
CA SER A 280 28.38 -17.55 21.20
C SER A 280 27.77 -18.58 22.15
N HIS A 281 28.47 -18.92 23.23
CA HIS A 281 27.97 -19.88 24.20
C HIS A 281 26.87 -19.31 25.09
N THR A 282 26.60 -18.00 24.99
CA THR A 282 25.57 -17.37 25.80
C THR A 282 24.29 -17.04 25.02
N GLU A 283 24.17 -17.45 23.77
CA GLU A 283 23.08 -16.89 22.96
C GLU A 283 21.73 -17.53 23.30
N HIS A 284 21.53 -18.80 22.94
CA HIS A 284 20.39 -19.53 23.46
C HIS A 284 20.50 -20.99 23.06
N THR A 285 20.20 -21.88 23.99
CA THR A 285 20.00 -23.30 23.67
C THR A 285 18.92 -23.86 24.58
N SER A 286 18.00 -24.60 24.00
CA SER A 286 16.97 -25.31 24.76
C SER A 286 17.39 -26.74 25.09
N TYR A 287 18.50 -27.20 24.54
CA TYR A 287 18.90 -28.60 24.59
C TYR A 287 20.04 -28.80 25.59
N ALA A 288 20.20 -30.05 26.01
CA ALA A 288 21.31 -30.41 26.87
C ALA A 288 22.63 -30.34 26.10
N ALA A 289 23.72 -30.25 26.85
CA ALA A 289 25.03 -30.05 26.24
C ALA A 289 25.41 -31.23 25.36
N ASP A 290 25.06 -32.45 25.75
CA ASP A 290 25.44 -33.62 25.00
C ASP A 290 24.78 -33.70 23.62
N ARG A 291 23.71 -32.94 23.40
CA ARG A 291 23.08 -32.94 22.08
C ARG A 291 23.79 -32.04 21.08
N PHE A 292 24.64 -31.12 21.55
CA PHE A 292 25.36 -30.22 20.66
C PHE A 292 26.82 -30.61 20.51
N LYS A 293 27.29 -30.58 19.27
CA LYS A 293 28.69 -30.79 18.92
C LYS A 293 29.13 -29.64 18.04
N GLN A 294 30.37 -29.19 18.22
CA GLN A 294 30.97 -28.20 17.35
C GLN A 294 32.37 -28.67 16.98
N VAL A 295 32.59 -28.90 15.69
CA VAL A 295 33.85 -29.43 15.19
C VAL A 295 34.55 -28.33 14.38
N ASP A 296 35.69 -27.88 14.89
CA ASP A 296 36.56 -26.98 14.15
C ASP A 296 37.39 -27.78 13.15
N GLY A 297 37.70 -27.17 12.02
CA GLY A 297 38.44 -27.84 10.97
C GLY A 297 37.71 -29.01 10.34
N PHE A 298 36.42 -28.83 10.05
CA PHE A 298 35.59 -29.89 9.49
C PHE A 298 35.55 -29.78 7.97
N TYR A 299 35.86 -30.89 7.30
CA TYR A 299 35.79 -30.96 5.85
C TYR A 299 34.56 -31.76 5.43
N ALA A 300 33.62 -31.09 4.77
CA ALA A 300 32.47 -31.79 4.22
C ALA A 300 32.88 -32.60 3.00
N ARG A 301 32.34 -33.81 2.89
CA ARG A 301 32.54 -34.67 1.74
C ARG A 301 31.23 -34.81 1.00
N ASP A 302 31.21 -34.43 -0.27
CA ASP A 302 29.97 -34.43 -1.04
C ASP A 302 29.49 -35.85 -1.26
N LEU A 303 28.21 -36.09 -0.98
CA LEU A 303 27.60 -37.40 -1.17
C LEU A 303 27.39 -37.70 -2.65
N SER A 311 38.84 -26.46 1.92
CA SER A 311 38.50 -25.44 2.91
C SER A 311 37.61 -25.99 4.01
N PRO A 312 38.12 -26.00 5.24
CA PRO A 312 37.32 -26.47 6.37
C PRO A 312 36.37 -25.39 6.88
N THR A 313 35.37 -25.84 7.64
CA THR A 313 34.43 -24.96 8.31
C THR A 313 34.35 -25.36 9.78
N THR A 314 33.63 -24.55 10.55
CA THR A 314 33.27 -24.89 11.92
C THR A 314 31.85 -25.45 11.88
N ARG A 315 31.72 -26.74 12.14
CA ARG A 315 30.50 -27.48 11.89
C ARG A 315 29.72 -27.65 13.20
N ASN A 316 28.50 -27.12 13.24
CA ASN A 316 27.58 -27.33 14.33
C ASN A 316 26.69 -28.51 14.01
N LEU A 317 26.60 -29.46 14.93
CA LEU A 317 25.77 -30.65 14.79
C LEU A 317 24.91 -30.78 16.03
N LEU A 318 23.61 -30.60 15.88
CA LEU A 318 22.67 -30.71 16.98
C LEU A 318 21.79 -31.94 16.77
N THR A 319 21.74 -32.81 17.77
CA THR A 319 20.91 -34.00 17.73
C THR A 319 19.63 -33.71 18.51
N THR A 320 18.51 -33.63 17.80
CA THR A 320 17.19 -33.49 18.39
C THR A 320 16.56 -34.87 18.55
N PRO A 321 15.42 -34.98 19.24
CA PRO A 321 14.77 -36.29 19.35
C PRO A 321 14.37 -36.90 18.03
N LYS A 322 14.27 -36.12 16.96
CA LYS A 322 13.79 -36.64 15.68
C LYS A 322 14.85 -36.68 14.58
N PHE A 323 15.88 -35.84 14.66
CA PHE A 323 16.85 -35.73 13.58
C PHE A 323 18.12 -35.09 14.12
N THR A 324 19.16 -35.12 13.29
CA THR A 324 20.38 -34.36 13.54
C THR A 324 20.52 -33.29 12.47
N VAL A 325 20.71 -32.04 12.87
CA VAL A 325 20.86 -30.93 11.94
C VAL A 325 22.27 -30.37 12.07
N ALA A 326 22.93 -30.21 10.93
CA ALA A 326 24.30 -29.70 10.87
C ALA A 326 24.35 -28.45 10.00
N TRP A 327 25.15 -27.49 10.40
CA TRP A 327 25.29 -26.24 9.66
C TRP A 327 26.60 -25.57 10.04
N ASP A 328 27.02 -24.62 9.22
CA ASP A 328 28.27 -23.91 9.49
C ASP A 328 28.05 -22.80 10.51
N TRP A 329 28.87 -22.78 11.55
CA TRP A 329 28.85 -21.70 12.52
C TRP A 329 29.56 -20.47 11.96
N VAL A 330 28.90 -19.32 12.09
CA VAL A 330 29.49 -18.03 11.75
C VAL A 330 29.20 -17.07 12.90
N PRO A 331 30.04 -16.07 13.15
CA PRO A 331 29.71 -15.06 14.16
C PRO A 331 28.44 -14.31 13.81
N LYS A 332 27.68 -13.97 14.85
CA LYS A 332 26.35 -13.40 14.64
C LYS A 332 26.42 -11.99 14.05
N ARG A 333 27.31 -11.14 14.58
CA ARG A 333 27.27 -9.72 14.24
C ARG A 333 27.48 -9.44 12.76
N PRO A 334 28.48 -10.03 12.07
CA PRO A 334 28.61 -9.77 10.63
C PRO A 334 27.55 -10.46 9.79
N ALA A 335 26.71 -11.33 10.36
CA ALA A 335 25.74 -12.11 9.60
C ALA A 335 24.37 -11.46 9.54
N VAL A 336 23.85 -10.97 10.65
CA VAL A 336 22.47 -10.49 10.71
C VAL A 336 22.47 -8.98 10.90
N CYS A 337 21.35 -8.36 10.56
CA CYS A 337 21.21 -6.93 10.71
C CYS A 337 19.73 -6.58 10.79
N THR A 338 19.38 -5.74 11.77
CA THR A 338 18.00 -5.31 11.94
C THR A 338 17.57 -4.27 10.91
N MET A 339 18.51 -3.71 10.16
CA MET A 339 18.22 -2.78 9.09
C MET A 339 18.72 -3.35 7.78
N THR A 340 18.07 -3.00 6.68
CA THR A 340 18.49 -3.43 5.36
C THR A 340 18.52 -2.24 4.41
N LYS A 341 19.46 -2.26 3.48
CA LYS A 341 19.61 -1.16 2.55
C LYS A 341 18.44 -1.16 1.57
N TRP A 342 17.81 0.01 1.42
CA TRP A 342 16.63 0.16 0.57
C TRP A 342 16.91 0.98 -0.68
N GLN A 343 17.45 2.19 -0.53
CA GLN A 343 17.68 3.05 -1.68
C GLN A 343 19.09 3.60 -1.68
N GLU A 344 19.67 3.72 -2.87
CA GLU A 344 20.90 4.47 -3.09
C GLU A 344 20.56 5.70 -3.91
N VAL A 345 20.85 6.87 -3.37
CA VAL A 345 20.50 8.15 -3.97
C VAL A 345 21.80 8.87 -4.30
N ASP A 346 22.11 9.02 -5.59
CA ASP A 346 23.32 9.71 -5.98
C ASP A 346 23.20 11.22 -5.90
N GLU A 347 21.98 11.76 -5.88
CA GLU A 347 21.75 13.19 -5.67
C GLU A 347 20.72 13.33 -4.57
N MET A 348 21.18 13.57 -3.34
CA MET A 348 20.29 13.88 -2.23
C MET A 348 20.60 15.29 -1.76
N LEU A 349 19.58 16.14 -1.75
CA LEU A 349 19.74 17.53 -1.35
C LEU A 349 19.26 17.68 0.08
N ARG A 350 20.11 18.22 0.94
CA ARG A 350 19.76 18.45 2.34
C ARG A 350 19.54 19.93 2.56
N ALA A 351 18.38 20.28 3.12
CA ALA A 351 18.05 21.66 3.45
C ALA A 351 17.73 21.75 4.93
N GLU A 352 18.21 22.81 5.58
CA GLU A 352 17.94 23.06 6.98
C GLU A 352 16.84 24.11 7.09
N TYR A 353 15.78 23.79 7.82
CA TYR A 353 14.67 24.71 7.99
C TYR A 353 13.87 24.32 9.22
N GLY A 354 13.54 25.32 10.04
CA GLY A 354 12.68 25.10 11.20
C GLY A 354 13.20 24.05 12.15
N GLY A 355 14.51 24.00 12.36
CA GLY A 355 15.08 22.99 13.22
C GLY A 355 15.00 21.58 12.68
N SER A 356 14.86 21.42 11.37
CA SER A 356 14.77 20.09 10.78
C SER A 356 15.61 20.04 9.50
N PHE A 357 16.08 18.83 9.19
CA PHE A 357 16.70 18.53 7.91
C PHE A 357 15.66 17.93 6.99
N ARG A 358 15.64 18.40 5.74
CA ARG A 358 14.84 17.80 4.69
C ARG A 358 15.78 17.24 3.63
N PHE A 359 15.71 15.93 3.42
CA PHE A 359 16.51 15.23 2.43
C PHE A 359 15.61 14.93 1.24
N SER A 360 15.84 15.61 0.13
CA SER A 360 15.02 15.47 -1.06
C SER A 360 15.78 14.74 -2.15
N SER A 361 15.10 13.80 -2.81
CA SER A 361 15.63 13.05 -3.93
C SER A 361 14.69 13.26 -5.12
N ASP A 362 15.21 13.90 -6.16
CA ASP A 362 14.47 14.08 -7.41
C ASP A 362 14.28 12.76 -8.13
N ALA A 363 15.26 11.86 -8.04
CA ALA A 363 15.20 10.61 -8.79
C ALA A 363 14.04 9.73 -8.33
N ILE A 364 13.82 9.63 -7.01
CA ILE A 364 12.73 8.81 -6.50
C ILE A 364 11.57 9.65 -5.99
N SER A 365 11.61 10.97 -6.15
CA SER A 365 10.51 11.87 -5.81
C SER A 365 10.16 11.76 -4.33
N THR A 366 11.15 11.92 -3.47
CA THR A 366 10.93 11.64 -2.06
C THR A 366 11.62 12.68 -1.18
N THR A 367 10.89 13.19 -0.19
CA THR A 367 11.45 14.10 0.80
C THR A 367 11.31 13.46 2.18
N PHE A 368 12.45 13.20 2.82
CA PHE A 368 12.50 12.71 4.18
C PHE A 368 12.74 13.87 5.14
N THR A 369 12.21 13.74 6.36
CA THR A 369 12.33 14.78 7.38
C THR A 369 13.02 14.18 8.60
N THR A 370 14.14 14.77 9.01
CA THR A 370 14.90 14.32 10.16
C THR A 370 15.11 15.49 11.11
N ASN A 371 15.50 15.16 12.33
CA ASN A 371 15.96 16.17 13.26
C ASN A 371 17.40 16.57 12.94
N LEU A 372 17.83 17.69 13.53
CA LEU A 372 19.18 18.18 13.26
C LEU A 372 20.23 17.28 13.90
N THR A 373 19.97 16.78 15.11
CA THR A 373 20.92 15.92 15.80
C THR A 373 21.05 14.58 15.08
N GLU A 374 22.29 14.10 14.99
CA GLU A 374 22.55 12.83 14.34
C GLU A 374 21.99 11.67 15.16
N TYR A 375 21.78 10.55 14.48
CA TYR A 375 21.37 9.32 15.12
C TYR A 375 22.59 8.44 15.30
N SER A 376 23.04 8.19 16.54
CA SER A 376 24.22 7.34 16.72
C SER A 376 23.88 5.88 16.44
N LEU A 377 24.73 5.24 15.63
CA LEU A 377 24.49 3.87 15.21
C LEU A 377 24.58 2.88 16.36
N SER A 378 25.18 3.28 17.49
CA SER A 378 25.25 2.40 18.64
C SER A 378 23.88 2.10 19.24
N ARG A 379 22.90 2.96 18.98
CA ARG A 379 21.55 2.71 19.47
C ARG A 379 20.83 1.60 18.70
N VAL A 380 21.36 1.20 17.55
CA VAL A 380 20.77 0.12 16.77
C VAL A 380 21.30 -1.21 17.29
N ASP A 381 20.39 -2.15 17.54
CA ASP A 381 20.79 -3.49 17.96
C ASP A 381 21.10 -4.33 16.73
N LEU A 382 22.32 -4.86 16.66
CA LEU A 382 22.78 -5.67 15.53
C LEU A 382 22.64 -4.89 14.22
N GLY A 383 23.26 -3.72 14.19
CA GLY A 383 23.19 -2.87 13.02
C GLY A 383 24.51 -2.69 12.31
N ASP A 384 25.35 -3.73 12.35
CA ASP A 384 26.68 -3.62 11.78
C ASP A 384 26.67 -3.56 10.26
N CYS A 385 25.54 -3.88 9.61
CA CYS A 385 25.51 -3.78 8.16
C CYS A 385 25.46 -2.32 7.71
N ILE A 386 24.91 -1.44 8.56
CA ILE A 386 24.59 -0.08 8.12
C ILE A 386 25.86 0.66 7.72
N GLY A 387 26.86 0.65 8.59
CA GLY A 387 28.08 1.38 8.29
C GLY A 387 28.80 0.85 7.07
N ARG A 388 28.96 -0.47 6.99
CA ARG A 388 29.72 -1.06 5.88
C ARG A 388 28.98 -0.88 4.55
N ASP A 389 27.66 -1.11 4.54
CA ASP A 389 26.89 -0.91 3.33
C ASP A 389 26.91 0.55 2.89
N ALA A 390 26.68 1.45 3.85
CA ALA A 390 26.64 2.89 3.52
C ALA A 390 27.97 3.29 2.90
N ARG A 391 29.06 2.94 3.58
CA ARG A 391 30.42 3.34 3.12
C ARG A 391 30.69 2.89 1.66
N GLU A 392 30.40 1.65 1.30
CA GLU A 392 30.76 1.22 -0.08
C GLU A 392 29.80 1.82 -1.11
N ALA A 393 28.50 1.87 -0.81
CA ALA A 393 27.55 2.51 -1.75
C ALA A 393 27.98 3.96 -1.95
N ILE A 394 28.29 4.66 -0.86
CA ILE A 394 28.71 6.09 -0.94
C ILE A 394 29.95 6.23 -1.83
N ASP A 395 31.01 5.47 -1.54
CA ASP A 395 32.29 5.58 -2.32
C ASP A 395 32.06 5.17 -3.78
N ARG A 396 31.26 4.13 -4.02
CA ARG A 396 30.96 3.67 -5.38
C ARG A 396 30.23 4.77 -6.15
N MET A 397 29.22 5.37 -5.53
CA MET A 397 28.44 6.45 -6.17
C MET A 397 29.33 7.70 -6.31
N PHE A 398 30.24 7.93 -5.35
CA PHE A 398 31.19 9.07 -5.49
C PHE A 398 32.11 8.78 -6.67
N ALA A 399 32.70 7.58 -6.71
CA ALA A 399 33.61 7.24 -7.80
C ALA A 399 32.92 7.33 -9.15
N ARG A 400 31.62 7.04 -9.18
CA ARG A 400 30.90 7.01 -10.48
C ARG A 400 30.51 8.41 -10.96
N LYS A 401 29.99 9.27 -10.08
CA LYS A 401 29.44 10.58 -10.52
C LYS A 401 30.39 11.76 -10.28
N TYR A 402 31.13 11.78 -9.17
CA TYR A 402 31.52 13.08 -8.58
C TYR A 402 33.02 13.19 -8.39
N ASN A 403 33.79 12.15 -8.73
CA ASN A 403 35.21 12.14 -8.41
C ASN A 403 35.99 13.30 -9.04
N ALA A 404 35.45 13.95 -10.07
CA ALA A 404 36.16 15.01 -10.75
C ALA A 404 35.66 16.40 -10.38
N THR A 405 34.36 16.55 -10.12
CA THR A 405 33.78 17.86 -9.86
C THR A 405 33.53 18.15 -8.39
N HIS A 406 33.54 17.13 -7.53
CA HIS A 406 33.15 17.29 -6.14
C HIS A 406 34.17 16.62 -5.22
N ILE A 407 34.18 17.07 -3.97
CA ILE A 407 34.96 16.45 -2.91
C ILE A 407 34.01 16.10 -1.77
N LYS A 408 34.24 14.95 -1.14
CA LYS A 408 33.49 14.60 0.05
C LYS A 408 33.88 15.52 1.20
N VAL A 409 32.89 15.87 2.02
CA VAL A 409 33.10 16.73 3.17
C VAL A 409 32.81 15.91 4.42
N GLY A 410 33.85 15.67 5.22
CA GLY A 410 33.69 14.88 6.42
C GLY A 410 33.44 13.41 6.10
N GLN A 411 32.94 12.72 7.12
CA GLN A 411 32.56 11.31 7.01
C GLN A 411 31.04 11.19 7.03
N PRO A 412 30.51 10.06 6.57
CA PRO A 412 29.05 9.91 6.49
C PRO A 412 28.36 10.10 7.83
N GLN A 413 27.20 10.74 7.79
CA GLN A 413 26.40 11.09 8.96
C GLN A 413 25.09 10.32 8.92
N TYR A 414 24.52 10.05 10.08
CA TYR A 414 23.32 9.22 10.16
C TYR A 414 22.17 9.98 10.78
N TYR A 415 21.00 9.82 10.18
CA TYR A 415 19.82 10.58 10.63
C TYR A 415 18.60 9.68 10.60
N LEU A 416 17.71 9.83 11.57
CA LEU A 416 16.44 9.05 11.60
C LEU A 416 15.29 9.92 11.04
N ALA A 417 14.72 9.51 9.91
CA ALA A 417 13.62 10.26 9.27
C ALA A 417 12.27 9.75 9.77
N THR A 418 11.24 10.60 9.69
CA THR A 418 9.87 10.19 10.04
C THR A 418 9.47 9.06 9.11
N GLY A 419 8.83 8.03 9.66
CA GLY A 419 8.51 6.83 8.88
C GLY A 419 9.47 5.71 9.23
N GLY A 420 10.49 6.03 10.02
CA GLY A 420 11.50 5.04 10.43
C GLY A 420 12.47 4.75 9.32
N PHE A 421 13.02 5.79 8.73
CA PHE A 421 13.98 5.58 7.66
C PHE A 421 15.35 6.07 8.12
N LEU A 422 16.36 5.20 8.07
CA LEU A 422 17.69 5.58 8.50
C LEU A 422 18.48 6.08 7.30
N ILE A 423 18.84 7.35 7.30
CA ILE A 423 19.53 7.97 6.18
C ILE A 423 21.00 8.09 6.53
N ALA A 424 21.84 7.50 5.70
CA ALA A 424 23.29 7.69 5.75
C ALA A 424 23.65 8.69 4.66
N TYR A 425 24.18 9.84 5.06
CA TYR A 425 24.36 10.98 4.17
C TYR A 425 25.82 11.40 4.14
N GLN A 426 26.39 11.44 2.94
CA GLN A 426 27.72 11.98 2.72
C GLN A 426 27.60 13.33 2.04
N PRO A 427 27.89 14.43 2.74
CA PRO A 427 27.89 15.75 2.08
C PRO A 427 29.02 15.88 1.08
N LEU A 428 28.76 16.66 0.03
CA LEU A 428 29.76 16.94 -0.98
C LEU A 428 29.94 18.45 -1.10
N LEU A 429 30.99 18.84 -1.83
CA LEU A 429 31.27 20.23 -2.10
C LEU A 429 31.91 20.34 -3.48
N SER A 430 31.34 21.20 -4.33
CA SER A 430 31.88 21.38 -5.66
C SER A 430 33.19 22.16 -5.61
N ASN A 431 34.14 21.76 -6.45
CA ASN A 431 35.44 22.43 -6.46
C ASN A 431 35.31 23.88 -6.89
N THR A 432 34.53 24.15 -7.93
CA THR A 432 34.39 25.50 -8.46
C THR A 432 33.53 26.36 -7.55
N VAL A 467 19.56 -0.02 23.76
CA VAL A 467 19.70 -0.35 22.35
C VAL A 467 18.38 -0.93 21.85
N GLU A 468 17.91 -0.48 20.69
CA GLU A 468 16.56 -0.82 20.24
C GLU A 468 16.54 -1.00 18.73
N ARG A 469 15.36 -1.31 18.21
CA ARG A 469 15.13 -1.55 16.80
C ARG A 469 14.27 -0.44 16.21
N ILE A 470 14.69 0.10 15.08
CA ILE A 470 13.91 1.11 14.37
C ILE A 470 12.76 0.42 13.63
N LYS A 471 11.56 0.97 13.78
CA LYS A 471 10.38 0.45 13.10
C LYS A 471 10.06 1.33 11.90
N THR A 472 9.73 0.71 10.77
CA THR A 472 9.54 1.41 9.51
C THR A 472 8.12 1.24 9.01
N THR A 473 7.54 2.34 8.54
CA THR A 473 6.22 2.30 7.93
C THR A 473 6.27 1.59 6.57
N SER A 474 5.17 0.93 6.23
CA SER A 474 5.04 0.29 4.92
C SER A 474 4.74 1.28 3.81
N SER A 475 4.44 2.53 4.13
CA SER A 475 3.93 3.50 3.17
C SER A 475 4.93 4.64 3.02
N ILE A 476 5.54 4.75 1.85
CA ILE A 476 6.43 5.87 1.54
C ILE A 476 5.69 7.05 0.93
N GLU A 477 4.40 6.88 0.61
CA GLU A 477 3.66 7.89 -0.13
C GLU A 477 3.47 9.20 0.64
N PHE A 478 3.60 9.20 1.97
CA PHE A 478 3.60 10.48 2.68
C PHE A 478 4.79 11.34 2.28
N ALA A 479 5.96 10.71 2.14
CA ALA A 479 7.15 11.46 1.73
C ALA A 479 7.09 11.85 0.27
N ARG A 480 6.43 11.06 -0.56
CA ARG A 480 6.26 11.44 -1.97
C ARG A 480 5.27 12.57 -2.13
N LEU A 481 4.19 12.57 -1.32
CA LEU A 481 3.32 13.74 -1.25
C LEU A 481 4.09 14.96 -0.78
N GLN A 482 4.96 14.79 0.22
CA GLN A 482 5.79 15.88 0.68
C GLN A 482 6.66 16.43 -0.44
N PHE A 483 7.31 15.54 -1.21
CA PHE A 483 8.14 15.99 -2.32
C PHE A 483 7.33 16.76 -3.35
N THR A 484 6.20 16.20 -3.78
CA THR A 484 5.40 16.85 -4.81
C THR A 484 4.86 18.19 -4.33
N TYR A 485 4.36 18.23 -3.09
CA TYR A 485 3.83 19.47 -2.54
C TYR A 485 4.92 20.52 -2.41
N ASN A 486 6.10 20.14 -1.91
CA ASN A 486 7.18 21.09 -1.78
C ASN A 486 7.61 21.64 -3.13
N HIS A 487 7.71 20.76 -4.14
CA HIS A 487 8.10 21.18 -5.47
C HIS A 487 7.11 22.20 -6.05
N ILE A 488 5.83 21.84 -6.03
CA ILE A 488 4.79 22.71 -6.57
C ILE A 488 4.72 24.01 -5.77
N GLN A 489 4.81 23.91 -4.44
CA GLN A 489 4.69 25.09 -3.59
C GLN A 489 5.84 26.06 -3.82
N ARG A 490 7.07 25.54 -3.92
CA ARG A 490 8.20 26.42 -4.19
C ARG A 490 8.06 27.10 -5.54
N HIS A 491 7.68 26.35 -6.57
CA HIS A 491 7.55 26.99 -7.89
C HIS A 491 6.48 28.06 -7.87
N VAL A 492 5.31 27.74 -7.31
CA VAL A 492 4.20 28.70 -7.30
C VAL A 492 4.54 29.91 -6.46
N ASN A 493 5.14 29.70 -5.29
CA ASN A 493 5.50 30.82 -4.42
C ASN A 493 6.52 31.72 -5.09
N ASP A 494 7.52 31.14 -5.76
CA ASP A 494 8.53 31.95 -6.43
C ASP A 494 7.92 32.77 -7.56
N MET A 495 7.10 32.13 -8.41
CA MET A 495 6.48 32.85 -9.52
C MET A 495 5.54 33.95 -9.02
N LEU A 496 4.74 33.67 -7.99
CA LEU A 496 3.80 34.67 -7.52
C LEU A 496 4.49 35.79 -6.75
N GLY A 497 5.60 35.50 -6.07
CA GLY A 497 6.40 36.58 -5.50
C GLY A 497 7.00 37.47 -6.57
N ARG A 498 7.45 36.86 -7.67
CA ARG A 498 7.93 37.64 -8.80
C ARG A 498 6.82 38.53 -9.36
N ILE A 499 5.61 37.98 -9.48
CA ILE A 499 4.48 38.77 -9.95
C ILE A 499 4.17 39.91 -8.98
N ALA A 500 4.26 39.65 -7.68
CA ALA A 500 4.01 40.69 -6.69
C ALA A 500 5.02 41.82 -6.80
N VAL A 501 6.29 41.47 -6.95
CA VAL A 501 7.34 42.48 -7.08
C VAL A 501 7.12 43.30 -8.35
N ALA A 502 6.81 42.62 -9.46
CA ALA A 502 6.57 43.32 -10.71
C ALA A 502 5.37 44.25 -10.60
N TRP A 503 4.30 43.81 -9.93
CA TRP A 503 3.12 44.65 -9.76
C TRP A 503 3.43 45.91 -8.97
N CYS A 504 4.13 45.76 -7.84
CA CYS A 504 4.47 46.93 -7.03
C CYS A 504 5.35 47.89 -7.82
N GLU A 505 6.35 47.37 -8.53
CA GLU A 505 7.22 48.23 -9.32
C GLU A 505 6.44 48.92 -10.43
N LEU A 506 5.49 48.23 -11.05
CA LEU A 506 4.71 48.83 -12.12
C LEU A 506 3.82 49.95 -11.61
N GLN A 507 3.21 49.78 -10.44
CA GLN A 507 2.41 50.86 -9.86
C GLN A 507 3.28 52.07 -9.54
N ASN A 508 4.42 51.84 -8.89
CA ASN A 508 5.35 52.92 -8.59
C ASN A 508 5.82 53.61 -9.86
N HIS A 509 5.98 52.84 -10.95
CA HIS A 509 6.44 53.38 -12.22
C HIS A 509 5.37 54.23 -12.88
N GLU A 510 4.11 53.78 -12.82
CA GLU A 510 2.99 54.47 -13.44
C GLU A 510 2.58 55.72 -12.69
N LEU A 511 3.03 55.87 -11.44
CA LEU A 511 2.76 57.12 -10.72
C LEU A 511 3.24 58.36 -11.50
N THR A 512 4.33 58.23 -12.26
CA THR A 512 4.84 59.36 -13.05
C THR A 512 3.83 59.76 -14.13
N LEU A 513 3.33 58.77 -14.88
CA LEU A 513 2.32 59.05 -15.89
C LEU A 513 1.09 59.65 -15.26
N TRP A 514 0.73 59.19 -14.06
CA TRP A 514 -0.42 59.78 -13.37
C TRP A 514 -0.16 61.23 -12.97
N ASN A 515 1.06 61.57 -12.57
CA ASN A 515 1.36 62.96 -12.27
C ASN A 515 1.17 63.84 -13.51
N GLU A 516 1.67 63.37 -14.66
CA GLU A 516 1.57 64.18 -15.86
C GLU A 516 0.12 64.31 -16.33
N ALA A 517 -0.63 63.22 -16.31
CA ALA A 517 -2.04 63.29 -16.67
C ALA A 517 -2.83 64.13 -15.68
N ARG A 518 -2.42 64.13 -14.42
CA ARG A 518 -3.03 65.00 -13.42
C ARG A 518 -2.86 66.46 -13.81
N LYS A 519 -1.67 66.82 -14.27
CA LYS A 519 -1.50 68.18 -14.80
C LYS A 519 -2.39 68.43 -16.00
N LEU A 520 -2.48 67.47 -16.92
CA LEU A 520 -3.22 67.70 -18.16
C LEU A 520 -4.72 67.91 -17.91
N ASN A 521 -5.32 67.10 -17.03
CA ASN A 521 -6.77 67.12 -16.84
C ASN A 521 -7.08 66.79 -15.38
N PRO A 522 -7.06 67.79 -14.50
CA PRO A 522 -7.31 67.51 -13.08
C PRO A 522 -8.67 66.87 -12.81
N ASN A 523 -9.71 67.24 -13.57
CA ASN A 523 -11.05 66.74 -13.29
C ASN A 523 -11.13 65.22 -13.45
N ALA A 524 -10.69 64.71 -14.61
CA ALA A 524 -10.78 63.28 -14.86
C ALA A 524 -9.87 62.49 -13.93
N ILE A 525 -8.65 62.99 -13.70
CA ILE A 525 -7.70 62.29 -12.85
C ILE A 525 -8.24 62.20 -11.43
N ALA A 526 -8.79 63.31 -10.92
CA ALA A 526 -9.32 63.28 -9.55
C ALA A 526 -10.57 62.42 -9.47
N SER A 527 -11.44 62.46 -10.48
CA SER A 527 -12.62 61.62 -10.47
C SER A 527 -12.26 60.14 -10.50
N ALA A 528 -11.13 59.80 -11.14
CA ALA A 528 -10.74 58.40 -11.21
C ALA A 528 -10.02 57.95 -9.95
N THR A 529 -9.14 58.79 -9.41
CA THR A 529 -8.38 58.39 -8.23
C THR A 529 -9.21 58.42 -6.96
N VAL A 530 -10.04 59.46 -6.80
CA VAL A 530 -10.86 59.58 -5.60
C VAL A 530 -11.91 58.48 -5.54
N GLY A 531 -12.44 58.09 -6.70
CA GLY A 531 -13.48 57.10 -6.79
C GLY A 531 -14.87 57.66 -6.96
N ARG A 532 -15.06 58.93 -6.63
CA ARG A 532 -16.30 59.65 -6.86
C ARG A 532 -16.02 60.83 -7.78
N ARG A 533 -17.00 61.17 -8.60
CA ARG A 533 -16.80 62.22 -9.60
C ARG A 533 -16.71 63.59 -8.93
N VAL A 534 -15.61 64.30 -9.19
CA VAL A 534 -15.35 65.62 -8.62
C VAL A 534 -14.78 66.52 -9.71
N SER A 535 -14.79 67.82 -9.42
CA SER A 535 -14.06 68.80 -10.20
C SER A 535 -12.78 69.16 -9.46
N ALA A 536 -11.68 69.26 -10.19
CA ALA A 536 -10.38 69.47 -9.56
C ALA A 536 -9.61 70.56 -10.27
N ARG A 537 -8.75 71.23 -9.50
CA ARG A 537 -7.77 72.17 -10.05
C ARG A 537 -6.45 71.92 -9.35
N MET A 538 -5.37 72.45 -9.93
CA MET A 538 -4.03 72.27 -9.40
C MET A 538 -3.63 73.49 -8.59
N LEU A 539 -3.54 73.34 -7.28
CA LEU A 539 -2.92 74.34 -6.41
C LEU A 539 -1.47 73.92 -6.21
N GLY A 540 -0.57 74.59 -6.92
CA GLY A 540 0.83 74.28 -6.83
C GLY A 540 1.14 72.85 -7.19
N ASP A 541 1.47 72.04 -6.17
CA ASP A 541 1.82 70.64 -6.35
C ASP A 541 0.80 69.70 -5.70
N VAL A 542 -0.47 70.14 -5.61
CA VAL A 542 -1.51 69.34 -4.96
C VAL A 542 -2.81 69.68 -5.68
N MET A 543 -3.86 68.87 -5.47
CA MET A 543 -5.13 69.09 -6.15
C MET A 543 -6.18 69.60 -5.16
N ALA A 544 -6.85 70.68 -5.53
CA ALA A 544 -8.05 71.12 -4.82
C ALA A 544 -9.25 70.48 -5.51
N VAL A 545 -10.08 69.77 -4.74
CA VAL A 545 -11.19 69.02 -5.30
C VAL A 545 -12.49 69.52 -4.69
N SER A 546 -13.58 69.36 -5.45
CA SER A 546 -14.90 69.73 -4.99
C SER A 546 -15.92 68.80 -5.63
N THR A 547 -16.93 68.42 -4.84
CA THR A 547 -17.93 67.48 -5.32
C THR A 547 -18.75 68.07 -6.46
N CYS A 548 -19.08 67.23 -7.43
CA CYS A 548 -19.97 67.60 -8.53
C CYS A 548 -21.37 67.11 -8.21
N VAL A 549 -22.36 67.96 -8.43
CA VAL A 549 -23.75 67.68 -8.06
C VAL A 549 -24.43 67.05 -9.28
N PRO A 550 -25.04 65.88 -9.13
CA PRO A 550 -25.62 65.19 -10.31
C PRO A 550 -26.87 65.87 -10.83
N VAL A 551 -27.03 65.83 -12.15
CA VAL A 551 -28.23 66.29 -12.85
C VAL A 551 -28.76 65.11 -13.66
N ALA A 552 -30.06 64.86 -13.53
CA ALA A 552 -30.68 63.79 -14.29
C ALA A 552 -30.68 64.11 -15.78
N PRO A 553 -30.71 63.06 -16.60
CA PRO A 553 -30.57 63.22 -18.04
C PRO A 553 -31.79 63.89 -18.67
N ASP A 554 -32.97 63.70 -18.08
CA ASP A 554 -34.20 64.22 -18.66
C ASP A 554 -34.33 65.74 -18.52
N ASN A 555 -33.29 66.42 -18.04
CA ASN A 555 -33.36 67.85 -17.79
C ASN A 555 -32.60 68.69 -18.80
N VAL A 556 -31.84 68.08 -19.70
CA VAL A 556 -30.96 68.79 -20.61
C VAL A 556 -31.59 68.87 -22.00
N ILE A 557 -31.28 69.97 -22.70
CA ILE A 557 -31.72 70.19 -24.07
C ILE A 557 -30.53 70.75 -24.85
N VAL A 558 -30.32 70.23 -26.07
CA VAL A 558 -29.20 70.64 -26.90
C VAL A 558 -29.71 71.60 -27.97
N GLN A 559 -29.14 72.80 -28.01
CA GLN A 559 -29.45 73.73 -29.09
C GLN A 559 -28.81 73.26 -30.40
N ASN A 560 -29.10 73.99 -31.47
CA ASN A 560 -28.76 73.52 -32.81
C ASN A 560 -27.39 73.98 -33.29
N SER A 561 -26.99 75.21 -32.98
CA SER A 561 -25.83 75.83 -33.61
C SER A 561 -24.83 76.28 -32.57
N MET A 562 -23.54 76.01 -32.81
CA MET A 562 -22.48 76.60 -32.00
C MET A 562 -22.07 77.98 -32.49
N ARG A 563 -22.56 78.42 -33.65
CA ARG A 563 -22.17 79.73 -34.15
C ARG A 563 -22.60 80.81 -33.18
N VAL A 564 -21.67 81.70 -32.83
CA VAL A 564 -21.97 82.81 -31.92
C VAL A 564 -22.73 83.85 -32.73
N SER A 565 -24.05 83.90 -32.54
CA SER A 565 -24.87 84.84 -33.28
C SER A 565 -24.54 86.29 -32.92
N SER A 566 -24.02 86.54 -31.72
CA SER A 566 -23.67 87.89 -31.34
C SER A 566 -22.39 88.36 -32.04
N ARG A 567 -21.39 87.48 -32.12
CA ARG A 567 -20.12 87.80 -32.76
C ARG A 567 -19.91 86.92 -34.00
N PRO A 568 -20.19 87.43 -35.20
CA PRO A 568 -19.85 86.67 -36.41
C PRO A 568 -18.34 86.49 -36.54
N GLY A 569 -17.95 85.31 -37.05
CA GLY A 569 -16.55 85.00 -37.24
C GLY A 569 -15.93 84.10 -36.19
N THR A 570 -16.59 83.90 -35.06
CA THR A 570 -16.12 83.00 -34.02
C THR A 570 -17.27 82.13 -33.56
N CYS A 571 -17.01 80.83 -33.41
CA CYS A 571 -18.01 79.85 -33.05
C CYS A 571 -17.68 79.27 -31.68
N TYR A 572 -18.66 78.62 -31.07
CA TYR A 572 -18.40 77.85 -29.85
C TYR A 572 -17.77 76.52 -30.22
N SER A 573 -16.70 76.17 -29.51
CA SER A 573 -15.98 74.93 -29.78
C SER A 573 -16.71 73.69 -29.29
N ARG A 574 -17.80 73.85 -28.54
CA ARG A 574 -18.49 72.71 -27.95
C ARG A 574 -19.94 73.09 -27.76
N PRO A 575 -20.90 72.18 -28.00
CA PRO A 575 -22.30 72.57 -28.10
C PRO A 575 -22.85 73.18 -26.80
N LEU A 576 -23.80 74.09 -26.98
CA LEU A 576 -24.51 74.72 -25.89
C LEU A 576 -25.61 73.79 -25.36
N VAL A 577 -26.02 74.02 -24.11
CA VAL A 577 -27.10 73.24 -23.51
C VAL A 577 -27.94 74.15 -22.62
N SER A 578 -29.17 73.70 -22.36
CA SER A 578 -30.00 74.22 -21.29
C SER A 578 -30.41 73.05 -20.41
N PHE A 579 -30.12 73.14 -19.12
CA PHE A 579 -30.48 72.07 -18.20
C PHE A 579 -31.28 72.66 -17.05
N ARG A 580 -31.67 71.80 -16.12
CA ARG A 580 -32.39 72.26 -14.94
C ARG A 580 -32.11 71.29 -13.80
N TYR A 581 -31.72 71.84 -12.65
CA TYR A 581 -31.27 70.99 -11.54
C TYR A 581 -32.38 70.06 -11.07
N GLU A 582 -33.59 70.58 -10.92
CA GLU A 582 -34.76 69.78 -10.62
C GLU A 582 -35.78 69.90 -11.75
N ASP A 583 -36.70 68.94 -11.80
CA ASP A 583 -37.63 68.87 -12.92
C ASP A 583 -38.50 70.13 -13.01
N GLN A 584 -38.96 70.64 -11.87
CA GLN A 584 -39.83 71.81 -11.84
C GLN A 584 -39.07 73.10 -11.59
N GLY A 585 -37.74 73.05 -11.52
CA GLY A 585 -36.95 74.25 -11.37
C GLY A 585 -36.82 75.00 -12.68
N PRO A 586 -36.11 76.16 -12.74
CA PRO A 586 -36.03 76.92 -13.98
C PRO A 586 -34.98 76.35 -14.92
N LEU A 587 -34.93 76.85 -16.16
CA LEU A 587 -33.96 76.34 -17.16
C LEU A 587 -32.65 77.14 -17.05
N ILE A 588 -31.52 76.43 -16.90
CA ILE A 588 -30.19 77.09 -16.74
C ILE A 588 -29.38 76.91 -18.04
N GLU A 589 -29.04 78.00 -18.71
CA GLU A 589 -28.28 77.91 -19.99
C GLU A 589 -26.78 77.83 -19.69
N GLY A 590 -26.10 76.80 -20.22
CA GLY A 590 -24.67 76.60 -20.04
C GLY A 590 -24.12 75.93 -21.29
N GLN A 591 -22.93 75.34 -21.15
CA GLN A 591 -22.29 74.66 -22.25
C GLN A 591 -21.95 73.24 -21.84
N LEU A 592 -22.09 72.30 -22.78
CA LEU A 592 -21.71 70.92 -22.52
C LEU A 592 -20.21 70.86 -22.25
N GLY A 593 -19.79 69.79 -21.58
CA GLY A 593 -18.39 69.56 -21.29
C GLY A 593 -17.97 68.15 -21.64
N GLU A 594 -16.79 67.75 -21.21
CA GLU A 594 -16.32 66.39 -21.47
C GLU A 594 -17.03 65.41 -20.55
N ASN A 595 -17.39 64.26 -21.12
CA ASN A 595 -18.15 63.18 -20.46
C ASN A 595 -19.22 63.73 -19.51
N ASN A 596 -20.12 64.53 -20.09
CA ASN A 596 -21.37 64.94 -19.46
C ASN A 596 -21.18 65.89 -18.29
N GLU A 597 -20.32 66.88 -18.46
CA GLU A 597 -20.23 68.00 -17.53
C GLU A 597 -21.08 69.16 -18.05
N LEU A 598 -21.74 69.85 -17.14
CA LEU A 598 -22.56 71.01 -17.47
C LEU A 598 -21.86 72.25 -16.90
N ARG A 599 -21.24 73.01 -17.79
CA ARG A 599 -20.40 74.14 -17.40
C ARG A 599 -21.22 75.42 -17.40
N LEU A 600 -21.14 76.18 -16.30
CA LEU A 600 -21.93 77.40 -16.17
C LEU A 600 -21.56 78.42 -17.24
N THR A 601 -20.27 78.74 -17.35
CA THR A 601 -19.80 79.81 -18.22
C THR A 601 -19.75 79.34 -19.67
N ARG A 602 -19.77 80.31 -20.58
CA ARG A 602 -19.84 80.08 -22.03
C ARG A 602 -18.67 80.82 -22.66
N ASP A 603 -17.49 80.17 -22.67
CA ASP A 603 -16.27 80.83 -23.13
C ASP A 603 -15.38 79.95 -23.99
N ALA A 604 -15.73 78.69 -24.23
CA ALA A 604 -14.95 77.81 -25.10
C ALA A 604 -15.26 78.21 -26.54
N LEU A 605 -14.47 79.12 -27.07
CA LEU A 605 -14.70 79.74 -28.38
C LEU A 605 -13.51 79.48 -29.28
N GLU A 606 -13.78 78.98 -30.48
CA GLU A 606 -12.77 78.79 -31.52
C GLU A 606 -13.21 79.58 -32.75
N PRO A 607 -12.37 79.69 -33.78
CA PRO A 607 -12.84 80.24 -35.05
C PRO A 607 -13.70 79.24 -35.82
N CYS A 608 -14.72 79.77 -36.50
CA CYS A 608 -15.56 78.94 -37.35
C CYS A 608 -14.75 78.46 -38.56
N THR A 609 -15.08 77.25 -39.03
CA THR A 609 -14.32 76.64 -40.10
C THR A 609 -15.23 75.77 -40.95
N VAL A 610 -14.98 75.75 -42.26
CA VAL A 610 -15.72 74.92 -43.20
C VAL A 610 -15.28 73.47 -43.03
N GLY A 611 -16.19 72.55 -43.32
CA GLY A 611 -15.91 71.14 -43.12
C GLY A 611 -16.00 70.69 -41.68
N HIS A 612 -16.75 71.42 -40.86
CA HIS A 612 -16.81 71.16 -39.43
C HIS A 612 -17.61 69.90 -39.15
N ARG A 613 -16.96 68.89 -38.58
CA ARG A 613 -17.61 67.66 -38.15
C ARG A 613 -17.20 67.39 -36.70
N ARG A 614 -18.18 67.10 -35.85
CA ARG A 614 -17.87 66.91 -34.44
C ARG A 614 -18.81 65.90 -33.81
N TYR A 615 -18.26 65.07 -32.92
CA TYR A 615 -19.04 64.19 -32.05
C TYR A 615 -18.79 64.60 -30.62
N PHE A 616 -19.85 64.64 -29.80
CA PHE A 616 -19.69 65.11 -28.39
C PHE A 616 -20.46 64.20 -27.45
N ILE A 617 -19.88 63.90 -26.28
CA ILE A 617 -20.52 62.97 -25.30
C ILE A 617 -21.90 63.53 -24.92
N PHE A 618 -22.95 62.75 -25.10
CA PHE A 618 -24.30 63.20 -24.66
C PHE A 618 -25.02 62.03 -23.99
N GLY A 619 -25.22 62.10 -22.68
CA GLY A 619 -25.87 61.02 -21.99
C GLY A 619 -25.17 59.69 -22.14
N GLY A 620 -25.85 58.74 -22.78
CA GLY A 620 -25.29 57.42 -22.99
C GLY A 620 -24.66 57.23 -24.35
N GLY A 621 -24.77 58.24 -25.21
CA GLY A 621 -24.22 58.19 -26.56
C GLY A 621 -23.46 59.46 -26.89
N TYR A 622 -23.46 59.80 -28.17
CA TYR A 622 -22.85 61.02 -28.66
C TYR A 622 -23.86 61.80 -29.50
N VAL A 623 -23.52 63.05 -29.76
CA VAL A 623 -24.22 63.85 -30.74
C VAL A 623 -23.24 64.18 -31.86
N TYR A 624 -23.76 64.45 -33.04
CA TYR A 624 -22.97 64.70 -34.23
C TYR A 624 -23.44 66.02 -34.84
N PHE A 625 -22.53 66.98 -34.89
CA PHE A 625 -22.77 68.31 -35.44
C PHE A 625 -21.96 68.48 -36.71
N GLU A 626 -22.57 69.13 -37.71
CA GLU A 626 -21.95 69.39 -39.00
C GLU A 626 -22.09 70.86 -39.33
N GLU A 627 -20.97 71.49 -39.71
CA GLU A 627 -20.92 72.91 -40.03
C GLU A 627 -21.47 73.76 -38.89
N TYR A 628 -21.11 73.39 -37.66
CA TYR A 628 -21.61 74.04 -36.44
C TYR A 628 -23.15 74.03 -36.40
N ALA A 629 -23.73 72.93 -36.87
CA ALA A 629 -25.18 72.77 -36.91
C ALA A 629 -25.53 71.32 -36.64
N TYR A 630 -26.53 71.10 -35.80
CA TYR A 630 -26.83 69.77 -35.28
C TYR A 630 -27.25 68.83 -36.40
N SER A 631 -26.44 67.81 -36.66
CA SER A 631 -26.76 66.82 -37.70
C SER A 631 -27.70 65.74 -37.13
N HIS A 632 -27.23 64.98 -36.15
CA HIS A 632 -28.09 64.00 -35.50
C HIS A 632 -27.50 63.63 -34.15
N GLN A 633 -28.14 62.69 -33.46
CA GLN A 633 -27.62 62.19 -32.19
C GLN A 633 -27.63 60.66 -32.25
N LEU A 634 -26.48 60.07 -31.95
CA LEU A 634 -26.11 58.71 -32.27
C LEU A 634 -25.67 57.98 -31.01
N SER A 635 -25.74 56.65 -31.04
CA SER A 635 -25.43 55.84 -29.88
C SER A 635 -23.96 55.40 -29.90
N ARG A 636 -23.47 54.98 -28.73
CA ARG A 636 -22.12 54.46 -28.65
C ARG A 636 -21.93 53.27 -29.59
N ALA A 637 -22.98 52.46 -29.76
CA ALA A 637 -22.87 51.23 -30.54
C ALA A 637 -22.64 51.48 -32.02
N ASP A 638 -22.95 52.66 -32.54
CA ASP A 638 -22.80 52.94 -33.95
C ASP A 638 -21.41 53.45 -34.32
N VAL A 639 -20.50 53.56 -33.36
CA VAL A 639 -19.12 53.97 -33.60
C VAL A 639 -18.21 52.78 -33.33
N THR A 640 -17.26 52.55 -34.24
CA THR A 640 -16.34 51.43 -34.08
C THR A 640 -15.55 51.57 -32.79
N THR A 641 -15.38 50.45 -32.09
CA THR A 641 -14.73 50.40 -30.78
C THR A 641 -13.35 49.80 -30.91
N VAL A 642 -12.33 50.57 -30.52
CA VAL A 642 -10.96 50.09 -30.40
C VAL A 642 -10.63 50.04 -28.91
N SER A 643 -9.86 49.03 -28.52
CA SER A 643 -9.60 48.75 -27.11
C SER A 643 -8.16 49.11 -26.76
N THR A 644 -8.00 49.87 -25.68
CA THR A 644 -6.70 50.10 -25.07
C THR A 644 -6.39 49.08 -23.98
N PHE A 645 -7.30 48.16 -23.71
CA PHE A 645 -7.08 47.16 -22.68
C PHE A 645 -6.26 45.99 -23.23
N ILE A 646 -5.36 45.49 -22.40
CA ILE A 646 -4.64 44.26 -22.70
C ILE A 646 -5.45 43.09 -22.15
N ASP A 647 -5.67 42.08 -22.98
CA ASP A 647 -6.46 40.93 -22.58
C ASP A 647 -5.64 39.99 -21.71
N LEU A 648 -6.27 39.47 -20.66
CA LEU A 648 -5.67 38.42 -19.84
C LEU A 648 -6.78 37.44 -19.50
N ASN A 649 -6.66 36.21 -19.95
CA ASN A 649 -7.68 35.18 -19.78
C ASN A 649 -7.19 34.19 -18.74
N ILE A 650 -7.67 34.33 -17.51
CA ILE A 650 -7.33 33.42 -16.42
C ILE A 650 -8.56 32.58 -16.10
N THR A 651 -8.40 31.26 -16.16
CA THR A 651 -9.46 30.33 -15.81
C THR A 651 -9.06 29.55 -14.57
N MET A 652 -10.05 29.21 -13.74
CA MET A 652 -9.79 28.44 -12.53
C MET A 652 -9.49 27.00 -12.87
N LEU A 653 -8.62 26.39 -12.08
CA LEU A 653 -8.45 24.95 -12.12
C LEU A 653 -9.69 24.28 -11.51
N GLU A 654 -10.30 23.38 -12.27
CA GLU A 654 -11.60 22.84 -11.88
C GLU A 654 -11.43 21.81 -10.76
N ASP A 655 -12.56 21.44 -10.17
CA ASP A 655 -12.57 20.40 -9.15
C ASP A 655 -12.21 19.06 -9.76
N HIS A 656 -11.54 18.22 -8.96
CA HIS A 656 -11.22 16.87 -9.39
C HIS A 656 -11.47 15.91 -8.25
N GLU A 657 -12.06 14.77 -8.56
CA GLU A 657 -12.37 13.73 -7.58
C GLU A 657 -11.43 12.54 -7.78
N PHE A 658 -10.77 12.12 -6.70
CA PHE A 658 -9.92 10.95 -6.71
C PHE A 658 -10.68 9.77 -6.10
N VAL A 659 -10.94 8.75 -6.90
CA VAL A 659 -11.62 7.55 -6.43
C VAL A 659 -10.58 6.65 -5.76
N PRO A 660 -10.98 5.77 -4.83
CA PRO A 660 -10.04 4.76 -4.35
C PRO A 660 -9.57 3.87 -5.48
N LEU A 661 -8.28 3.52 -5.45
CA LEU A 661 -7.69 2.74 -6.52
C LEU A 661 -6.58 1.88 -5.96
N GLU A 662 -6.69 0.56 -6.12
CA GLU A 662 -5.67 -0.38 -5.69
C GLU A 662 -5.34 -1.32 -6.85
N VAL A 663 -4.06 -1.65 -6.99
CA VAL A 663 -3.67 -2.65 -7.97
C VAL A 663 -4.21 -4.02 -7.57
N TYR A 664 -4.00 -4.41 -6.32
CA TYR A 664 -4.57 -5.62 -5.75
C TYR A 664 -5.18 -5.29 -4.40
N THR A 665 -6.44 -5.69 -4.20
CA THR A 665 -7.02 -5.59 -2.88
C THR A 665 -6.34 -6.58 -1.94
N ARG A 666 -6.46 -6.30 -0.63
CA ARG A 666 -5.84 -7.19 0.35
C ARG A 666 -6.45 -8.59 0.29
N HIS A 667 -7.71 -8.70 -0.15
CA HIS A 667 -8.32 -10.00 -0.34
C HIS A 667 -7.67 -10.76 -1.50
N GLU A 668 -7.35 -10.05 -2.59
CA GLU A 668 -6.59 -10.67 -3.66
C GLU A 668 -5.21 -11.13 -3.17
N ILE A 669 -4.56 -10.30 -2.35
CA ILE A 669 -3.26 -10.66 -1.82
C ILE A 669 -3.37 -11.93 -0.98
N LYS A 670 -4.39 -12.02 -0.14
CA LYS A 670 -4.54 -13.21 0.68
C LYS A 670 -4.88 -14.43 -0.17
N ASP A 671 -5.72 -14.25 -1.21
CA ASP A 671 -6.11 -15.36 -2.07
C ASP A 671 -4.99 -15.79 -3.02
N SER A 672 -3.93 -15.00 -3.15
CA SER A 672 -2.84 -15.43 -4.02
C SER A 672 -2.04 -16.59 -3.45
N GLY A 673 -2.30 -16.99 -2.20
CA GLY A 673 -1.64 -18.16 -1.64
C GLY A 673 -2.33 -19.45 -2.04
N LEU A 674 -1.53 -20.48 -2.28
CA LEU A 674 -2.06 -21.74 -2.79
C LEU A 674 -2.88 -22.47 -1.72
N LEU A 675 -2.32 -22.61 -0.52
CA LEU A 675 -3.00 -23.26 0.59
C LEU A 675 -3.16 -22.26 1.73
N ASP A 676 -4.34 -22.23 2.32
CA ASP A 676 -4.61 -21.41 3.48
C ASP A 676 -4.65 -22.32 4.70
N TYR A 677 -3.71 -22.11 5.62
CA TYR A 677 -3.60 -23.01 6.77
C TYR A 677 -4.88 -23.00 7.60
N THR A 678 -5.46 -21.82 7.82
CA THR A 678 -6.68 -21.75 8.61
C THR A 678 -7.82 -22.50 7.92
N GLU A 679 -7.99 -22.29 6.61
CA GLU A 679 -9.10 -22.95 5.92
C GLU A 679 -8.89 -24.46 5.89
N VAL A 680 -7.66 -24.91 5.65
CA VAL A 680 -7.37 -26.34 5.60
C VAL A 680 -7.64 -26.98 6.95
N GLN A 681 -7.17 -26.35 8.03
CA GLN A 681 -7.41 -26.90 9.36
C GLN A 681 -8.90 -26.90 9.69
N ARG A 682 -9.61 -25.83 9.34
CA ARG A 682 -11.03 -25.73 9.65
C ARG A 682 -11.82 -26.79 8.90
N ARG A 683 -11.42 -27.10 7.67
CA ARG A 683 -12.05 -28.17 6.90
C ARG A 683 -11.70 -29.53 7.47
N ASN A 684 -10.42 -29.77 7.77
CA ASN A 684 -9.97 -31.09 8.19
C ASN A 684 -10.49 -31.47 9.57
N GLN A 685 -10.64 -30.52 10.48
CA GLN A 685 -11.12 -30.83 11.81
C GLN A 685 -12.64 -30.92 11.89
N LEU A 686 -13.33 -30.73 10.78
CA LEU A 686 -14.75 -31.03 10.67
C LEU A 686 -15.02 -32.45 10.19
N HIS A 687 -13.97 -33.25 9.98
CA HIS A 687 -14.11 -34.54 9.34
C HIS A 687 -14.99 -35.49 10.16
N ASP A 688 -14.77 -35.54 11.47
CA ASP A 688 -15.56 -36.44 12.31
C ASP A 688 -16.98 -35.92 12.50
N LEU A 689 -17.16 -34.61 12.49
CA LEU A 689 -18.49 -34.04 12.60
C LEU A 689 -19.30 -34.27 11.33
N ARG A 690 -18.62 -34.43 10.20
CA ARG A 690 -19.32 -34.66 8.94
C ARG A 690 -19.54 -36.15 8.66
N PHE A 691 -18.49 -36.96 8.76
CA PHE A 691 -18.51 -38.33 8.28
C PHE A 691 -18.54 -39.36 9.41
N ALA A 692 -18.53 -38.93 10.66
CA ALA A 692 -18.46 -39.86 11.78
C ALA A 692 -19.52 -39.50 12.81
N ASP A 693 -19.54 -40.27 13.89
CA ASP A 693 -20.41 -40.05 15.03
C ASP A 693 -19.52 -39.96 16.26
N ILE A 694 -19.52 -38.80 16.93
CA ILE A 694 -18.65 -38.60 18.08
C ILE A 694 -19.35 -38.83 19.41
N ASP A 695 -20.66 -39.05 19.41
CA ASP A 695 -21.41 -39.15 20.66
C ASP A 695 -21.89 -40.56 20.98
N THR A 696 -22.10 -41.41 19.97
CA THR A 696 -22.62 -42.74 20.22
C THR A 696 -21.57 -43.62 20.88
N VAL A 697 -21.95 -44.30 21.96
CA VAL A 697 -21.08 -45.24 22.65
C VAL A 697 -21.69 -46.62 22.53
N ILE A 698 -20.99 -47.51 21.84
CA ILE A 698 -21.49 -48.90 21.66
C ILE A 698 -20.90 -49.77 22.79
N ARG A 699 -21.74 -50.50 23.50
CA ARG A 699 -21.22 -51.46 24.52
C ARG A 699 -20.77 -52.75 23.81
N ALA A 700 -21.56 -53.83 23.88
CA ALA A 700 -21.21 -55.13 23.24
C ALA A 700 -22.39 -56.11 23.37
N ASP B 83 9.42 47.63 -38.01
CA ASP B 83 9.15 48.09 -39.37
C ASP B 83 10.03 49.28 -39.66
N ALA B 84 10.74 49.25 -40.79
CA ALA B 84 11.68 50.29 -41.16
C ALA B 84 11.24 51.04 -42.42
N ASN B 85 9.94 51.14 -42.65
CA ASN B 85 9.37 51.81 -43.81
C ASN B 85 8.77 53.15 -43.39
N PHE B 86 8.91 54.15 -44.25
CA PHE B 86 8.28 55.43 -43.99
C PHE B 86 6.78 55.35 -44.28
N TYR B 87 6.06 56.39 -43.90
CA TYR B 87 4.62 56.43 -44.15
C TYR B 87 4.21 57.84 -44.54
N VAL B 88 3.31 57.93 -45.52
CA VAL B 88 2.67 59.20 -45.88
C VAL B 88 1.24 59.12 -45.39
N CYS B 89 0.87 60.03 -44.50
CA CYS B 89 -0.42 59.97 -43.84
C CYS B 89 -1.31 61.10 -44.31
N PRO B 90 -2.31 60.84 -45.16
CA PRO B 90 -3.25 61.89 -45.53
C PRO B 90 -4.05 62.34 -44.33
N PRO B 91 -4.53 63.58 -44.31
CA PRO B 91 -5.35 64.04 -43.19
C PRO B 91 -6.58 63.19 -43.03
N PRO B 92 -6.98 62.89 -41.79
CA PRO B 92 -8.11 61.97 -41.57
C PRO B 92 -9.42 62.59 -42.06
N THR B 93 -10.18 61.80 -42.80
CA THR B 93 -11.51 62.20 -43.23
C THR B 93 -12.56 61.63 -42.27
N GLY B 94 -13.81 62.01 -42.50
CA GLY B 94 -14.90 61.53 -41.69
C GLY B 94 -15.40 60.15 -42.04
N ALA B 95 -14.73 59.46 -42.96
CA ALA B 95 -15.17 58.14 -43.37
C ALA B 95 -15.08 57.14 -42.22
N THR B 96 -14.00 57.18 -41.45
CA THR B 96 -13.77 56.22 -40.38
C THR B 96 -13.50 56.95 -39.08
N VAL B 97 -14.33 56.69 -38.07
CA VAL B 97 -14.26 57.32 -36.77
C VAL B 97 -14.31 56.24 -35.70
N VAL B 98 -13.41 56.34 -34.71
CA VAL B 98 -13.28 55.32 -33.68
C VAL B 98 -13.40 55.96 -32.30
N GLN B 99 -13.62 55.09 -31.31
CA GLN B 99 -13.80 55.46 -29.92
C GLN B 99 -13.09 54.43 -29.05
N PHE B 100 -12.76 54.84 -27.83
CA PHE B 100 -12.13 53.93 -26.89
C PHE B 100 -13.18 53.07 -26.18
N GLU B 101 -12.82 51.81 -25.93
CA GLU B 101 -13.72 50.93 -25.20
C GLU B 101 -13.78 51.35 -23.74
N GLN B 102 -14.98 51.48 -23.21
CA GLN B 102 -15.17 51.92 -21.84
C GLN B 102 -14.89 50.77 -20.87
N PRO B 103 -14.66 51.06 -19.59
CA PRO B 103 -14.20 50.02 -18.66
C PRO B 103 -15.14 48.82 -18.61
N ARG B 104 -14.54 47.63 -18.59
CA ARG B 104 -15.29 46.39 -18.46
C ARG B 104 -15.63 46.14 -16.99
N ARG B 105 -16.70 45.38 -16.77
CA ARG B 105 -17.04 44.98 -15.41
C ARG B 105 -16.07 43.91 -14.93
N CYS B 106 -15.35 44.21 -13.89
CA CYS B 106 -14.28 43.34 -13.42
C CYS B 106 -14.84 42.10 -12.72
N PRO B 107 -14.09 41.01 -12.71
CA PRO B 107 -14.50 39.85 -11.92
C PRO B 107 -14.42 40.14 -10.43
N THR B 108 -15.11 39.32 -9.66
CA THR B 108 -15.11 39.46 -8.20
C THR B 108 -14.42 38.25 -7.58
N ARG B 109 -13.88 38.47 -6.39
CA ARG B 109 -13.39 37.36 -5.59
C ARG B 109 -14.58 36.48 -5.22
N PRO B 110 -14.55 35.19 -5.55
CA PRO B 110 -15.67 34.31 -5.17
C PRO B 110 -15.89 34.32 -3.67
N GLU B 111 -17.10 33.95 -3.27
CA GLU B 111 -17.52 34.07 -1.87
C GLU B 111 -16.59 33.31 -0.92
N GLY B 112 -15.92 32.28 -1.43
CA GLY B 112 -15.15 31.40 -0.57
C GLY B 112 -15.97 30.23 -0.09
N GLN B 113 -15.31 29.33 0.62
CA GLN B 113 -15.95 28.14 1.15
C GLN B 113 -16.24 28.33 2.63
N ASN B 114 -17.44 27.95 3.04
CA ASN B 114 -17.82 27.95 4.45
C ASN B 114 -17.42 26.62 5.07
N TYR B 115 -16.71 26.69 6.20
CA TYR B 115 -16.26 25.51 6.91
C TYR B 115 -16.91 25.44 8.28
N THR B 116 -17.45 24.27 8.61
CA THR B 116 -17.91 23.99 9.96
C THR B 116 -16.76 23.35 10.72
N GLU B 117 -16.38 23.97 11.83
CA GLU B 117 -15.40 23.37 12.72
C GLU B 117 -16.02 22.19 13.45
N GLY B 118 -15.21 21.17 13.72
CA GLY B 118 -15.74 20.00 14.39
C GLY B 118 -14.65 19.05 14.82
N ILE B 119 -15.08 18.03 15.55
CA ILE B 119 -14.22 16.96 16.01
C ILE B 119 -14.67 15.66 15.36
N ALA B 120 -13.73 14.87 14.86
CA ALA B 120 -14.09 13.66 14.14
C ALA B 120 -13.40 12.44 14.73
N VAL B 121 -14.09 11.31 14.63
CA VAL B 121 -13.50 10.00 14.86
C VAL B 121 -13.76 9.19 13.59
N VAL B 122 -12.69 8.71 12.97
CA VAL B 122 -12.77 7.95 11.73
C VAL B 122 -12.61 6.48 12.07
N PHE B 123 -13.64 5.69 11.76
CA PHE B 123 -13.67 4.26 11.94
C PHE B 123 -13.45 3.56 10.61
N LYS B 124 -12.78 2.43 10.66
CA LYS B 124 -12.48 1.58 9.53
C LYS B 124 -13.06 0.20 9.78
N GLU B 125 -13.17 -0.60 8.72
CA GLU B 125 -13.62 -1.98 8.89
C GLU B 125 -12.67 -2.73 9.82
N ASN B 126 -13.23 -3.45 10.77
CA ASN B 126 -12.44 -4.26 11.67
C ASN B 126 -11.97 -5.52 10.95
N ILE B 127 -10.66 -5.72 10.90
CA ILE B 127 -10.06 -6.95 10.40
C ILE B 127 -9.38 -7.74 11.51
N ALA B 128 -9.39 -7.24 12.73
CA ALA B 128 -8.75 -7.92 13.85
C ALA B 128 -9.72 -8.96 14.43
N PRO B 129 -9.30 -10.21 14.57
CA PRO B 129 -10.15 -11.20 15.23
C PRO B 129 -10.36 -10.87 16.70
N TYR B 130 -11.55 -11.21 17.18
CA TYR B 130 -11.82 -11.20 18.61
C TYR B 130 -10.89 -12.17 19.33
N LYS B 131 -10.28 -11.70 20.42
CA LYS B 131 -9.34 -12.49 21.19
C LYS B 131 -9.81 -12.64 22.62
N PHE B 132 -9.60 -13.82 23.20
CA PHE B 132 -9.98 -14.05 24.59
C PHE B 132 -9.14 -15.19 25.15
N LYS B 133 -9.23 -15.37 26.46
CA LYS B 133 -8.44 -16.37 27.17
C LYS B 133 -9.22 -17.66 27.32
N ALA B 134 -8.52 -18.79 27.18
CA ALA B 134 -9.14 -20.10 27.38
C ALA B 134 -8.16 -20.99 28.13
N THR B 135 -8.69 -22.07 28.67
CA THR B 135 -7.88 -23.08 29.36
C THR B 135 -8.24 -24.44 28.80
N MET B 136 -7.23 -25.18 28.36
CA MET B 136 -7.39 -26.53 27.86
C MET B 136 -7.05 -27.51 28.97
N TYR B 137 -7.91 -28.50 29.15
CA TYR B 137 -7.71 -29.61 30.08
C TYR B 137 -7.78 -30.88 29.25
N TYR B 138 -6.66 -31.58 29.14
CA TYR B 138 -6.66 -32.85 28.41
C TYR B 138 -5.63 -33.76 29.05
N LYS B 139 -5.50 -34.96 28.48
CA LYS B 139 -4.56 -35.95 28.98
C LYS B 139 -3.89 -36.60 27.78
N ASP B 140 -2.56 -36.53 27.76
CA ASP B 140 -1.77 -37.30 26.82
C ASP B 140 -1.79 -38.76 27.26
N VAL B 141 -2.41 -39.61 26.45
CA VAL B 141 -2.45 -41.04 26.70
C VAL B 141 -1.56 -41.70 25.65
N THR B 142 -0.49 -42.35 26.09
CA THR B 142 0.36 -43.09 25.18
C THR B 142 0.43 -44.54 25.63
N VAL B 143 0.28 -45.44 24.66
CA VAL B 143 0.47 -46.87 24.88
C VAL B 143 1.63 -47.30 23.99
N SER B 144 2.70 -47.78 24.63
CA SER B 144 3.86 -48.27 23.90
C SER B 144 3.83 -49.79 23.87
N GLN B 145 3.90 -50.35 22.68
CA GLN B 145 4.14 -51.78 22.49
C GLN B 145 5.61 -51.96 22.18
N VAL B 146 6.31 -52.69 23.05
CA VAL B 146 7.75 -52.89 23.00
C VAL B 146 8.03 -54.38 22.87
N TRP B 147 8.85 -54.74 21.90
CA TRP B 147 9.35 -56.09 21.77
C TRP B 147 10.74 -56.16 22.39
N PHE B 148 10.96 -57.19 23.20
CA PHE B 148 12.23 -57.37 23.90
C PHE B 148 12.99 -58.51 23.24
N GLY B 149 13.90 -58.16 22.34
CA GLY B 149 14.82 -59.12 21.76
C GLY B 149 15.99 -59.37 22.69
N HIS B 150 16.93 -60.17 22.20
CA HIS B 150 18.14 -60.44 22.97
C HIS B 150 19.10 -59.28 22.79
N ARG B 151 19.41 -58.59 23.89
CA ARG B 151 20.34 -57.47 23.97
C ARG B 151 19.82 -56.20 23.32
N TYR B 152 18.54 -56.16 22.93
CA TYR B 152 17.96 -54.92 22.43
C TYR B 152 16.45 -54.95 22.64
N SER B 153 15.86 -53.77 22.79
CA SER B 153 14.43 -53.60 22.85
C SER B 153 14.01 -52.63 21.76
N GLN B 154 12.85 -52.89 21.15
CA GLN B 154 12.39 -52.10 20.02
C GLN B 154 10.91 -51.75 20.18
N PHE B 155 10.58 -50.51 19.87
CA PHE B 155 9.18 -50.09 19.84
C PHE B 155 8.49 -50.75 18.65
N MET B 156 7.62 -51.72 18.92
CA MET B 156 6.71 -52.21 17.89
C MET B 156 5.68 -51.15 17.52
N GLY B 157 5.25 -50.35 18.48
CA GLY B 157 4.30 -49.29 18.16
C GLY B 157 4.14 -48.33 19.32
N ILE B 158 3.72 -47.11 18.98
CA ILE B 158 3.42 -46.10 19.99
C ILE B 158 2.11 -45.40 19.64
N PHE B 159 1.03 -45.80 20.32
CA PHE B 159 -0.28 -45.19 20.12
C PHE B 159 -0.39 -43.94 20.99
N GLU B 160 -0.68 -42.81 20.37
CA GLU B 160 -0.74 -41.53 21.05
C GLU B 160 -2.13 -40.93 20.88
N ASP B 161 -2.69 -40.42 21.97
CA ASP B 161 -4.06 -39.92 21.93
C ASP B 161 -4.20 -38.77 22.92
N ARG B 162 -5.13 -37.87 22.63
CA ARG B 162 -5.49 -36.79 23.53
C ARG B 162 -6.90 -37.05 24.04
N ALA B 163 -7.03 -37.20 25.35
CA ALA B 163 -8.33 -37.47 25.96
C ALA B 163 -8.82 -36.25 26.71
N PRO B 164 -10.05 -35.82 26.53
CA PRO B 164 -10.55 -34.68 27.31
C PRO B 164 -10.65 -35.01 28.79
N VAL B 165 -10.45 -34.00 29.62
CA VAL B 165 -10.68 -34.09 31.04
C VAL B 165 -12.15 -33.79 31.30
N PRO B 166 -12.94 -34.71 31.84
CA PRO B 166 -14.37 -34.46 32.00
C PRO B 166 -14.65 -33.31 32.94
N PHE B 167 -15.80 -32.66 32.73
CA PHE B 167 -16.28 -31.57 33.58
C PHE B 167 -16.15 -31.91 35.05
N GLU B 168 -16.53 -33.13 35.43
CA GLU B 168 -16.52 -33.53 36.82
C GLU B 168 -15.10 -33.48 37.40
N GLU B 169 -14.10 -33.92 36.63
CA GLU B 169 -12.72 -33.83 37.09
C GLU B 169 -12.22 -32.40 37.13
N VAL B 170 -12.58 -31.59 36.13
CA VAL B 170 -12.14 -30.19 36.12
C VAL B 170 -12.67 -29.48 37.36
N ILE B 171 -13.90 -29.77 37.76
CA ILE B 171 -14.50 -29.08 38.89
C ILE B 171 -14.00 -29.65 40.21
N ASP B 172 -14.12 -30.97 40.40
CA ASP B 172 -13.88 -31.55 41.72
C ASP B 172 -12.40 -31.82 41.99
N LYS B 173 -11.58 -32.01 40.97
CA LYS B 173 -10.16 -32.30 41.17
C LYS B 173 -9.26 -31.12 40.85
N ILE B 174 -9.34 -30.58 39.63
CA ILE B 174 -8.35 -29.62 39.18
C ILE B 174 -8.58 -28.25 39.81
N ASN B 175 -9.80 -27.73 39.70
CA ASN B 175 -10.08 -26.42 40.28
C ASN B 175 -10.17 -26.48 41.81
N ALA B 176 -10.59 -27.61 42.35
CA ALA B 176 -10.77 -27.71 43.80
C ALA B 176 -9.46 -27.98 44.53
N LYS B 177 -8.61 -28.85 44.00
CA LYS B 177 -7.40 -29.28 44.71
C LYS B 177 -6.12 -29.17 43.89
N GLY B 178 -6.19 -28.81 42.62
CA GLY B 178 -5.02 -28.81 41.76
C GLY B 178 -4.45 -30.18 41.48
N VAL B 179 -5.31 -31.20 41.36
CA VAL B 179 -4.87 -32.56 41.07
C VAL B 179 -5.71 -33.12 39.91
N CYS B 180 -5.17 -34.14 39.27
CA CYS B 180 -5.89 -34.92 38.27
C CYS B 180 -5.93 -36.38 38.69
N ARG B 181 -6.81 -37.14 38.05
CA ARG B 181 -6.75 -38.59 38.16
C ARG B 181 -5.66 -39.13 37.26
N SER B 182 -5.02 -40.22 37.71
CA SER B 182 -4.03 -40.90 36.88
C SER B 182 -4.69 -41.71 35.77
N THR B 183 -6.01 -41.84 35.78
CA THR B 183 -6.74 -42.58 34.77
C THR B 183 -7.40 -41.62 33.79
N ALA B 184 -7.53 -42.07 32.54
CA ALA B 184 -8.25 -41.37 31.50
C ALA B 184 -9.38 -42.26 31.01
N LYS B 185 -10.61 -41.88 31.31
CA LYS B 185 -11.80 -42.59 30.85
C LYS B 185 -12.53 -41.66 29.87
N TYR B 186 -12.67 -42.11 28.63
CA TYR B 186 -13.21 -41.21 27.61
C TYR B 186 -13.76 -42.02 26.44
N VAL B 187 -14.54 -41.34 25.62
CA VAL B 187 -15.18 -41.98 24.46
C VAL B 187 -14.32 -41.70 23.23
N ARG B 188 -13.76 -42.77 22.66
CA ARG B 188 -12.96 -42.70 21.44
C ARG B 188 -13.47 -43.75 20.48
N ASN B 189 -13.70 -43.36 19.22
CA ASN B 189 -14.15 -44.28 18.18
C ASN B 189 -15.38 -45.07 18.61
N ASN B 190 -16.33 -44.37 19.22
CA ASN B 190 -17.60 -44.94 19.67
C ASN B 190 -17.41 -46.01 20.73
N MET B 191 -16.32 -45.91 21.47
CA MET B 191 -16.04 -46.89 22.53
C MET B 191 -15.55 -46.19 23.79
N GLU B 192 -16.03 -46.61 24.94
CA GLU B 192 -15.54 -46.10 26.21
C GLU B 192 -14.22 -46.80 26.52
N THR B 193 -13.12 -46.04 26.50
CA THR B 193 -11.80 -46.57 26.75
C THR B 193 -11.24 -45.98 28.03
N THR B 194 -10.57 -46.81 28.81
CA THR B 194 -9.97 -46.45 30.08
C THR B 194 -8.49 -46.78 30.05
N ALA B 195 -7.66 -45.79 30.37
CA ALA B 195 -6.21 -45.95 30.45
C ALA B 195 -5.74 -45.62 31.85
N PHE B 196 -4.88 -46.46 32.40
CA PHE B 196 -4.31 -46.27 33.74
C PHE B 196 -2.84 -45.88 33.60
N HIS B 197 -2.45 -44.80 34.25
CA HIS B 197 -1.04 -44.41 34.26
C HIS B 197 -0.20 -45.52 34.88
N ARG B 198 0.86 -45.90 34.17
CA ARG B 198 1.75 -46.99 34.54
C ARG B 198 1.02 -48.31 34.71
N ASP B 199 -0.20 -48.42 34.17
CA ASP B 199 -1.05 -49.60 34.32
C ASP B 199 -1.26 -49.95 35.80
N ASP B 200 -1.34 -48.93 36.64
CA ASP B 200 -1.47 -49.10 38.08
C ASP B 200 -2.82 -48.56 38.53
N HIS B 201 -3.13 -48.74 39.81
CA HIS B 201 -4.40 -48.31 40.35
C HIS B 201 -4.53 -46.78 40.32
N GLU B 202 -5.77 -46.32 40.24
CA GLU B 202 -6.05 -44.89 40.09
C GLU B 202 -5.67 -44.12 41.34
N THR B 203 -4.90 -43.06 41.16
CA THR B 203 -4.49 -42.18 42.25
C THR B 203 -4.67 -40.72 41.81
N ASP B 204 -4.67 -39.84 42.80
CA ASP B 204 -4.68 -38.40 42.56
C ASP B 204 -3.24 -37.93 42.40
N MET B 205 -2.97 -37.20 41.31
CA MET B 205 -1.62 -36.75 41.01
C MET B 205 -1.61 -35.23 40.93
N GLU B 206 -0.63 -34.62 41.61
CA GLU B 206 -0.51 -33.18 41.68
C GLU B 206 -0.16 -32.57 40.33
N LEU B 207 -0.76 -31.44 40.02
CA LEU B 207 -0.39 -30.67 38.84
C LEU B 207 0.74 -29.72 39.20
N LYS B 208 1.80 -29.77 38.41
CA LYS B 208 2.98 -28.96 38.66
C LYS B 208 3.34 -28.15 37.42
N PRO B 209 3.98 -27.00 37.59
CA PRO B 209 4.29 -26.15 36.43
C PRO B 209 5.14 -26.88 35.41
N ALA B 210 4.83 -26.67 34.14
CA ALA B 210 5.64 -27.23 33.07
C ALA B 210 6.95 -26.47 32.96
N LYS B 211 7.97 -27.14 32.41
CA LYS B 211 9.24 -26.47 32.20
C LYS B 211 9.06 -25.27 31.29
N VAL B 212 9.65 -24.14 31.70
CA VAL B 212 9.41 -22.88 31.03
C VAL B 212 9.99 -22.88 29.62
N ALA B 213 9.22 -22.35 28.69
CA ALA B 213 9.66 -22.10 27.33
C ALA B 213 9.39 -20.64 26.99
N THR B 214 10.34 -20.01 26.30
CA THR B 214 10.20 -18.60 25.98
C THR B 214 8.98 -18.39 25.10
N ARG B 215 8.24 -17.30 25.37
CA ARG B 215 7.10 -16.88 24.56
C ARG B 215 5.99 -17.93 24.51
N THR B 216 5.79 -18.65 25.62
CA THR B 216 4.68 -19.57 25.74
C THR B 216 3.87 -19.24 26.98
N SER B 217 2.60 -19.65 26.96
CA SER B 217 1.70 -19.40 28.08
C SER B 217 1.96 -20.41 29.20
N ARG B 218 1.23 -20.25 30.30
CA ARG B 218 1.41 -21.11 31.46
C ARG B 218 0.85 -22.50 31.20
N GLY B 219 1.56 -23.51 31.68
CA GLY B 219 1.12 -24.88 31.56
C GLY B 219 1.46 -25.66 32.81
N TRP B 220 0.69 -26.74 33.00
CA TRP B 220 0.84 -27.62 34.15
C TRP B 220 0.64 -29.05 33.68
N HIS B 221 1.29 -29.99 34.35
CA HIS B 221 1.17 -31.40 34.00
C HIS B 221 1.53 -32.24 35.23
N THR B 222 1.24 -33.53 35.13
CA THR B 222 1.39 -34.43 36.26
C THR B 222 2.55 -35.40 36.15
N THR B 223 2.93 -35.81 34.93
CA THR B 223 3.98 -36.81 34.76
C THR B 223 5.01 -36.29 33.76
N ASP B 224 6.27 -36.58 34.04
CA ASP B 224 7.37 -36.14 33.18
C ASP B 224 7.97 -37.25 32.34
N LEU B 225 7.80 -38.51 32.75
CA LEU B 225 8.43 -39.64 32.08
C LEU B 225 7.40 -40.49 31.37
N LYS B 226 7.78 -41.05 30.23
CA LYS B 226 6.99 -42.08 29.60
C LYS B 226 7.26 -43.41 30.30
N TYR B 227 6.19 -44.15 30.57
CA TYR B 227 6.28 -45.45 31.20
C TYR B 227 6.30 -46.52 30.12
N ASN B 228 7.35 -47.33 30.11
CA ASN B 228 7.44 -48.46 29.22
C ASN B 228 7.48 -49.74 30.01
N PRO B 229 6.93 -50.84 29.47
CA PRO B 229 6.91 -52.09 30.22
C PRO B 229 8.30 -52.60 30.54
N SER B 230 8.42 -53.24 31.70
CA SER B 230 9.69 -53.83 32.09
C SER B 230 10.06 -54.98 31.16
N ARG B 231 11.36 -55.21 31.04
CA ARG B 231 11.87 -56.18 30.06
C ARG B 231 11.52 -57.60 30.47
N VAL B 232 10.85 -58.32 29.56
CA VAL B 232 10.75 -59.77 29.59
C VAL B 232 11.15 -60.27 28.21
N GLU B 233 12.16 -61.12 28.14
CA GLU B 233 12.74 -61.49 26.86
C GLU B 233 11.76 -62.28 26.00
N ALA B 234 11.80 -62.01 24.69
CA ALA B 234 10.98 -62.69 23.70
C ALA B 234 9.50 -62.50 23.95
N PHE B 235 9.12 -61.31 24.40
CA PHE B 235 7.71 -60.98 24.60
C PHE B 235 7.43 -59.58 24.06
N HIS B 236 6.22 -59.44 23.51
CA HIS B 236 5.63 -58.13 23.27
C HIS B 236 4.95 -57.68 24.54
N ARG B 237 5.29 -56.50 25.03
CA ARG B 237 4.70 -55.97 26.26
C ARG B 237 4.16 -54.57 26.01
N TYR B 238 3.18 -54.16 26.81
CA TYR B 238 2.49 -52.91 26.63
C TYR B 238 2.64 -52.03 27.87
N GLY B 239 2.78 -50.72 27.65
CA GLY B 239 2.89 -49.79 28.75
C GLY B 239 2.09 -48.52 28.53
N THR B 240 1.37 -48.07 29.55
CA THR B 240 0.49 -46.93 29.43
C THR B 240 1.03 -45.76 30.25
N THR B 241 1.05 -44.57 29.63
CA THR B 241 1.35 -43.32 30.33
C THR B 241 0.17 -42.38 30.17
N VAL B 242 -0.26 -41.79 31.26
CA VAL B 242 -1.29 -40.77 31.28
C VAL B 242 -0.69 -39.50 31.88
N ASN B 243 -0.68 -38.43 31.09
CA ASN B 243 -0.15 -37.14 31.52
C ASN B 243 -1.28 -36.12 31.45
N CYS B 244 -1.80 -35.73 32.61
CA CYS B 244 -2.83 -34.68 32.66
C CYS B 244 -2.18 -33.33 32.43
N ILE B 245 -2.64 -32.61 31.39
CA ILE B 245 -2.07 -31.34 30.97
C ILE B 245 -3.14 -30.27 31.02
N VAL B 246 -2.83 -29.17 31.68
CA VAL B 246 -3.66 -27.97 31.73
C VAL B 246 -2.86 -26.83 31.10
N GLU B 247 -3.46 -26.14 30.14
CA GLU B 247 -2.76 -25.10 29.39
C GLU B 247 -3.63 -23.87 29.27
N GLU B 248 -3.12 -22.74 29.75
CA GLU B 248 -3.72 -21.46 29.37
C GLU B 248 -3.34 -21.15 27.93
N VAL B 249 -4.34 -20.76 27.12
CA VAL B 249 -4.13 -20.51 25.71
C VAL B 249 -4.90 -19.26 25.29
N ASP B 250 -4.44 -18.67 24.19
CA ASP B 250 -5.19 -17.62 23.51
C ASP B 250 -6.19 -18.26 22.56
N ALA B 251 -7.38 -17.68 22.48
CA ALA B 251 -8.43 -18.12 21.58
C ALA B 251 -8.84 -16.96 20.70
N ARG B 252 -9.07 -17.26 19.42
CA ARG B 252 -9.35 -16.24 18.42
C ARG B 252 -10.58 -16.62 17.62
N SER B 253 -11.40 -15.62 17.32
CA SER B 253 -12.67 -15.81 16.63
C SER B 253 -12.85 -14.70 15.62
N VAL B 254 -13.27 -15.04 14.41
CA VAL B 254 -13.55 -14.04 13.39
C VAL B 254 -15.05 -13.99 13.16
N TYR B 255 -15.49 -12.90 12.56
CA TYR B 255 -16.89 -12.73 12.22
C TYR B 255 -17.35 -13.86 11.32
N PRO B 256 -18.57 -14.41 11.52
CA PRO B 256 -19.62 -13.99 12.47
C PRO B 256 -19.55 -14.66 13.83
N TYR B 257 -18.38 -15.15 14.25
CA TYR B 257 -18.13 -15.63 15.60
C TYR B 257 -18.98 -16.86 15.94
N ASP B 258 -19.13 -17.76 14.97
CA ASP B 258 -19.82 -19.03 15.20
C ASP B 258 -18.86 -20.14 15.56
N GLU B 259 -17.56 -19.85 15.65
CA GLU B 259 -16.53 -20.82 15.98
C GLU B 259 -15.28 -20.06 16.39
N PHE B 260 -14.35 -20.74 17.05
CA PHE B 260 -13.10 -20.10 17.41
C PHE B 260 -11.98 -21.13 17.40
N VAL B 261 -10.74 -20.62 17.44
CA VAL B 261 -9.54 -21.45 17.42
C VAL B 261 -8.78 -21.23 18.72
N LEU B 262 -7.97 -22.23 19.07
CA LEU B 262 -7.03 -22.14 20.16
C LEU B 262 -5.62 -22.02 19.60
N ALA B 263 -4.69 -21.55 20.43
CA ALA B 263 -3.31 -21.36 19.99
C ALA B 263 -2.66 -22.66 19.55
N THR B 264 -3.17 -23.80 20.01
CA THR B 264 -2.65 -25.10 19.61
C THR B 264 -3.07 -25.50 18.21
N GLY B 265 -3.85 -24.68 17.51
CA GLY B 265 -4.36 -25.01 16.20
C GLY B 265 -5.68 -25.75 16.20
N ASP B 266 -6.23 -26.06 17.37
CA ASP B 266 -7.50 -26.76 17.44
C ASP B 266 -8.67 -25.81 17.18
N PHE B 267 -9.68 -26.32 16.48
CA PHE B 267 -10.90 -25.58 16.21
C PHE B 267 -11.98 -26.01 17.20
N VAL B 268 -12.66 -25.04 17.77
CA VAL B 268 -13.87 -25.28 18.56
C VAL B 268 -15.06 -24.74 17.78
N TYR B 269 -15.94 -25.64 17.38
CA TYR B 269 -17.04 -25.28 16.47
C TYR B 269 -18.26 -24.79 17.24
N MET B 270 -18.01 -23.81 18.10
CA MET B 270 -19.01 -23.17 18.93
C MET B 270 -18.72 -21.67 18.99
N SER B 271 -19.78 -20.88 19.11
CA SER B 271 -19.60 -19.46 19.34
C SER B 271 -18.92 -19.24 20.69
N PRO B 272 -17.95 -18.32 20.78
CA PRO B 272 -17.43 -17.92 22.10
C PRO B 272 -18.51 -17.36 23.01
N PHE B 273 -19.57 -16.79 22.45
CA PHE B 273 -20.64 -16.17 23.20
C PHE B 273 -21.84 -17.09 23.38
N TYR B 274 -21.65 -18.39 23.15
CA TYR B 274 -22.71 -19.35 23.41
C TYR B 274 -22.96 -19.49 24.90
N GLY B 275 -24.24 -19.62 25.26
CA GLY B 275 -24.60 -19.73 26.66
C GLY B 275 -26.09 -19.94 26.79
N TYR B 276 -26.60 -19.79 28.01
CA TYR B 276 -28.01 -19.98 28.30
C TYR B 276 -28.77 -18.68 28.50
N ARG B 277 -28.09 -17.55 28.67
CA ARG B 277 -28.73 -16.31 29.09
C ARG B 277 -28.64 -15.25 28.00
N GLU B 278 -29.63 -14.35 27.99
CA GLU B 278 -29.66 -13.18 27.11
C GLU B 278 -29.61 -13.58 25.64
N GLY B 279 -30.31 -14.65 25.29
CA GLY B 279 -30.37 -15.09 23.91
C GLY B 279 -29.12 -15.76 23.40
N SER B 280 -28.16 -16.07 24.27
CA SER B 280 -26.94 -16.75 23.84
C SER B 280 -27.17 -18.19 23.43
N HIS B 281 -28.34 -18.76 23.74
CA HIS B 281 -28.64 -20.13 23.33
C HIS B 281 -28.91 -20.24 21.84
N THR B 282 -29.15 -19.13 21.16
CA THR B 282 -29.32 -19.13 19.71
C THR B 282 -27.99 -18.97 18.97
N GLU B 283 -26.89 -18.78 19.68
CA GLU B 283 -25.58 -18.78 19.05
C GLU B 283 -25.23 -20.18 18.57
N HIS B 284 -24.30 -20.26 17.64
CA HIS B 284 -24.02 -21.53 16.97
C HIS B 284 -23.34 -22.52 17.90
N THR B 285 -23.84 -23.75 17.91
CA THR B 285 -23.15 -24.86 18.52
C THR B 285 -23.22 -26.05 17.57
N SER B 286 -22.09 -26.73 17.42
CA SER B 286 -22.03 -27.93 16.61
C SER B 286 -22.18 -29.18 17.46
N TYR B 287 -22.04 -29.05 18.78
CA TYR B 287 -21.92 -30.15 19.71
C TYR B 287 -23.27 -30.46 20.36
N ALA B 288 -23.36 -31.66 20.93
CA ALA B 288 -24.53 -32.05 21.69
C ALA B 288 -24.59 -31.29 23.00
N ALA B 289 -25.79 -31.23 23.58
CA ALA B 289 -25.99 -30.44 24.80
C ALA B 289 -25.14 -30.94 25.96
N ASP B 290 -24.91 -32.25 26.04
CA ASP B 290 -24.16 -32.79 27.17
C ASP B 290 -22.68 -32.41 27.13
N ARG B 291 -22.17 -31.96 25.99
CA ARG B 291 -20.77 -31.56 25.90
C ARG B 291 -20.52 -30.17 26.46
N PHE B 292 -21.56 -29.33 26.53
CA PHE B 292 -21.41 -27.95 27.00
C PHE B 292 -21.93 -27.82 28.43
N LYS B 293 -21.19 -27.06 29.24
CA LYS B 293 -21.56 -26.75 30.60
C LYS B 293 -21.36 -25.26 30.81
N GLN B 294 -22.25 -24.63 31.57
CA GLN B 294 -22.10 -23.23 31.95
C GLN B 294 -22.37 -23.11 33.44
N VAL B 295 -21.38 -22.62 34.18
CA VAL B 295 -21.46 -22.51 35.63
C VAL B 295 -21.42 -21.03 36.01
N ASP B 296 -22.51 -20.53 36.56
CA ASP B 296 -22.53 -19.21 37.16
C ASP B 296 -21.93 -19.26 38.56
N GLY B 297 -21.33 -18.15 38.97
CA GLY B 297 -20.68 -18.09 40.26
C GLY B 297 -19.46 -18.98 40.37
N PHE B 298 -18.66 -19.06 39.31
CA PHE B 298 -17.48 -19.92 39.28
C PHE B 298 -16.26 -19.14 39.74
N TYR B 299 -15.55 -19.69 40.73
CA TYR B 299 -14.32 -19.10 41.24
C TYR B 299 -13.15 -19.94 40.72
N ALA B 300 -12.31 -19.33 39.89
CA ALA B 300 -11.11 -20.02 39.43
C ALA B 300 -10.06 -20.06 40.53
N ARG B 301 -9.38 -21.20 40.64
CA ARG B 301 -8.27 -21.36 41.56
C ARG B 301 -6.98 -21.47 40.76
N ASP B 302 -6.01 -20.61 41.08
CA ASP B 302 -4.75 -20.62 40.35
C ASP B 302 -3.96 -21.87 40.71
N LEU B 303 -3.49 -22.58 39.68
CA LEU B 303 -2.77 -23.84 39.87
C LEU B 303 -1.38 -23.61 40.48
N THR B 310 -11.31 -14.20 43.64
CA THR B 310 -11.89 -13.08 44.36
C THR B 310 -13.27 -12.76 43.79
N SER B 311 -13.33 -12.58 42.47
CA SER B 311 -14.59 -12.32 41.79
C SER B 311 -15.01 -13.52 40.97
N PRO B 312 -16.27 -13.95 41.05
CA PRO B 312 -16.73 -15.08 40.24
C PRO B 312 -16.96 -14.67 38.79
N THR B 313 -16.98 -15.69 37.93
CA THR B 313 -17.29 -15.52 36.52
C THR B 313 -18.35 -16.54 36.12
N THR B 314 -18.88 -16.37 34.92
CA THR B 314 -19.72 -17.37 34.28
C THR B 314 -18.81 -18.20 33.37
N ARG B 315 -18.63 -19.46 33.73
CA ARG B 315 -17.59 -20.30 33.13
C ARG B 315 -18.22 -21.26 32.12
N ASN B 316 -17.79 -21.15 30.87
CA ASN B 316 -18.16 -22.07 29.81
C ASN B 316 -17.12 -23.18 29.75
N LEU B 317 -17.60 -24.43 29.78
CA LEU B 317 -16.74 -25.61 29.72
C LEU B 317 -17.29 -26.52 28.62
N LEU B 318 -16.56 -26.65 27.53
CA LEU B 318 -16.97 -27.50 26.42
C LEU B 318 -16.03 -28.68 26.30
N THR B 319 -16.60 -29.89 26.29
CA THR B 319 -15.83 -31.11 26.13
C THR B 319 -15.90 -31.55 24.67
N THR B 320 -14.77 -31.48 23.99
CA THR B 320 -14.61 -32.02 22.64
C THR B 320 -14.04 -33.42 22.72
N PRO B 321 -14.00 -34.16 21.60
CA PRO B 321 -13.42 -35.50 21.64
C PRO B 321 -11.95 -35.54 22.03
N LYS B 322 -11.23 -34.42 21.95
CA LYS B 322 -9.80 -34.41 22.27
C LYS B 322 -9.44 -33.65 23.53
N PHE B 323 -10.26 -32.69 23.96
CA PHE B 323 -9.89 -31.83 25.09
C PHE B 323 -11.15 -31.19 25.66
N THR B 324 -10.99 -30.57 26.81
CA THR B 324 -12.01 -29.69 27.38
C THR B 324 -11.48 -28.26 27.40
N VAL B 325 -12.23 -27.34 26.81
CA VAL B 325 -11.85 -25.94 26.76
C VAL B 325 -12.81 -25.13 27.61
N ALA B 326 -12.25 -24.32 28.51
CA ALA B 326 -13.03 -23.48 29.41
C ALA B 326 -12.66 -22.02 29.20
N TRP B 327 -13.66 -21.15 29.27
CA TRP B 327 -13.44 -19.71 29.14
C TRP B 327 -14.56 -18.99 29.87
N ASP B 328 -14.51 -17.66 29.83
CA ASP B 328 -15.50 -16.84 30.50
C ASP B 328 -16.55 -16.38 29.50
N TRP B 329 -17.81 -16.65 29.80
CA TRP B 329 -18.89 -16.16 28.97
C TRP B 329 -19.10 -14.66 29.19
N VAL B 330 -19.18 -13.92 28.09
CA VAL B 330 -19.53 -12.50 28.11
C VAL B 330 -20.60 -12.27 27.04
N PRO B 331 -21.49 -11.30 27.20
CA PRO B 331 -22.43 -10.99 26.12
C PRO B 331 -21.71 -10.55 24.86
N LYS B 332 -22.26 -10.93 23.72
CA LYS B 332 -21.57 -10.70 22.44
C LYS B 332 -21.50 -9.22 22.08
N ARG B 333 -22.60 -8.49 22.24
CA ARG B 333 -22.67 -7.12 21.72
C ARG B 333 -21.62 -6.19 22.32
N PRO B 334 -21.42 -6.15 23.64
CA PRO B 334 -20.36 -5.28 24.18
C PRO B 334 -18.94 -5.73 23.82
N ALA B 335 -18.76 -6.96 23.35
CA ALA B 335 -17.45 -7.53 23.14
C ALA B 335 -16.89 -7.31 21.73
N VAL B 336 -17.69 -7.55 20.71
CA VAL B 336 -17.19 -7.56 19.33
C VAL B 336 -17.76 -6.36 18.60
N CYS B 337 -17.07 -5.98 17.52
CA CYS B 337 -17.52 -4.86 16.70
C CYS B 337 -16.94 -5.02 15.30
N THR B 338 -17.78 -4.81 14.29
CA THR B 338 -17.34 -4.93 12.91
C THR B 338 -16.58 -3.70 12.43
N MET B 339 -16.55 -2.63 13.21
CA MET B 339 -15.73 -1.46 12.91
C MET B 339 -14.79 -1.21 14.07
N THR B 340 -13.65 -0.58 13.78
CA THR B 340 -12.67 -0.23 14.78
C THR B 340 -12.24 1.22 14.59
N LYS B 341 -11.97 1.88 15.71
CA LYS B 341 -11.55 3.27 15.67
C LYS B 341 -10.16 3.39 15.06
N TRP B 342 -10.02 4.26 14.08
CA TRP B 342 -8.78 4.44 13.34
C TRP B 342 -8.12 5.78 13.62
N GLN B 343 -8.84 6.88 13.47
CA GLN B 343 -8.25 8.20 13.64
C GLN B 343 -9.09 9.05 14.57
N GLU B 344 -8.42 9.84 15.42
CA GLU B 344 -9.05 10.91 16.17
C GLU B 344 -8.55 12.23 15.60
N VAL B 345 -9.47 13.05 15.11
CA VAL B 345 -9.15 14.30 14.44
C VAL B 345 -9.74 15.42 15.28
N ASP B 346 -8.87 16.17 15.97
CA ASP B 346 -9.34 17.25 16.81
C ASP B 346 -9.74 18.50 16.03
N GLU B 347 -9.33 18.60 14.76
CA GLU B 347 -9.72 19.71 13.88
C GLU B 347 -10.12 19.10 12.53
N MET B 348 -11.41 18.83 12.37
CA MET B 348 -11.96 18.35 11.11
C MET B 348 -12.92 19.39 10.58
N LEU B 349 -12.63 19.91 9.39
CA LEU B 349 -13.44 20.95 8.76
C LEU B 349 -14.42 20.30 7.79
N ARG B 350 -15.69 20.63 7.91
CA ARG B 350 -16.72 20.10 7.03
C ARG B 350 -17.22 21.20 6.10
N ALA B 351 -17.21 20.93 4.80
CA ALA B 351 -17.71 21.85 3.80
C ALA B 351 -18.79 21.18 2.98
N GLU B 352 -19.85 21.92 2.67
CA GLU B 352 -20.94 21.43 1.84
C GLU B 352 -20.74 21.97 0.43
N TYR B 353 -20.72 21.06 -0.55
CA TYR B 353 -20.56 21.47 -1.94
C TYR B 353 -21.05 20.35 -2.85
N GLY B 354 -21.82 20.74 -3.86
CA GLY B 354 -22.26 19.80 -4.89
C GLY B 354 -23.04 18.62 -4.34
N GLY B 355 -23.86 18.85 -3.33
CA GLY B 355 -24.59 17.76 -2.71
C GLY B 355 -23.74 16.78 -1.94
N SER B 356 -22.53 17.18 -1.55
CA SER B 356 -21.63 16.31 -0.83
C SER B 356 -21.00 17.05 0.34
N PHE B 357 -20.63 16.28 1.36
CA PHE B 357 -19.84 16.79 2.47
C PHE B 357 -18.38 16.41 2.25
N ARG B 358 -17.50 17.37 2.47
CA ARG B 358 -16.06 17.14 2.45
C ARG B 358 -15.51 17.38 3.85
N PHE B 359 -14.93 16.34 4.44
CA PHE B 359 -14.34 16.40 5.77
C PHE B 359 -12.82 16.41 5.60
N SER B 360 -12.21 17.55 5.88
CA SER B 360 -10.77 17.73 5.67
C SER B 360 -10.08 17.81 7.03
N SER B 361 -8.99 17.07 7.16
CA SER B 361 -8.11 17.12 8.32
C SER B 361 -6.74 17.57 7.84
N ASP B 362 -6.30 18.71 8.37
CA ASP B 362 -4.97 19.24 8.06
C ASP B 362 -3.89 18.45 8.76
N ALA B 363 -4.20 17.88 9.92
CA ALA B 363 -3.20 17.15 10.70
C ALA B 363 -2.75 15.88 10.00
N ILE B 364 -3.68 15.14 9.39
CA ILE B 364 -3.35 13.91 8.70
C ILE B 364 -3.42 14.05 7.18
N SER B 365 -3.66 15.26 6.67
CA SER B 365 -3.63 15.54 5.24
C SER B 365 -4.66 14.69 4.49
N THR B 366 -5.91 14.74 4.94
CA THR B 366 -6.89 13.80 4.40
C THR B 366 -8.23 14.49 4.17
N THR B 367 -8.83 14.27 3.00
CA THR B 367 -10.16 14.77 2.70
C THR B 367 -11.06 13.58 2.39
N PHE B 368 -12.06 13.36 3.24
CA PHE B 368 -13.09 12.36 3.02
C PHE B 368 -14.30 13.00 2.35
N THR B 369 -15.03 12.19 1.58
CA THR B 369 -16.19 12.65 0.82
C THR B 369 -17.39 11.79 1.20
N THR B 370 -18.44 12.41 1.71
CA THR B 370 -19.65 11.72 2.13
C THR B 370 -20.85 12.34 1.44
N ASN B 371 -21.98 11.63 1.52
CA ASN B 371 -23.26 12.20 1.13
C ASN B 371 -23.80 13.09 2.24
N LEU B 372 -24.79 13.90 1.88
CA LEU B 372 -25.37 14.81 2.87
C LEU B 372 -26.20 14.05 3.90
N THR B 373 -26.89 12.98 3.48
CA THR B 373 -27.71 12.20 4.40
C THR B 373 -26.83 11.43 5.36
N GLU B 374 -27.23 11.44 6.64
CA GLU B 374 -26.48 10.73 7.67
C GLU B 374 -26.56 9.21 7.45
N TYR B 375 -25.58 8.52 8.00
CA TYR B 375 -25.58 7.07 8.02
C TYR B 375 -26.12 6.59 9.36
N SER B 376 -27.27 5.93 9.40
CA SER B 376 -27.80 5.43 10.68
C SER B 376 -27.00 4.21 11.13
N LEU B 377 -26.58 4.23 12.40
CA LEU B 377 -25.75 3.15 12.92
C LEU B 377 -26.52 1.84 13.06
N SER B 378 -27.85 1.88 13.00
CA SER B 378 -28.63 0.65 13.03
C SER B 378 -28.35 -0.23 11.82
N ARG B 379 -27.86 0.35 10.72
CA ARG B 379 -27.50 -0.42 9.54
C ARG B 379 -26.23 -1.22 9.73
N VAL B 380 -25.44 -0.92 10.76
CA VAL B 380 -24.23 -1.67 11.05
C VAL B 380 -24.59 -2.89 11.90
N ASP B 381 -24.08 -4.05 11.51
CA ASP B 381 -24.26 -5.24 12.32
C ASP B 381 -23.17 -5.31 13.38
N LEU B 382 -23.58 -5.45 14.64
CA LEU B 382 -22.65 -5.52 15.77
C LEU B 382 -21.71 -4.31 15.77
N GLY B 383 -22.30 -3.12 15.73
CA GLY B 383 -21.51 -1.90 15.71
C GLY B 383 -21.64 -1.07 16.97
N ASP B 384 -21.76 -1.74 18.12
CA ASP B 384 -21.97 -1.03 19.37
C ASP B 384 -20.73 -0.30 19.86
N CYS B 385 -19.55 -0.59 19.29
CA CYS B 385 -18.37 0.14 19.71
C CYS B 385 -18.39 1.56 19.18
N ILE B 386 -19.05 1.77 18.04
CA ILE B 386 -18.91 3.04 17.32
C ILE B 386 -19.41 4.20 18.17
N GLY B 387 -20.62 4.06 18.70
CA GLY B 387 -21.19 5.16 19.50
C GLY B 387 -20.39 5.44 20.75
N ARG B 388 -20.03 4.39 21.49
CA ARG B 388 -19.34 4.59 22.77
C ARG B 388 -17.93 5.15 22.56
N ASP B 389 -17.18 4.58 21.61
CA ASP B 389 -15.85 5.09 21.32
C ASP B 389 -15.91 6.51 20.79
N ALA B 390 -16.91 6.80 19.94
CA ALA B 390 -17.03 8.15 19.38
C ALA B 390 -17.33 9.16 20.47
N ARG B 391 -18.30 8.86 21.35
CA ARG B 391 -18.60 9.79 22.43
C ARG B 391 -17.39 9.99 23.34
N GLU B 392 -16.66 8.96 23.72
CA GLU B 392 -15.56 9.30 24.68
C GLU B 392 -14.47 10.13 23.99
N ALA B 393 -14.07 9.78 22.77
CA ALA B 393 -12.99 10.51 22.08
C ALA B 393 -13.44 11.94 21.83
N ILE B 394 -14.66 12.13 21.36
CA ILE B 394 -15.19 13.49 21.06
C ILE B 394 -15.13 14.35 22.33
N ASP B 395 -15.68 13.85 23.44
CA ASP B 395 -15.72 14.64 24.70
C ASP B 395 -14.31 14.88 25.23
N ARG B 396 -13.43 13.88 25.13
CA ARG B 396 -12.04 14.03 25.61
C ARG B 396 -11.33 15.11 24.79
N MET B 397 -11.50 15.07 23.46
CA MET B 397 -10.87 16.06 22.56
C MET B 397 -11.53 17.43 22.78
N PHE B 398 -12.82 17.46 23.10
CA PHE B 398 -13.50 18.75 23.39
C PHE B 398 -12.95 19.29 24.70
N ALA B 399 -12.96 18.47 25.75
CA ALA B 399 -12.54 18.93 27.10
C ALA B 399 -11.03 19.17 27.12
N ARG B 400 -10.42 19.45 25.96
CA ARG B 400 -8.95 19.61 25.92
C ARG B 400 -8.56 20.74 24.94
N LYS B 401 -9.48 21.11 24.04
CA LYS B 401 -9.11 22.11 23.01
C LYS B 401 -10.20 23.18 22.86
N TYR B 402 -11.44 22.87 23.25
CA TYR B 402 -12.54 23.84 23.00
C TYR B 402 -13.34 24.13 24.26
N ASN B 403 -12.96 23.52 25.39
CA ASN B 403 -13.76 23.69 26.62
C ASN B 403 -13.92 25.17 26.97
N ALA B 404 -13.14 26.06 26.32
CA ALA B 404 -13.21 27.47 26.69
C ALA B 404 -13.67 28.35 25.53
N THR B 405 -13.33 28.00 24.29
CA THR B 405 -13.60 28.86 23.16
C THR B 405 -14.75 28.38 22.27
N HIS B 406 -15.19 27.14 22.43
CA HIS B 406 -16.18 26.57 21.53
C HIS B 406 -17.28 25.87 22.32
N ILE B 407 -18.43 25.71 21.66
CA ILE B 407 -19.53 24.93 22.19
C ILE B 407 -19.88 23.84 21.18
N LYS B 408 -20.24 22.67 21.69
CA LYS B 408 -20.77 21.63 20.84
C LYS B 408 -22.14 22.03 20.31
N VAL B 409 -22.43 21.65 19.08
CA VAL B 409 -23.72 21.91 18.45
C VAL B 409 -24.35 20.56 18.14
N GLY B 410 -25.47 20.26 18.79
CA GLY B 410 -26.15 19.00 18.57
C GLY B 410 -25.37 17.82 19.14
N GLN B 411 -25.81 16.65 18.73
CA GLN B 411 -25.19 15.38 19.07
C GLN B 411 -24.35 14.87 17.92
N PRO B 412 -23.44 13.93 18.17
CA PRO B 412 -22.58 13.42 17.09
C PRO B 412 -23.37 12.86 15.93
N GLN B 413 -22.88 13.12 14.72
CA GLN B 413 -23.52 12.71 13.48
C GLN B 413 -22.63 11.71 12.76
N TYR B 414 -23.24 10.82 11.98
CA TYR B 414 -22.49 9.74 11.36
C TYR B 414 -22.63 9.81 9.84
N TYR B 415 -21.51 9.60 9.15
CA TYR B 415 -21.48 9.65 7.70
C TYR B 415 -20.61 8.53 7.15
N LEU B 416 -20.94 8.10 5.94
CA LEU B 416 -20.13 7.05 5.27
C LEU B 416 -19.34 7.70 4.12
N ALA B 417 -18.02 7.70 4.22
CA ALA B 417 -17.16 8.33 3.20
C ALA B 417 -16.73 7.30 2.16
N THR B 418 -16.46 7.74 0.93
CA THR B 418 -15.94 6.85 -0.12
C THR B 418 -14.66 6.19 0.40
N GLY B 419 -14.48 4.90 0.13
CA GLY B 419 -13.34 4.15 0.70
C GLY B 419 -13.83 3.34 1.86
N GLY B 420 -15.11 3.50 2.21
CA GLY B 420 -15.69 2.80 3.34
C GLY B 420 -15.20 3.29 4.69
N PHE B 421 -15.24 4.59 4.93
CA PHE B 421 -14.80 5.15 6.20
C PHE B 421 -15.99 5.74 6.95
N LEU B 422 -16.18 5.32 8.19
CA LEU B 422 -17.30 5.83 8.98
C LEU B 422 -16.82 7.02 9.80
N ILE B 423 -17.40 8.19 9.57
CA ILE B 423 -16.99 9.41 10.23
C ILE B 423 -18.04 9.76 11.27
N ALA B 424 -17.61 9.87 12.53
CA ALA B 424 -18.42 10.38 13.62
C ALA B 424 -17.98 11.81 13.88
N TYR B 425 -18.88 12.76 13.65
CA TYR B 425 -18.56 14.18 13.58
C TYR B 425 -19.38 14.96 14.59
N GLN B 426 -18.70 15.67 15.47
CA GLN B 426 -19.33 16.61 16.38
C GLN B 426 -19.11 18.01 15.85
N PRO B 427 -20.14 18.69 15.36
CA PRO B 427 -19.98 20.10 14.98
C PRO B 427 -19.74 20.98 16.21
N LEU B 428 -18.89 21.99 16.02
CA LEU B 428 -18.60 22.97 17.05
C LEU B 428 -19.02 24.35 16.57
N LEU B 429 -19.03 25.29 17.48
CA LEU B 429 -19.34 26.67 17.16
C LEU B 429 -18.55 27.60 18.07
N SER B 430 -17.89 28.58 17.46
CA SER B 430 -17.08 29.53 18.20
C SER B 430 -17.96 30.45 19.05
N ASN B 431 -17.46 30.80 20.23
CA ASN B 431 -18.21 31.68 21.12
C ASN B 431 -18.40 33.06 20.50
N THR B 432 -17.39 33.56 19.79
CA THR B 432 -17.49 34.88 19.16
C THR B 432 -18.63 34.91 18.14
N LEU B 433 -18.87 33.79 17.45
CA LEU B 433 -20.04 33.72 16.57
C LEU B 433 -21.33 33.57 17.36
N ALA B 434 -21.31 32.76 18.43
CA ALA B 434 -22.49 32.53 19.25
C ALA B 434 -22.84 33.77 20.06
N SER B 466 -32.17 -5.23 7.69
CA SER B 466 -30.96 -5.70 7.04
C SER B 466 -29.73 -4.92 7.48
N VAL B 467 -29.01 -5.48 8.45
CA VAL B 467 -27.73 -4.93 8.86
C VAL B 467 -26.64 -5.49 7.97
N GLU B 468 -25.60 -4.69 7.74
CA GLU B 468 -24.52 -5.06 6.83
C GLU B 468 -23.19 -4.66 7.43
N ARG B 469 -22.12 -5.06 6.77
CA ARG B 469 -20.75 -4.70 7.15
C ARG B 469 -20.19 -3.73 6.12
N ILE B 470 -19.62 -2.63 6.62
CA ILE B 470 -18.97 -1.66 5.74
C ILE B 470 -17.62 -2.18 5.33
N LYS B 471 -17.36 -2.20 4.02
CA LYS B 471 -16.08 -2.62 3.48
C LYS B 471 -15.17 -1.40 3.39
N THR B 472 -13.91 -1.56 3.75
CA THR B 472 -12.95 -0.46 3.75
C THR B 472 -11.77 -0.79 2.85
N THR B 473 -11.37 0.17 2.02
CA THR B 473 -10.20 0.01 1.18
C THR B 473 -8.93 0.07 2.03
N SER B 474 -7.89 -0.61 1.55
CA SER B 474 -6.60 -0.62 2.23
C SER B 474 -5.78 0.64 1.96
N SER B 475 -6.15 1.44 0.97
CA SER B 475 -5.35 2.60 0.57
C SER B 475 -6.09 3.88 0.91
N ILE B 476 -5.48 4.71 1.75
CA ILE B 476 -5.98 6.05 2.04
C ILE B 476 -5.44 7.07 1.05
N GLU B 477 -4.64 6.62 0.07
CA GLU B 477 -3.89 7.55 -0.77
C GLU B 477 -4.81 8.42 -1.62
N PHE B 478 -5.97 7.91 -2.01
CA PHE B 478 -6.91 8.71 -2.79
C PHE B 478 -7.36 9.95 -2.03
N ALA B 479 -7.64 9.79 -0.73
CA ALA B 479 -8.10 10.92 0.07
C ALA B 479 -6.97 11.90 0.36
N ARG B 480 -5.73 11.40 0.47
CA ARG B 480 -4.59 12.30 0.66
C ARG B 480 -4.30 13.08 -0.62
N LEU B 481 -4.42 12.43 -1.78
CA LEU B 481 -4.34 13.14 -3.05
C LEU B 481 -5.44 14.19 -3.15
N GLN B 482 -6.65 13.83 -2.71
CA GLN B 482 -7.75 14.79 -2.67
C GLN B 482 -7.38 16.00 -1.82
N PHE B 483 -6.86 15.77 -0.61
CA PHE B 483 -6.47 16.87 0.26
C PHE B 483 -5.43 17.76 -0.40
N THR B 484 -4.36 17.15 -0.93
CA THR B 484 -3.28 17.94 -1.51
C THR B 484 -3.76 18.73 -2.72
N TYR B 485 -4.53 18.08 -3.60
CA TYR B 485 -5.04 18.75 -4.79
C TYR B 485 -5.99 19.87 -4.42
N ASN B 486 -6.87 19.66 -3.44
CA ASN B 486 -7.78 20.71 -3.02
C ASN B 486 -7.02 21.90 -2.45
N HIS B 487 -6.02 21.63 -1.61
CA HIS B 487 -5.23 22.69 -1.00
C HIS B 487 -4.54 23.54 -2.08
N ILE B 488 -3.82 22.86 -2.99
CA ILE B 488 -3.09 23.57 -4.04
C ILE B 488 -4.05 24.30 -4.96
N GLN B 489 -5.16 23.64 -5.33
CA GLN B 489 -6.12 24.22 -6.24
C GLN B 489 -6.76 25.47 -5.66
N ARG B 490 -7.14 25.42 -4.38
CA ARG B 490 -7.74 26.59 -3.75
C ARG B 490 -6.75 27.75 -3.69
N HIS B 491 -5.51 27.48 -3.28
CA HIS B 491 -4.54 28.56 -3.22
C HIS B 491 -4.30 29.18 -4.60
N VAL B 492 -4.10 28.33 -5.60
CA VAL B 492 -3.81 28.82 -6.95
C VAL B 492 -4.99 29.57 -7.53
N ASN B 493 -6.21 29.04 -7.34
CA ASN B 493 -7.40 29.71 -7.85
C ASN B 493 -7.60 31.06 -7.20
N ASP B 494 -7.37 31.16 -5.88
CA ASP B 494 -7.58 32.43 -5.21
C ASP B 494 -6.53 33.46 -5.62
N MET B 495 -5.26 33.05 -5.71
CA MET B 495 -4.21 33.95 -6.20
C MET B 495 -4.49 34.42 -7.62
N LEU B 496 -4.87 33.50 -8.52
CA LEU B 496 -5.06 33.89 -9.91
C LEU B 496 -6.34 34.69 -10.10
N GLY B 497 -7.37 34.45 -9.29
CA GLY B 497 -8.52 35.33 -9.30
C GLY B 497 -8.17 36.74 -8.86
N ARG B 498 -7.35 36.85 -7.82
CA ARG B 498 -6.87 38.17 -7.41
C ARG B 498 -6.08 38.85 -8.53
N ILE B 499 -5.23 38.08 -9.22
CA ILE B 499 -4.47 38.63 -10.34
C ILE B 499 -5.41 39.10 -11.44
N ALA B 500 -6.44 38.32 -11.75
CA ALA B 500 -7.40 38.70 -12.78
C ALA B 500 -8.14 39.99 -12.41
N VAL B 501 -8.58 40.09 -11.16
CA VAL B 501 -9.27 41.29 -10.71
C VAL B 501 -8.35 42.51 -10.79
N ALA B 502 -7.11 42.35 -10.35
CA ALA B 502 -6.15 43.44 -10.41
C ALA B 502 -5.88 43.85 -11.86
N TRP B 503 -5.79 42.88 -12.77
CA TRP B 503 -5.55 43.19 -14.18
C TRP B 503 -6.71 43.97 -14.77
N CYS B 504 -7.95 43.53 -14.52
CA CYS B 504 -9.10 44.27 -15.01
C CYS B 504 -9.13 45.68 -14.46
N GLU B 505 -8.88 45.83 -13.15
CA GLU B 505 -8.90 47.16 -12.55
C GLU B 505 -7.80 48.04 -13.13
N LEU B 506 -6.61 47.47 -13.37
CA LEU B 506 -5.52 48.26 -13.93
C LEU B 506 -5.82 48.70 -15.35
N GLN B 507 -6.42 47.84 -16.17
CA GLN B 507 -6.80 48.26 -17.52
C GLN B 507 -7.82 49.39 -17.48
N ASN B 508 -8.86 49.22 -16.66
CA ASN B 508 -9.87 50.27 -16.51
C ASN B 508 -9.25 51.56 -15.99
N HIS B 509 -8.24 51.43 -15.13
CA HIS B 509 -7.61 52.58 -14.48
C HIS B 509 -6.69 53.33 -15.44
N GLU B 510 -5.98 52.61 -16.31
CA GLU B 510 -5.09 53.22 -17.29
C GLU B 510 -5.83 53.73 -18.52
N LEU B 511 -7.11 53.36 -18.69
CA LEU B 511 -7.91 54.00 -19.74
C LEU B 511 -7.90 55.52 -19.62
N THR B 512 -7.82 56.04 -18.38
CA THR B 512 -7.77 57.49 -18.19
C THR B 512 -6.47 58.09 -18.72
N LEU B 513 -5.34 57.45 -18.46
CA LEU B 513 -4.08 57.90 -19.03
C LEU B 513 -4.13 57.84 -20.55
N TRP B 514 -4.78 56.80 -21.09
CA TRP B 514 -4.93 56.73 -22.55
C TRP B 514 -5.79 57.86 -23.08
N ASN B 515 -6.86 58.22 -22.36
CA ASN B 515 -7.68 59.35 -22.77
C ASN B 515 -6.88 60.64 -22.82
N GLU B 516 -6.00 60.84 -21.83
CA GLU B 516 -5.20 62.06 -21.83
C GLU B 516 -4.11 62.04 -22.89
N ALA B 517 -3.47 60.89 -23.12
CA ALA B 517 -2.45 60.83 -24.16
C ALA B 517 -3.07 61.00 -25.55
N ARG B 518 -4.32 60.55 -25.72
CA ARG B 518 -4.95 60.59 -27.04
C ARG B 518 -5.02 62.01 -27.59
N LYS B 519 -5.19 63.01 -26.74
CA LYS B 519 -5.26 64.38 -27.21
C LYS B 519 -3.89 64.94 -27.56
N LEU B 520 -2.83 64.51 -26.87
CA LEU B 520 -1.51 65.09 -27.09
C LEU B 520 -0.94 64.70 -28.46
N ASN B 521 -1.23 63.47 -28.91
CA ASN B 521 -0.69 62.97 -30.17
C ASN B 521 -1.60 61.86 -30.68
N PRO B 522 -2.73 62.24 -31.30
CA PRO B 522 -3.68 61.21 -31.76
C PRO B 522 -3.08 60.21 -32.73
N ASN B 523 -2.03 60.58 -33.46
CA ASN B 523 -1.42 59.64 -34.42
C ASN B 523 -0.88 58.41 -33.72
N ALA B 524 -0.06 58.60 -32.68
CA ALA B 524 0.62 57.46 -32.06
C ALA B 524 -0.34 56.57 -31.29
N ILE B 525 -1.25 57.18 -30.52
CA ILE B 525 -2.26 56.39 -29.81
C ILE B 525 -3.20 55.68 -30.78
N ALA B 526 -3.54 56.34 -31.89
CA ALA B 526 -4.33 55.66 -32.92
C ALA B 526 -3.60 54.46 -33.48
N SER B 527 -2.31 54.62 -33.77
CA SER B 527 -1.53 53.52 -34.33
C SER B 527 -1.42 52.36 -33.35
N ALA B 528 -1.19 52.66 -32.07
CA ALA B 528 -1.00 51.58 -31.10
C ALA B 528 -2.32 50.89 -30.76
N THR B 529 -3.44 51.64 -30.75
CA THR B 529 -4.70 51.04 -30.35
C THR B 529 -5.40 50.34 -31.50
N VAL B 530 -5.42 50.97 -32.68
CA VAL B 530 -6.04 50.34 -33.85
C VAL B 530 -5.25 49.10 -34.27
N GLY B 531 -3.93 49.15 -34.14
CA GLY B 531 -3.07 48.04 -34.49
C GLY B 531 -2.32 48.21 -35.80
N ARG B 532 -2.65 49.24 -36.58
CA ARG B 532 -1.99 49.51 -37.85
C ARG B 532 -1.65 51.00 -37.91
N ARG B 533 -0.59 51.32 -38.65
CA ARG B 533 -0.10 52.70 -38.72
C ARG B 533 -1.12 53.60 -39.38
N VAL B 534 -1.76 54.47 -38.60
CA VAL B 534 -2.90 55.25 -39.05
C VAL B 534 -2.78 56.67 -38.53
N SER B 535 -3.05 57.65 -39.39
CA SER B 535 -3.12 59.03 -38.97
C SER B 535 -4.48 59.31 -38.34
N ALA B 536 -4.49 60.20 -37.35
CA ALA B 536 -5.71 60.45 -36.61
C ALA B 536 -5.77 61.91 -36.17
N ARG B 537 -6.98 62.35 -35.85
CA ARG B 537 -7.19 63.69 -35.34
C ARG B 537 -8.38 63.70 -34.40
N MET B 538 -8.26 64.50 -33.34
CA MET B 538 -9.34 64.64 -32.37
C MET B 538 -10.53 65.33 -33.01
N LEU B 539 -11.64 64.61 -33.15
CA LEU B 539 -12.85 65.15 -33.73
C LEU B 539 -13.89 65.12 -32.61
N GLY B 540 -14.12 66.27 -31.98
CA GLY B 540 -14.96 66.30 -30.80
C GLY B 540 -14.34 65.45 -29.70
N ASP B 541 -15.13 64.49 -29.20
CA ASP B 541 -14.66 63.52 -28.22
C ASP B 541 -14.43 62.14 -28.82
N VAL B 542 -14.32 62.05 -30.15
CA VAL B 542 -13.97 60.79 -30.79
C VAL B 542 -12.74 61.02 -31.66
N MET B 543 -12.29 59.98 -32.36
CA MET B 543 -11.08 60.06 -33.15
C MET B 543 -11.41 59.81 -34.62
N ALA B 544 -11.01 60.73 -35.50
CA ALA B 544 -11.13 60.50 -36.93
C ALA B 544 -9.83 59.90 -37.43
N VAL B 545 -9.91 58.74 -38.09
CA VAL B 545 -8.71 58.00 -38.46
C VAL B 545 -8.70 57.78 -39.97
N SER B 546 -7.48 57.66 -40.51
CA SER B 546 -7.27 57.39 -41.92
C SER B 546 -5.97 56.62 -42.09
N THR B 547 -6.00 55.60 -42.94
CA THR B 547 -4.84 54.72 -43.11
C THR B 547 -3.67 55.48 -43.72
N CYS B 548 -2.48 55.28 -43.14
CA CYS B 548 -1.25 55.81 -43.70
C CYS B 548 -0.75 54.86 -44.79
N VAL B 549 -0.26 55.44 -45.88
CA VAL B 549 0.17 54.67 -47.05
C VAL B 549 1.69 54.47 -46.94
N PRO B 550 2.18 53.23 -46.97
CA PRO B 550 3.61 52.99 -46.75
C PRO B 550 4.47 53.49 -47.89
N VAL B 551 5.72 53.81 -47.56
CA VAL B 551 6.74 54.23 -48.52
C VAL B 551 8.02 53.47 -48.20
N ALA B 552 8.63 52.89 -49.24
CA ALA B 552 9.93 52.25 -49.06
C ALA B 552 10.99 53.28 -48.73
N PRO B 553 11.99 52.86 -47.97
CA PRO B 553 13.01 53.79 -47.50
C PRO B 553 13.90 54.28 -48.62
N ASP B 554 14.09 53.46 -49.66
CA ASP B 554 15.05 53.80 -50.72
C ASP B 554 14.62 55.02 -51.52
N ASN B 555 13.35 55.41 -51.48
CA ASN B 555 12.84 56.57 -52.20
C ASN B 555 12.74 57.81 -51.31
N VAL B 556 13.61 57.92 -50.30
CA VAL B 556 13.61 59.02 -49.35
C VAL B 556 15.00 59.63 -49.34
N ILE B 557 15.08 60.95 -49.52
CA ILE B 557 16.35 61.66 -49.44
C ILE B 557 16.15 62.89 -48.56
N VAL B 558 16.94 63.01 -47.51
CA VAL B 558 16.84 64.13 -46.59
C VAL B 558 17.65 65.30 -47.14
N GLN B 559 17.08 66.50 -47.04
CA GLN B 559 17.77 67.69 -47.50
C GLN B 559 18.96 68.01 -46.58
N ASN B 560 19.83 68.90 -47.07
CA ASN B 560 21.08 69.21 -46.40
C ASN B 560 20.94 70.32 -45.36
N SER B 561 20.07 71.28 -45.60
CA SER B 561 19.98 72.48 -44.77
C SER B 561 18.62 72.52 -44.07
N MET B 562 18.63 72.80 -42.77
CA MET B 562 17.41 72.92 -41.99
C MET B 562 16.92 74.35 -41.84
N ARG B 563 17.76 75.35 -42.13
CA ARG B 563 17.29 76.73 -42.14
C ARG B 563 16.38 76.96 -43.34
N VAL B 564 15.56 78.00 -43.25
CA VAL B 564 14.76 78.48 -44.37
C VAL B 564 15.35 79.79 -44.85
N SER B 565 15.61 79.90 -46.15
CA SER B 565 16.35 81.03 -46.70
C SER B 565 15.45 82.18 -47.13
N SER B 566 14.13 81.97 -47.17
CA SER B 566 13.24 83.03 -47.63
C SER B 566 13.18 84.19 -46.63
N ARG B 567 13.20 83.88 -45.34
CA ARG B 567 13.20 84.92 -44.31
C ARG B 567 14.28 84.65 -43.27
N PRO B 568 14.91 85.69 -42.75
CA PRO B 568 16.00 85.50 -41.77
C PRO B 568 15.48 85.51 -40.34
N GLY B 569 16.03 84.59 -39.55
CA GLY B 569 15.63 84.46 -38.16
C GLY B 569 14.62 83.37 -37.89
N THR B 570 14.28 82.55 -38.89
CA THR B 570 13.39 81.42 -38.72
C THR B 570 13.99 80.22 -39.44
N CYS B 571 13.67 79.03 -38.93
CA CYS B 571 14.32 77.79 -39.28
C CYS B 571 13.25 76.71 -39.30
N TYR B 572 13.53 75.62 -40.01
CA TYR B 572 12.67 74.45 -39.92
C TYR B 572 12.98 73.71 -38.62
N SER B 573 11.91 73.32 -37.91
CA SER B 573 12.08 72.63 -36.64
C SER B 573 12.46 71.16 -36.81
N ARG B 574 12.41 70.64 -38.04
CA ARG B 574 12.66 69.23 -38.30
C ARG B 574 13.10 69.13 -39.75
N PRO B 575 14.09 68.29 -40.08
CA PRO B 575 14.70 68.37 -41.41
C PRO B 575 13.72 68.09 -42.53
N LEU B 576 13.93 68.80 -43.64
CA LEU B 576 13.13 68.60 -44.84
C LEU B 576 13.55 67.31 -45.54
N VAL B 577 12.62 66.78 -46.35
CA VAL B 577 12.83 65.53 -47.07
C VAL B 577 12.25 65.71 -48.47
N SER B 578 12.78 64.94 -49.42
CA SER B 578 12.15 64.75 -50.72
C SER B 578 11.92 63.25 -50.90
N PHE B 579 10.67 62.88 -51.18
CA PHE B 579 10.29 61.49 -51.28
C PHE B 579 9.44 61.29 -52.52
N ARG B 580 9.53 60.09 -53.09
CA ARG B 580 8.68 59.69 -54.20
C ARG B 580 8.00 58.37 -53.82
N TYR B 581 6.68 58.32 -53.98
CA TYR B 581 5.91 57.17 -53.53
C TYR B 581 6.39 55.89 -54.21
N GLU B 582 6.29 55.83 -55.53
CA GLU B 582 6.89 54.76 -56.31
C GLU B 582 8.22 55.21 -56.89
N ASP B 583 8.90 54.28 -57.57
CA ASP B 583 10.24 54.58 -58.07
C ASP B 583 10.22 55.56 -59.24
N GLN B 584 9.13 55.60 -60.00
CA GLN B 584 9.07 56.40 -61.22
C GLN B 584 8.17 57.63 -61.09
N GLY B 585 7.69 57.94 -59.90
CA GLY B 585 6.78 59.06 -59.73
C GLY B 585 7.52 60.35 -59.51
N PRO B 586 6.75 61.44 -59.39
CA PRO B 586 7.36 62.76 -59.16
C PRO B 586 7.94 62.84 -57.75
N LEU B 587 9.21 63.24 -57.66
CA LEU B 587 9.85 63.33 -56.31
C LEU B 587 9.23 64.51 -55.56
N ILE B 588 8.39 64.24 -54.56
CA ILE B 588 7.66 65.32 -53.83
C ILE B 588 8.52 65.86 -52.68
N GLU B 589 8.65 67.19 -52.60
CA GLU B 589 9.39 67.79 -51.46
C GLU B 589 8.41 68.05 -50.31
N GLY B 590 8.77 67.68 -49.08
CA GLY B 590 7.97 67.88 -47.90
C GLY B 590 8.86 67.94 -46.67
N GLN B 591 8.23 67.79 -45.51
CA GLN B 591 8.94 67.84 -44.25
C GLN B 591 8.81 66.50 -43.53
N LEU B 592 9.91 66.05 -42.96
CA LEU B 592 9.88 64.82 -42.17
C LEU B 592 8.96 64.99 -40.97
N GLY B 593 8.30 63.90 -40.58
CA GLY B 593 7.43 63.87 -39.44
C GLY B 593 7.99 63.04 -38.31
N GLU B 594 7.11 62.69 -37.38
CA GLU B 594 7.49 61.90 -36.22
C GLU B 594 7.33 60.41 -36.51
N ASN B 595 8.32 59.63 -36.07
CA ASN B 595 8.34 58.18 -36.26
C ASN B 595 8.24 57.82 -37.74
N ASN B 596 9.15 58.39 -38.54
CA ASN B 596 9.29 58.13 -39.96
C ASN B 596 8.06 58.52 -40.77
N GLU B 597 7.29 59.51 -40.31
CA GLU B 597 6.25 60.09 -41.14
C GLU B 597 6.89 60.97 -42.21
N LEU B 598 6.28 61.01 -43.38
CA LEU B 598 6.68 61.91 -44.46
C LEU B 598 5.46 62.77 -44.81
N ARG B 599 5.54 64.06 -44.48
CA ARG B 599 4.42 64.96 -44.62
C ARG B 599 4.49 65.68 -45.97
N LEU B 600 3.47 66.49 -46.26
CA LEU B 600 3.35 67.15 -47.55
C LEU B 600 3.62 68.64 -47.51
N THR B 601 3.48 69.29 -46.35
CA THR B 601 3.63 70.73 -46.23
C THR B 601 4.80 71.05 -45.32
N ARG B 602 5.61 72.04 -45.73
CA ARG B 602 6.78 72.48 -44.96
C ARG B 602 6.38 73.73 -44.18
N ASP B 603 5.79 73.52 -43.00
CA ASP B 603 5.24 74.63 -42.23
C ASP B 603 5.65 74.62 -40.76
N ALA B 604 6.40 73.63 -40.30
CA ALA B 604 6.85 73.57 -38.91
C ALA B 604 8.10 74.44 -38.78
N LEU B 605 7.87 75.74 -38.60
CA LEU B 605 8.93 76.73 -38.58
C LEU B 605 9.04 77.30 -37.17
N GLU B 606 10.23 77.20 -36.60
CA GLU B 606 10.56 77.80 -35.30
C GLU B 606 11.64 78.87 -35.49
N PRO B 607 11.69 79.88 -34.63
CA PRO B 607 12.81 80.83 -34.71
C PRO B 607 14.13 80.11 -34.51
N CYS B 608 15.14 80.51 -35.28
CA CYS B 608 16.45 79.89 -35.18
C CYS B 608 17.09 80.18 -33.83
N THR B 609 17.94 79.27 -33.39
CA THR B 609 18.59 79.39 -32.09
C THR B 609 19.99 78.81 -32.18
N VAL B 610 20.89 79.33 -31.34
CA VAL B 610 22.26 78.83 -31.28
C VAL B 610 22.27 77.50 -30.55
N GLY B 611 23.36 76.77 -30.66
CA GLY B 611 23.49 75.47 -30.00
C GLY B 611 22.46 74.46 -30.46
N HIS B 612 22.12 74.47 -31.75
CA HIS B 612 21.15 73.53 -32.29
C HIS B 612 21.82 72.17 -32.47
N ARG B 613 21.31 71.16 -31.77
CA ARG B 613 21.84 69.80 -31.86
C ARG B 613 20.66 68.85 -31.71
N ARG B 614 20.36 68.09 -32.76
CA ARG B 614 19.09 67.37 -32.81
C ARG B 614 19.28 66.00 -33.43
N TYR B 615 18.64 65.00 -32.83
CA TYR B 615 18.49 63.68 -33.44
C TYR B 615 17.06 63.49 -33.90
N PHE B 616 16.88 62.76 -34.99
CA PHE B 616 15.56 62.52 -35.56
C PHE B 616 15.46 61.08 -36.05
N ILE B 617 14.29 60.48 -35.88
CA ILE B 617 14.09 59.08 -36.35
C ILE B 617 14.24 59.07 -37.88
N PHE B 618 15.25 58.38 -38.39
CA PHE B 618 15.44 58.29 -39.86
C PHE B 618 15.54 56.82 -40.25
N GLY B 619 14.49 56.29 -40.87
CA GLY B 619 14.52 54.88 -41.23
C GLY B 619 14.66 54.01 -39.99
N GLY B 620 15.66 53.14 -40.00
CA GLY B 620 15.95 52.28 -38.88
C GLY B 620 16.92 52.85 -37.87
N GLY B 621 17.31 54.12 -38.00
CA GLY B 621 18.22 54.73 -37.06
C GLY B 621 17.89 56.18 -36.78
N TYR B 622 18.90 56.98 -36.46
CA TYR B 622 18.72 58.40 -36.24
C TYR B 622 19.58 59.19 -37.22
N VAL B 623 19.16 60.43 -37.44
CA VAL B 623 19.94 61.42 -38.19
C VAL B 623 20.22 62.58 -37.25
N TYR B 624 21.47 63.03 -37.22
CA TYR B 624 21.94 64.05 -36.28
C TYR B 624 22.32 65.29 -37.06
N PHE B 625 21.76 66.42 -36.63
CA PHE B 625 21.94 67.74 -37.21
C PHE B 625 22.57 68.66 -36.17
N GLU B 626 23.52 69.48 -36.60
CA GLU B 626 24.16 70.46 -35.73
C GLU B 626 24.14 71.81 -36.44
N GLU B 627 23.55 72.81 -35.78
CA GLU B 627 23.39 74.16 -36.33
C GLU B 627 22.62 74.14 -37.64
N TYR B 628 21.49 73.43 -37.64
CA TYR B 628 20.56 73.38 -38.77
C TYR B 628 21.26 72.94 -40.06
N ALA B 629 22.19 72.01 -39.93
CA ALA B 629 22.90 71.45 -41.07
C ALA B 629 23.02 69.94 -40.89
N TYR B 630 22.80 69.20 -41.97
CA TYR B 630 22.88 67.74 -41.88
C TYR B 630 24.28 67.33 -41.49
N SER B 631 24.43 66.72 -40.31
CA SER B 631 25.74 66.30 -39.85
C SER B 631 26.02 64.85 -40.23
N HIS B 632 25.22 63.90 -39.72
CA HIS B 632 25.44 62.50 -40.12
C HIS B 632 24.33 61.62 -39.56
N GLN B 633 24.13 60.47 -40.21
CA GLN B 633 23.27 59.45 -39.64
C GLN B 633 24.05 58.56 -38.67
N LEU B 634 23.30 57.83 -37.85
CA LEU B 634 23.86 56.91 -36.87
C LEU B 634 22.84 55.83 -36.58
N SER B 635 23.33 54.70 -36.07
CA SER B 635 22.47 53.59 -35.71
C SER B 635 21.85 53.83 -34.34
N ARG B 636 20.76 53.10 -34.07
CA ARG B 636 20.15 53.17 -32.76
C ARG B 636 21.06 52.60 -31.69
N ALA B 637 21.94 51.67 -32.05
CA ALA B 637 22.88 51.10 -31.08
C ALA B 637 23.87 52.14 -30.57
N ASP B 638 24.05 53.25 -31.28
CA ASP B 638 24.94 54.32 -30.82
C ASP B 638 24.34 55.14 -29.70
N VAL B 639 23.02 55.04 -29.46
CA VAL B 639 22.36 55.78 -28.39
C VAL B 639 22.14 54.83 -27.23
N THR B 640 22.51 55.26 -26.03
CA THR B 640 22.31 54.44 -24.84
C THR B 640 20.82 54.23 -24.60
N THR B 641 20.47 53.03 -24.15
CA THR B 641 19.08 52.60 -24.02
C THR B 641 18.69 52.55 -22.55
N VAL B 642 17.65 53.29 -22.19
CA VAL B 642 16.99 53.17 -20.90
C VAL B 642 15.62 52.54 -21.13
N SER B 643 15.19 51.73 -20.18
CA SER B 643 13.98 50.94 -20.34
C SER B 643 12.85 51.51 -19.48
N THR B 644 11.69 51.68 -20.09
CA THR B 644 10.45 51.96 -19.37
C THR B 644 9.70 50.69 -18.99
N PHE B 645 10.15 49.53 -19.45
CA PHE B 645 9.48 48.28 -19.15
C PHE B 645 9.84 47.78 -17.76
N ILE B 646 8.86 47.24 -17.07
CA ILE B 646 9.09 46.52 -15.82
C ILE B 646 9.37 45.06 -16.15
N ASP B 647 10.47 44.55 -15.64
CA ASP B 647 10.83 43.15 -15.89
C ASP B 647 9.96 42.22 -15.07
N LEU B 648 9.62 41.08 -15.66
CA LEU B 648 8.96 40.00 -14.94
C LEU B 648 9.37 38.69 -15.60
N ASN B 649 10.01 37.83 -14.83
CA ASN B 649 10.63 36.61 -15.33
C ASN B 649 9.82 35.42 -14.83
N ILE B 650 8.95 34.89 -15.68
CA ILE B 650 8.17 33.70 -15.38
C ILE B 650 8.80 32.52 -16.11
N THR B 651 9.08 31.46 -15.36
CA THR B 651 9.59 30.22 -15.93
C THR B 651 8.58 29.11 -15.68
N MET B 652 8.50 28.18 -16.62
CA MET B 652 7.58 27.07 -16.50
C MET B 652 8.08 26.06 -15.49
N LEU B 653 7.14 25.43 -14.79
CA LEU B 653 7.46 24.26 -13.98
C LEU B 653 7.79 23.10 -14.90
N GLU B 654 8.98 22.53 -14.74
CA GLU B 654 9.45 21.52 -15.68
C GLU B 654 8.74 20.19 -15.45
N ASP B 655 8.88 19.30 -16.42
CA ASP B 655 8.31 17.96 -16.30
C ASP B 655 8.99 17.19 -15.18
N HIS B 656 8.23 16.33 -14.52
CA HIS B 656 8.80 15.45 -13.52
C HIS B 656 8.26 14.04 -13.72
N GLU B 657 9.14 13.05 -13.59
CA GLU B 657 8.79 11.65 -13.75
C GLU B 657 8.79 10.97 -12.38
N PHE B 658 7.66 10.35 -12.04
CA PHE B 658 7.54 9.58 -10.80
C PHE B 658 7.74 8.10 -11.12
N VAL B 659 8.81 7.52 -10.57
CA VAL B 659 9.09 6.10 -10.75
C VAL B 659 8.27 5.30 -9.74
N PRO B 660 7.95 4.04 -10.01
CA PRO B 660 7.37 3.20 -8.97
C PRO B 660 8.32 3.06 -7.78
N LEU B 661 7.76 3.08 -6.57
CA LEU B 661 8.59 3.04 -5.37
C LEU B 661 7.77 2.45 -4.23
N GLU B 662 8.26 1.33 -3.70
CA GLU B 662 7.63 0.66 -2.56
C GLU B 662 8.67 0.45 -1.48
N VAL B 663 8.24 0.55 -0.22
CA VAL B 663 9.13 0.20 0.90
C VAL B 663 9.40 -1.29 0.90
N TYR B 664 8.33 -2.10 0.78
CA TYR B 664 8.45 -3.55 0.66
C TYR B 664 7.53 -4.03 -0.45
N THR B 665 8.03 -4.90 -1.31
CA THR B 665 7.22 -5.54 -2.33
C THR B 665 6.36 -6.64 -1.71
N ARG B 666 5.45 -7.21 -2.50
CA ARG B 666 4.69 -8.35 -2.01
C ARG B 666 5.60 -9.54 -1.74
N HIS B 667 6.61 -9.73 -2.59
CA HIS B 667 7.55 -10.81 -2.36
C HIS B 667 8.23 -10.67 -1.01
N GLU B 668 8.63 -9.46 -0.64
CA GLU B 668 9.25 -9.23 0.65
C GLU B 668 8.27 -9.47 1.80
N ILE B 669 7.02 -9.02 1.64
CA ILE B 669 6.02 -9.23 2.70
C ILE B 669 5.75 -10.71 2.89
N LYS B 670 5.61 -11.45 1.79
CA LYS B 670 5.36 -12.89 1.90
C LYS B 670 6.57 -13.62 2.47
N ASP B 671 7.77 -13.19 2.09
CA ASP B 671 9.00 -13.82 2.56
C ASP B 671 9.30 -13.49 4.02
N SER B 672 8.68 -12.47 4.60
CA SER B 672 8.95 -12.16 6.00
C SER B 672 8.36 -13.20 6.95
N GLY B 673 7.53 -14.12 6.44
CA GLY B 673 7.06 -15.22 7.27
C GLY B 673 8.14 -16.29 7.43
N LEU B 674 8.16 -16.91 8.62
CA LEU B 674 9.23 -17.85 8.93
C LEU B 674 8.99 -19.21 8.30
N LEU B 675 7.76 -19.71 8.39
CA LEU B 675 7.34 -20.91 7.68
C LEU B 675 6.19 -20.58 6.74
N ASP B 676 6.28 -21.08 5.52
CA ASP B 676 5.20 -21.00 4.55
C ASP B 676 4.48 -22.34 4.53
N TYR B 677 3.20 -22.34 4.88
CA TYR B 677 2.45 -23.59 4.99
C TYR B 677 2.40 -24.32 3.65
N THR B 678 2.19 -23.57 2.55
CA THR B 678 2.10 -24.19 1.24
C THR B 678 3.40 -24.90 0.88
N GLU B 679 4.54 -24.24 1.09
CA GLU B 679 5.81 -24.84 0.68
C GLU B 679 6.22 -25.98 1.61
N VAL B 680 5.91 -25.88 2.90
CA VAL B 680 6.17 -26.99 3.81
C VAL B 680 5.37 -28.21 3.39
N GLN B 681 4.08 -28.02 3.09
CA GLN B 681 3.27 -29.15 2.64
C GLN B 681 3.76 -29.69 1.30
N ARG B 682 4.14 -28.81 0.39
CA ARG B 682 4.62 -29.22 -0.92
C ARG B 682 5.87 -30.07 -0.81
N ARG B 683 6.79 -29.68 0.08
CA ARG B 683 8.00 -30.48 0.26
C ARG B 683 7.71 -31.77 1.01
N ASN B 684 6.91 -31.70 2.08
CA ASN B 684 6.66 -32.86 2.91
C ASN B 684 5.91 -33.95 2.16
N GLN B 685 4.97 -33.59 1.28
CA GLN B 685 4.19 -34.59 0.56
C GLN B 685 4.90 -35.12 -0.67
N LEU B 686 6.12 -34.65 -0.95
CA LEU B 686 6.99 -35.24 -1.95
C LEU B 686 7.90 -36.32 -1.36
N HIS B 687 7.75 -36.62 -0.07
CA HIS B 687 8.70 -37.50 0.61
C HIS B 687 8.71 -38.90 0.01
N ASP B 688 7.53 -39.46 -0.24
CA ASP B 688 7.49 -40.81 -0.79
C ASP B 688 7.90 -40.86 -2.25
N LEU B 689 7.60 -39.80 -3.01
CA LEU B 689 8.05 -39.72 -4.39
C LEU B 689 9.56 -39.58 -4.48
N ARG B 690 10.18 -39.03 -3.44
CA ARG B 690 11.64 -38.84 -3.45
C ARG B 690 12.39 -40.03 -2.89
N PHE B 691 12.00 -40.51 -1.71
CA PHE B 691 12.78 -41.48 -0.96
C PHE B 691 12.15 -42.86 -0.92
N ALA B 692 10.97 -43.03 -1.49
CA ALA B 692 10.26 -44.30 -1.41
C ALA B 692 9.88 -44.77 -2.81
N ASP B 693 9.22 -45.92 -2.86
CA ASP B 693 8.67 -46.48 -4.08
C ASP B 693 7.18 -46.71 -3.83
N ILE B 694 6.32 -46.01 -4.57
CA ILE B 694 4.89 -46.14 -4.34
C ILE B 694 4.22 -47.12 -5.29
N ASP B 695 4.93 -47.64 -6.29
CA ASP B 695 4.32 -48.50 -7.29
C ASP B 695 4.69 -49.96 -7.17
N THR B 696 5.84 -50.29 -6.59
CA THR B 696 6.26 -51.68 -6.52
C THR B 696 5.43 -52.45 -5.50
N VAL B 697 4.91 -53.60 -5.91
CA VAL B 697 4.15 -54.49 -5.04
C VAL B 697 4.95 -55.77 -4.89
N ILE B 698 5.43 -56.02 -3.68
CA ILE B 698 6.40 -57.11 -3.47
C ILE B 698 5.74 -58.48 -3.43
N ARG B 699 4.49 -58.57 -2.95
CA ARG B 699 3.74 -59.83 -2.83
C ARG B 699 4.33 -60.73 -1.74
N ASP C 83 11.46 62.94 -0.58
CA ASP C 83 12.62 63.65 -1.13
C ASP C 83 13.09 64.68 -0.11
N ALA C 84 13.90 64.23 0.84
CA ALA C 84 14.47 65.10 1.85
C ALA C 84 15.60 65.96 1.30
N ASN C 85 16.23 65.54 0.22
CA ASN C 85 17.43 66.19 -0.31
C ASN C 85 17.09 66.98 -1.55
N PHE C 86 17.42 68.26 -1.56
CA PHE C 86 17.18 69.11 -2.72
C PHE C 86 18.17 68.77 -3.84
N TYR C 87 17.89 69.28 -5.03
CA TYR C 87 18.79 69.08 -6.16
C TYR C 87 18.91 70.35 -6.98
N VAL C 88 20.11 70.59 -7.50
CA VAL C 88 20.35 71.65 -8.48
C VAL C 88 20.61 70.95 -9.81
N CYS C 89 19.81 71.30 -10.82
CA CYS C 89 19.82 70.59 -12.11
C CYS C 89 20.26 71.56 -13.19
N PRO C 90 21.54 71.61 -13.53
CA PRO C 90 21.98 72.42 -14.65
C PRO C 90 21.33 71.95 -15.94
N PRO C 91 21.00 72.87 -16.85
CA PRO C 91 20.35 72.47 -18.10
C PRO C 91 21.20 71.49 -18.86
N PRO C 92 20.58 70.44 -19.42
CA PRO C 92 21.37 69.38 -20.05
C PRO C 92 22.03 69.82 -21.34
N THR C 93 23.18 69.23 -21.62
CA THR C 93 23.83 69.30 -22.91
C THR C 93 23.84 67.90 -23.52
N GLY C 94 24.09 67.83 -24.83
CA GLY C 94 24.08 66.55 -25.51
C GLY C 94 25.36 65.76 -25.32
N ALA C 95 26.04 65.97 -24.20
CA ALA C 95 27.18 65.12 -23.86
C ALA C 95 26.72 63.69 -23.61
N THR C 96 25.57 63.52 -22.97
CA THR C 96 24.97 62.21 -22.73
C THR C 96 23.55 62.23 -23.27
N VAL C 97 23.23 61.26 -24.14
CA VAL C 97 21.93 61.17 -24.77
C VAL C 97 21.39 59.75 -24.58
N VAL C 98 20.09 59.64 -24.35
CA VAL C 98 19.45 58.36 -24.07
C VAL C 98 18.22 58.19 -24.96
N GLN C 99 17.79 56.93 -25.10
CA GLN C 99 16.62 56.57 -25.87
C GLN C 99 15.82 55.54 -25.10
N PHE C 100 14.53 55.47 -25.37
CA PHE C 100 13.67 54.46 -24.78
C PHE C 100 13.83 53.13 -25.50
N GLU C 101 13.84 52.05 -24.74
CA GLU C 101 13.87 50.72 -25.34
C GLU C 101 12.60 50.48 -26.14
N GLN C 102 12.77 49.99 -27.36
CA GLN C 102 11.64 49.73 -28.22
C GLN C 102 10.95 48.42 -27.82
N PRO C 103 9.70 48.20 -28.24
CA PRO C 103 8.94 47.05 -27.72
C PRO C 103 9.65 45.72 -27.91
N ARG C 104 9.58 44.88 -26.88
CA ARG C 104 10.18 43.56 -26.92
C ARG C 104 9.28 42.58 -27.66
N ARG C 105 9.89 41.50 -28.14
CA ARG C 105 9.12 40.41 -28.74
C ARG C 105 8.47 39.60 -27.63
N CYS C 106 7.15 39.59 -27.61
CA CYS C 106 6.42 38.96 -26.52
C CYS C 106 6.48 37.44 -26.64
N PRO C 107 6.34 36.74 -25.52
CA PRO C 107 6.22 35.28 -25.57
C PRO C 107 4.93 34.88 -26.26
N THR C 108 4.92 33.67 -26.82
CA THR C 108 3.73 33.13 -27.45
C THR C 108 3.19 31.99 -26.61
N ARG C 109 1.88 31.80 -26.67
CA ARG C 109 1.25 30.65 -26.05
C ARG C 109 1.76 29.39 -26.74
N PRO C 110 2.34 28.44 -26.00
CA PRO C 110 2.82 27.21 -26.65
C PRO C 110 1.69 26.47 -27.34
N GLU C 111 2.08 25.61 -28.30
CA GLU C 111 1.11 24.96 -29.17
C GLU C 111 0.06 24.19 -28.37
N GLY C 112 0.42 23.67 -27.21
CA GLY C 112 -0.43 22.78 -26.48
C GLY C 112 -0.20 21.32 -26.86
N GLN C 113 -0.64 20.43 -25.99
CA GLN C 113 -0.46 19.01 -26.19
C GLN C 113 -1.58 18.46 -27.06
N ASN C 114 -1.22 17.59 -28.00
CA ASN C 114 -2.19 16.88 -28.81
C ASN C 114 -2.56 15.58 -28.12
N TYR C 115 -3.87 15.33 -27.99
CA TYR C 115 -4.38 14.13 -27.34
C TYR C 115 -5.18 13.29 -28.33
N THR C 116 -4.94 11.99 -28.28
CA THR C 116 -5.75 11.02 -29.01
C THR C 116 -6.76 10.42 -28.05
N GLU C 117 -8.04 10.49 -28.42
CA GLU C 117 -9.07 9.83 -27.65
C GLU C 117 -9.04 8.33 -27.91
N GLY C 118 -9.46 7.55 -26.92
CA GLY C 118 -9.49 6.12 -27.09
C GLY C 118 -10.04 5.42 -25.87
N ILE C 119 -10.31 4.14 -26.06
CA ILE C 119 -10.70 3.25 -24.97
C ILE C 119 -9.48 2.46 -24.55
N ALA C 120 -9.36 2.17 -23.26
CA ALA C 120 -8.25 1.38 -22.77
C ALA C 120 -8.73 0.27 -21.86
N VAL C 121 -8.00 -0.83 -21.88
CA VAL C 121 -8.11 -1.89 -20.88
C VAL C 121 -6.72 -2.07 -20.29
N VAL C 122 -6.62 -1.91 -18.97
CA VAL C 122 -5.36 -2.03 -18.26
C VAL C 122 -5.34 -3.38 -17.56
N PHE C 123 -4.31 -4.17 -17.88
CA PHE C 123 -4.08 -5.50 -17.34
C PHE C 123 -2.91 -5.45 -16.37
N LYS C 124 -3.05 -6.16 -15.26
CA LYS C 124 -2.00 -6.35 -14.27
C LYS C 124 -1.54 -7.79 -14.31
N GLU C 125 -0.39 -8.05 -13.70
CA GLU C 125 0.08 -9.41 -13.53
C GLU C 125 -0.95 -10.21 -12.74
N ASN C 126 -1.26 -11.42 -13.22
CA ASN C 126 -2.22 -12.27 -12.52
C ASN C 126 -1.54 -12.90 -11.32
N ILE C 127 -2.11 -12.69 -10.14
CA ILE C 127 -1.67 -13.36 -8.93
C ILE C 127 -2.70 -14.33 -8.40
N ALA C 128 -3.87 -14.41 -9.02
CA ALA C 128 -4.92 -15.32 -8.59
C ALA C 128 -4.61 -16.74 -9.06
N PRO C 129 -4.65 -17.73 -8.17
CA PRO C 129 -4.49 -19.11 -8.62
C PRO C 129 -5.63 -19.55 -9.52
N TYR C 130 -5.31 -20.41 -10.48
CA TYR C 130 -6.32 -21.12 -11.23
C TYR C 130 -7.15 -22.01 -10.31
N LYS C 131 -8.46 -21.93 -10.43
CA LYS C 131 -9.39 -22.65 -9.57
C LYS C 131 -10.27 -23.56 -10.40
N PHE C 132 -10.51 -24.77 -9.90
CA PHE C 132 -11.41 -25.70 -10.58
C PHE C 132 -12.00 -26.67 -9.56
N LYS C 133 -12.94 -27.48 -10.03
CA LYS C 133 -13.66 -28.40 -9.17
C LYS C 133 -13.07 -29.80 -9.30
N ALA C 134 -12.96 -30.50 -8.17
CA ALA C 134 -12.47 -31.87 -8.16
C ALA C 134 -13.35 -32.69 -7.23
N THR C 135 -13.21 -34.01 -7.33
CA THR C 135 -13.90 -34.94 -6.46
C THR C 135 -12.90 -35.96 -5.95
N MET C 136 -12.84 -36.10 -4.63
CA MET C 136 -12.01 -37.10 -3.98
C MET C 136 -12.85 -38.32 -3.67
N TYR C 137 -12.31 -39.50 -3.99
CA TYR C 137 -12.88 -40.79 -3.68
C TYR C 137 -11.83 -41.53 -2.86
N TYR C 138 -12.11 -41.77 -1.59
CA TYR C 138 -11.16 -42.50 -0.77
C TYR C 138 -11.94 -43.29 0.28
N LYS C 139 -11.20 -43.98 1.13
CA LYS C 139 -11.80 -44.85 2.14
C LYS C 139 -11.00 -44.70 3.42
N ASP C 140 -11.68 -44.27 4.47
CA ASP C 140 -11.09 -44.28 5.80
C ASP C 140 -11.04 -45.72 6.29
N VAL C 141 -9.84 -46.21 6.53
CA VAL C 141 -9.61 -47.56 7.03
C VAL C 141 -9.08 -47.43 8.45
N THR C 142 -9.83 -47.96 9.41
CA THR C 142 -9.44 -47.93 10.80
C THR C 142 -9.28 -49.36 11.31
N VAL C 143 -8.17 -49.64 11.96
CA VAL C 143 -7.98 -50.90 12.67
C VAL C 143 -7.74 -50.54 14.12
N SER C 144 -8.67 -50.92 14.99
CA SER C 144 -8.53 -50.69 16.42
C SER C 144 -8.08 -51.97 17.09
N GLN C 145 -7.06 -51.87 17.93
CA GLN C 145 -6.66 -52.95 18.83
C GLN C 145 -7.18 -52.60 20.22
N VAL C 146 -7.99 -53.49 20.77
CA VAL C 146 -8.62 -53.27 22.07
C VAL C 146 -8.20 -54.39 23.01
N TRP C 147 -7.67 -54.02 24.16
CA TRP C 147 -7.43 -54.96 25.25
C TRP C 147 -8.61 -54.90 26.19
N PHE C 148 -9.10 -56.07 26.59
CA PHE C 148 -10.26 -56.18 27.46
C PHE C 148 -9.80 -56.60 28.84
N GLY C 149 -9.75 -55.64 29.77
CA GLY C 149 -9.52 -55.94 31.16
C GLY C 149 -10.76 -56.46 31.83
N HIS C 150 -10.65 -56.71 33.14
CA HIS C 150 -11.78 -57.30 33.86
C HIS C 150 -12.97 -56.36 33.92
N ARG C 151 -12.73 -55.06 34.09
CA ARG C 151 -13.81 -54.09 34.24
C ARG C 151 -13.68 -52.90 33.29
N TYR C 152 -12.74 -52.94 32.34
CA TYR C 152 -12.52 -51.81 31.45
C TYR C 152 -11.98 -52.32 30.13
N SER C 153 -12.17 -51.51 29.09
CA SER C 153 -11.59 -51.74 27.78
C SER C 153 -10.64 -50.60 27.47
N GLN C 154 -9.50 -50.92 26.86
CA GLN C 154 -8.50 -49.91 26.53
C GLN C 154 -8.03 -50.09 25.10
N PHE C 155 -7.93 -48.99 24.38
CA PHE C 155 -7.33 -48.99 23.06
C PHE C 155 -5.83 -49.17 23.18
N MET C 156 -5.31 -50.29 22.67
CA MET C 156 -3.86 -50.46 22.59
C MET C 156 -3.27 -49.70 21.41
N GLY C 157 -4.05 -49.46 20.36
CA GLY C 157 -3.60 -48.75 19.19
C GLY C 157 -4.74 -48.56 18.19
N ILE C 158 -4.69 -47.49 17.42
CA ILE C 158 -5.70 -47.22 16.40
C ILE C 158 -4.96 -46.84 15.12
N PHE C 159 -4.85 -47.80 14.20
CA PHE C 159 -4.22 -47.56 12.91
C PHE C 159 -5.23 -46.89 11.97
N GLU C 160 -4.91 -45.70 11.51
CA GLU C 160 -5.77 -44.93 10.62
C GLU C 160 -5.07 -44.78 9.27
N ASP C 161 -5.81 -45.02 8.19
CA ASP C 161 -5.24 -44.96 6.86
C ASP C 161 -6.28 -44.43 5.89
N ARG C 162 -5.82 -43.78 4.84
CA ARG C 162 -6.66 -43.34 3.73
C ARG C 162 -6.30 -44.17 2.51
N ALA C 163 -7.27 -44.92 1.99
CA ALA C 163 -7.04 -45.75 0.84
C ALA C 163 -7.75 -45.19 -0.38
N PRO C 164 -7.10 -45.13 -1.53
CA PRO C 164 -7.78 -44.64 -2.73
C PRO C 164 -8.86 -45.61 -3.18
N VAL C 165 -9.91 -45.06 -3.77
CA VAL C 165 -10.97 -45.86 -4.40
C VAL C 165 -10.54 -46.14 -5.83
N PRO C 166 -10.36 -47.39 -6.22
CA PRO C 166 -9.84 -47.68 -7.57
C PRO C 166 -10.78 -47.20 -8.66
N PHE C 167 -10.18 -46.94 -9.83
CA PHE C 167 -10.92 -46.43 -10.98
C PHE C 167 -12.14 -47.29 -11.29
N GLU C 168 -11.98 -48.61 -11.26
CA GLU C 168 -13.09 -49.50 -11.60
C GLU C 168 -14.24 -49.36 -10.63
N GLU C 169 -13.95 -49.13 -9.35
CA GLU C 169 -15.03 -48.92 -8.38
C GLU C 169 -15.70 -47.57 -8.56
N VAL C 170 -14.93 -46.54 -8.90
CA VAL C 170 -15.52 -45.23 -9.19
C VAL C 170 -16.48 -45.31 -10.37
N ILE C 171 -16.08 -46.03 -11.42
CA ILE C 171 -16.90 -46.13 -12.62
C ILE C 171 -18.09 -47.05 -12.39
N ASP C 172 -17.84 -48.26 -11.89
CA ASP C 172 -18.84 -49.31 -11.86
C ASP C 172 -19.78 -49.25 -10.67
N LYS C 173 -19.36 -48.65 -9.55
CA LYS C 173 -20.16 -48.62 -8.33
C LYS C 173 -20.61 -47.22 -7.96
N ILE C 174 -19.69 -46.27 -7.83
CA ILE C 174 -20.05 -44.96 -7.30
C ILE C 174 -20.82 -44.16 -8.33
N ASN C 175 -20.27 -44.02 -9.53
CA ASN C 175 -20.94 -43.24 -10.56
C ASN C 175 -22.12 -43.99 -11.18
N ALA C 176 -22.07 -45.32 -11.17
CA ALA C 176 -23.13 -46.11 -11.79
C ALA C 176 -24.32 -46.33 -10.85
N LYS C 177 -24.08 -46.55 -9.57
CA LYS C 177 -25.13 -46.90 -8.63
C LYS C 177 -25.16 -46.06 -7.36
N GLY C 178 -24.16 -45.20 -7.14
CA GLY C 178 -24.06 -44.51 -5.87
C GLY C 178 -23.75 -45.41 -4.70
N VAL C 179 -22.97 -46.47 -4.91
CA VAL C 179 -22.60 -47.39 -3.85
C VAL C 179 -21.08 -47.58 -3.84
N CYS C 180 -20.58 -48.07 -2.73
CA CYS C 180 -19.17 -48.35 -2.52
C CYS C 180 -19.01 -49.79 -2.05
N ARG C 181 -17.85 -50.37 -2.31
CA ARG C 181 -17.54 -51.66 -1.73
C ARG C 181 -17.18 -51.50 -0.27
N SER C 182 -17.64 -52.45 0.55
CA SER C 182 -17.31 -52.42 1.97
C SER C 182 -15.86 -52.78 2.24
N THR C 183 -15.13 -53.25 1.25
CA THR C 183 -13.73 -53.61 1.38
C THR C 183 -12.84 -52.56 0.74
N ALA C 184 -11.64 -52.43 1.27
CA ALA C 184 -10.61 -51.56 0.71
C ALA C 184 -9.40 -52.43 0.35
N LYS C 185 -9.12 -52.55 -0.93
CA LYS C 185 -7.97 -53.29 -1.44
C LYS C 185 -7.04 -52.29 -2.12
N TYR C 186 -5.82 -52.15 -1.59
CA TYR C 186 -4.97 -51.08 -2.08
C TYR C 186 -3.51 -51.38 -1.76
N VAL C 187 -2.62 -50.66 -2.41
CA VAL C 187 -1.18 -50.85 -2.24
C VAL C 187 -0.68 -49.83 -1.22
N ARG C 188 -0.19 -50.33 -0.09
CA ARG C 188 0.40 -49.50 0.95
C ARG C 188 1.72 -50.12 1.36
N ASN C 189 2.76 -49.29 1.45
CA ASN C 189 4.09 -49.74 1.89
C ASN C 189 4.57 -50.94 1.06
N ASN C 190 4.34 -50.88 -0.25
CA ASN C 190 4.76 -51.91 -1.20
C ASN C 190 4.07 -53.25 -0.92
N MET C 191 2.91 -53.18 -0.31
CA MET C 191 2.14 -54.41 -0.01
C MET C 191 0.67 -54.23 -0.38
N GLU C 192 0.10 -55.23 -1.01
CA GLU C 192 -1.33 -55.22 -1.29
C GLU C 192 -2.07 -55.60 -0.01
N THR C 193 -2.80 -54.66 0.55
CA THR C 193 -3.53 -54.85 1.79
C THR C 193 -5.03 -54.77 1.54
N THR C 194 -5.77 -55.64 2.21
CA THR C 194 -7.22 -55.73 2.08
C THR C 194 -7.84 -55.60 3.46
N ALA C 195 -8.77 -54.66 3.60
CA ALA C 195 -9.50 -54.44 4.84
C ALA C 195 -10.98 -54.64 4.57
N PHE C 196 -11.64 -55.41 5.45
CA PHE C 196 -13.07 -55.67 5.37
C PHE C 196 -13.79 -54.88 6.45
N HIS C 197 -14.81 -54.13 6.06
CA HIS C 197 -15.61 -53.40 7.03
C HIS C 197 -16.27 -54.37 8.01
N ARG C 198 -16.14 -54.08 9.30
CA ARG C 198 -16.62 -54.92 10.39
C ARG C 198 -16.04 -56.34 10.32
N ASP C 199 -14.94 -56.51 9.59
CA ASP C 199 -14.33 -57.82 9.35
C ASP C 199 -15.35 -58.81 8.80
N ASP C 200 -16.28 -58.31 7.98
CA ASP C 200 -17.38 -59.09 7.45
C ASP C 200 -17.17 -59.29 5.94
N HIS C 201 -18.10 -60.01 5.32
CA HIS C 201 -18.00 -60.28 3.90
C HIS C 201 -18.28 -59.02 3.08
N GLU C 202 -17.73 -58.99 1.87
CA GLU C 202 -17.93 -57.84 0.98
C GLU C 202 -19.39 -57.63 0.66
N THR C 203 -19.83 -56.38 0.77
CA THR C 203 -21.18 -55.98 0.38
C THR C 203 -21.10 -54.62 -0.30
N ASP C 204 -22.12 -54.32 -1.10
CA ASP C 204 -22.27 -52.98 -1.66
C ASP C 204 -23.05 -52.12 -0.66
N MET C 205 -22.49 -50.95 -0.32
CA MET C 205 -23.07 -50.10 0.70
C MET C 205 -23.40 -48.75 0.08
N GLU C 206 -24.60 -48.27 0.35
CA GLU C 206 -25.09 -47.05 -0.28
C GLU C 206 -24.38 -45.83 0.29
N LEU C 207 -24.04 -44.88 -0.58
CA LEU C 207 -23.48 -43.61 -0.17
C LEU C 207 -24.60 -42.67 0.22
N LYS C 208 -24.45 -42.01 1.35
CA LYS C 208 -25.47 -41.11 1.87
C LYS C 208 -24.84 -39.75 2.15
N PRO C 209 -25.63 -38.68 2.11
CA PRO C 209 -25.06 -37.35 2.37
C PRO C 209 -24.44 -37.28 3.76
N ALA C 210 -23.32 -36.57 3.84
CA ALA C 210 -22.64 -36.38 5.11
C ALA C 210 -23.38 -35.35 5.96
N LYS C 211 -23.11 -35.38 7.26
CA LYS C 211 -23.70 -34.42 8.17
C LYS C 211 -23.31 -33.01 7.76
N VAL C 212 -24.31 -32.13 7.67
CA VAL C 212 -24.08 -30.79 7.13
C VAL C 212 -23.21 -29.96 8.07
N ALA C 213 -22.29 -29.21 7.48
CA ALA C 213 -21.44 -28.27 8.19
C ALA C 213 -21.41 -26.96 7.42
N THR C 214 -21.43 -25.85 8.15
CA THR C 214 -21.48 -24.53 7.53
C THR C 214 -20.21 -24.29 6.71
N ARG C 215 -20.36 -23.59 5.58
CA ARG C 215 -19.25 -23.23 4.70
C ARG C 215 -18.43 -24.45 4.29
N THR C 216 -19.13 -25.54 4.00
CA THR C 216 -18.51 -26.80 3.63
C THR C 216 -19.17 -27.34 2.37
N SER C 217 -18.33 -27.88 1.49
CA SER C 217 -18.80 -28.46 0.23
C SER C 217 -19.49 -29.81 0.50
N ARG C 218 -19.97 -30.42 -0.58
CA ARG C 218 -20.81 -31.62 -0.47
C ARG C 218 -19.95 -32.86 -0.25
N GLY C 219 -20.44 -33.74 0.63
CA GLY C 219 -19.76 -34.98 0.93
C GLY C 219 -20.75 -36.10 1.13
N TRP C 220 -20.26 -37.32 0.90
CA TRP C 220 -21.04 -38.54 1.06
C TRP C 220 -20.16 -39.61 1.67
N HIS C 221 -20.79 -40.52 2.42
CA HIS C 221 -20.07 -41.61 3.06
C HIS C 221 -21.02 -42.78 3.28
N THR C 222 -20.46 -43.90 3.75
CA THR C 222 -21.23 -45.12 3.92
C THR C 222 -21.44 -45.52 5.38
N THR C 223 -20.52 -45.20 6.28
CA THR C 223 -20.62 -45.57 7.68
C THR C 223 -20.29 -44.37 8.56
N ASP C 224 -21.03 -44.20 9.65
CA ASP C 224 -20.72 -43.18 10.63
C ASP C 224 -20.32 -43.74 11.99
N LEU C 225 -20.27 -45.07 12.14
CA LEU C 225 -19.85 -45.70 13.38
C LEU C 225 -18.54 -46.44 13.16
N LYS C 226 -17.63 -46.31 14.12
CA LYS C 226 -16.43 -47.13 14.14
C LYS C 226 -16.77 -48.49 14.72
N TYR C 227 -16.26 -49.54 14.09
CA TYR C 227 -16.47 -50.90 14.56
C TYR C 227 -15.30 -51.33 15.44
N ASN C 228 -15.61 -51.79 16.63
CA ASN C 228 -14.60 -52.31 17.53
C ASN C 228 -14.95 -53.74 17.90
N PRO C 229 -13.94 -54.58 18.16
CA PRO C 229 -14.22 -55.99 18.48
C PRO C 229 -15.06 -56.13 19.74
N SER C 230 -15.93 -57.14 19.74
CA SER C 230 -16.74 -57.42 20.91
C SER C 230 -15.87 -57.90 22.06
N ARG C 231 -16.36 -57.70 23.28
CA ARG C 231 -15.59 -58.01 24.48
C ARG C 231 -15.30 -59.50 24.59
N VAL C 232 -14.03 -59.84 24.71
CA VAL C 232 -13.58 -61.13 25.23
C VAL C 232 -12.50 -60.85 26.26
N GLU C 233 -12.75 -61.24 27.51
CA GLU C 233 -11.89 -60.83 28.60
C GLU C 233 -10.49 -61.41 28.46
N ALA C 234 -9.50 -60.57 28.81
CA ALA C 234 -8.09 -60.95 28.82
C ALA C 234 -7.57 -61.30 27.42
N PHE C 235 -8.05 -60.60 26.39
CA PHE C 235 -7.55 -60.79 25.04
C PHE C 235 -7.34 -59.44 24.38
N HIS C 236 -6.30 -59.37 23.54
CA HIS C 236 -6.20 -58.31 22.54
C HIS C 236 -7.02 -58.72 21.33
N ARG C 237 -7.92 -57.85 20.89
CA ARG C 237 -8.74 -58.14 19.72
C ARG C 237 -8.69 -56.95 18.76
N TYR C 238 -8.96 -57.23 17.49
CA TYR C 238 -8.85 -56.22 16.44
C TYR C 238 -10.20 -56.01 15.77
N GLY C 239 -10.42 -54.78 15.31
CA GLY C 239 -11.63 -54.43 14.60
C GLY C 239 -11.37 -53.49 13.44
N THR C 240 -11.98 -53.76 12.29
CA THR C 240 -11.76 -52.97 11.08
C THR C 240 -13.01 -52.19 10.73
N THR C 241 -12.83 -50.90 10.43
CA THR C 241 -13.87 -50.03 9.93
C THR C 241 -13.44 -49.52 8.56
N VAL C 242 -14.34 -49.61 7.58
CA VAL C 242 -14.11 -49.07 6.24
C VAL C 242 -15.24 -48.10 5.94
N ASN C 243 -14.89 -46.82 5.76
CA ASN C 243 -15.85 -45.77 5.46
C ASN C 243 -15.49 -45.17 4.11
N CYS C 244 -16.28 -45.48 3.08
CA CYS C 244 -16.05 -44.93 1.75
C CYS C 244 -16.56 -43.49 1.71
N ILE C 245 -15.67 -42.55 1.40
CA ILE C 245 -15.97 -41.13 1.43
C ILE C 245 -15.76 -40.53 0.04
N VAL C 246 -16.76 -39.79 -0.43
CA VAL C 246 -16.69 -39.00 -1.66
C VAL C 246 -16.86 -37.54 -1.26
N GLU C 247 -15.95 -36.69 -1.71
CA GLU C 247 -15.99 -35.27 -1.36
C GLU C 247 -15.79 -34.43 -2.61
N GLU C 248 -16.75 -33.55 -2.89
CA GLU C 248 -16.49 -32.47 -3.84
C GLU C 248 -15.57 -31.45 -3.17
N VAL C 249 -14.52 -31.02 -3.87
CA VAL C 249 -13.53 -30.12 -3.30
C VAL C 249 -13.14 -29.07 -4.33
N ASP C 250 -12.65 -27.94 -3.81
CA ASP C 250 -11.99 -26.96 -4.65
C ASP C 250 -10.54 -27.34 -4.85
N ALA C 251 -10.03 -27.11 -6.06
CA ALA C 251 -8.65 -27.37 -6.38
C ALA C 251 -8.02 -26.09 -6.93
N ARG C 252 -6.79 -25.82 -6.52
CA ARG C 252 -6.10 -24.60 -6.91
C ARG C 252 -4.72 -24.95 -7.47
N SER C 253 -4.30 -24.18 -8.47
CA SER C 253 -3.05 -24.40 -9.17
C SER C 253 -2.43 -23.05 -9.50
N VAL C 254 -1.15 -22.90 -9.24
CA VAL C 254 -0.45 -21.67 -9.57
C VAL C 254 0.47 -21.95 -10.76
N TYR C 255 0.89 -20.87 -11.40
CA TYR C 255 1.81 -20.98 -12.53
C TYR C 255 3.11 -21.65 -12.09
N PRO C 256 3.70 -22.53 -12.91
CA PRO C 256 3.35 -22.90 -14.28
C PRO C 256 2.36 -24.07 -14.39
N TYR C 257 1.57 -24.32 -13.35
CA TYR C 257 0.46 -25.28 -13.39
C TYR C 257 0.95 -26.70 -13.65
N ASP C 258 2.08 -27.06 -13.05
CA ASP C 258 2.58 -28.42 -13.11
C ASP C 258 2.10 -29.28 -11.96
N GLU C 259 1.32 -28.72 -11.04
CA GLU C 259 0.76 -29.44 -9.91
C GLU C 259 -0.40 -28.62 -9.37
N PHE C 260 -1.25 -29.24 -8.56
CA PHE C 260 -2.34 -28.52 -7.93
C PHE C 260 -2.61 -29.08 -6.55
N VAL C 261 -3.38 -28.33 -5.75
CA VAL C 261 -3.72 -28.71 -4.40
C VAL C 261 -5.23 -28.87 -4.29
N LEU C 262 -5.64 -29.61 -3.28
CA LEU C 262 -7.05 -29.78 -2.93
C LEU C 262 -7.33 -29.06 -1.62
N ALA C 263 -8.61 -28.79 -1.38
CA ALA C 263 -9.00 -28.06 -0.17
C ALA C 263 -8.62 -28.79 1.11
N THR C 264 -8.38 -30.10 1.03
CA THR C 264 -7.96 -30.90 2.17
C THR C 264 -6.49 -30.70 2.52
N GLY C 265 -5.76 -29.89 1.75
CA GLY C 265 -4.33 -29.75 1.93
C GLY C 265 -3.49 -30.76 1.17
N ASP C 266 -4.11 -31.66 0.42
CA ASP C 266 -3.39 -32.67 -0.34
C ASP C 266 -2.85 -32.09 -1.64
N PHE C 267 -1.58 -32.34 -1.91
CA PHE C 267 -0.97 -31.97 -3.18
C PHE C 267 -1.18 -33.08 -4.20
N VAL C 268 -1.41 -32.68 -5.44
CA VAL C 268 -1.47 -33.60 -6.57
C VAL C 268 -0.38 -33.15 -7.54
N TYR C 269 0.65 -33.97 -7.70
CA TYR C 269 1.84 -33.57 -8.44
C TYR C 269 1.69 -33.88 -9.93
N MET C 270 0.68 -33.23 -10.51
CA MET C 270 0.37 -33.36 -11.93
C MET C 270 -0.36 -32.11 -12.37
N SER C 271 -0.16 -31.74 -13.62
CA SER C 271 -0.85 -30.60 -14.19
C SER C 271 -2.36 -30.83 -14.18
N PRO C 272 -3.15 -29.82 -13.85
CA PRO C 272 -4.60 -29.92 -14.06
C PRO C 272 -4.97 -30.17 -15.51
N PHE C 273 -4.14 -29.69 -16.44
CA PHE C 273 -4.41 -29.81 -17.86
C PHE C 273 -3.70 -31.00 -18.49
N TYR C 274 -3.30 -31.97 -17.69
CA TYR C 274 -2.69 -33.18 -18.22
C TYR C 274 -3.73 -34.07 -18.89
N GLY C 275 -3.34 -34.68 -19.99
CA GLY C 275 -4.25 -35.52 -20.73
C GLY C 275 -3.55 -36.16 -21.90
N TYR C 276 -4.33 -36.72 -22.83
CA TYR C 276 -3.79 -37.39 -24.00
C TYR C 276 -3.94 -36.58 -25.30
N ARG C 277 -4.67 -35.48 -25.28
CA ARG C 277 -5.08 -34.81 -26.50
C ARG C 277 -4.60 -33.36 -26.54
N GLU C 278 -4.39 -32.87 -27.76
CA GLU C 278 -3.93 -31.50 -28.01
C GLU C 278 -2.62 -31.19 -27.30
N GLY C 279 -1.69 -32.16 -27.34
CA GLY C 279 -0.39 -31.95 -26.75
C GLY C 279 -0.36 -31.88 -25.24
N SER C 280 -1.47 -32.20 -24.57
CA SER C 280 -1.50 -32.15 -23.11
C SER C 280 -0.76 -33.33 -22.48
N HIS C 281 -0.32 -34.30 -23.27
CA HIS C 281 0.51 -35.38 -22.75
C HIS C 281 1.92 -34.92 -22.39
N THR C 282 2.32 -33.74 -22.84
CA THR C 282 3.60 -33.15 -22.44
C THR C 282 3.50 -32.33 -21.16
N GLU C 283 2.31 -32.23 -20.58
CA GLU C 283 2.17 -31.59 -19.27
C GLU C 283 2.82 -32.46 -18.21
N HIS C 284 3.14 -31.84 -17.08
CA HIS C 284 3.89 -32.54 -16.04
C HIS C 284 3.05 -33.62 -15.38
N THR C 285 3.64 -34.81 -15.22
CA THR C 285 3.10 -35.83 -14.36
C THR C 285 4.23 -36.44 -13.55
N SER C 286 4.00 -36.62 -12.25
CA SER C 286 4.94 -37.30 -11.38
C SER C 286 4.63 -38.78 -11.24
N TYR C 287 3.46 -39.21 -11.70
CA TYR C 287 2.92 -40.53 -11.42
C TYR C 287 3.13 -41.46 -12.62
N ALA C 288 3.04 -42.76 -12.34
CA ALA C 288 3.10 -43.76 -13.39
C ALA C 288 1.84 -43.69 -14.26
N ALA C 289 1.95 -44.26 -15.47
CA ALA C 289 0.86 -44.17 -16.42
C ALA C 289 -0.40 -44.85 -15.91
N ASP C 290 -0.25 -45.98 -15.22
CA ASP C 290 -1.41 -46.73 -14.76
C ASP C 290 -2.20 -46.00 -13.67
N ARG C 291 -1.64 -44.95 -13.06
CA ARG C 291 -2.39 -44.19 -12.06
C ARG C 291 -3.32 -43.17 -12.68
N PHE C 292 -3.13 -42.81 -13.94
CA PHE C 292 -3.95 -41.80 -14.61
C PHE C 292 -4.91 -42.45 -15.59
N LYS C 293 -6.14 -41.96 -15.59
CA LYS C 293 -7.20 -42.41 -16.48
C LYS C 293 -7.86 -41.17 -17.06
N GLN C 294 -8.20 -41.23 -18.35
CA GLN C 294 -8.96 -40.17 -18.99
C GLN C 294 -10.10 -40.80 -19.78
N VAL C 295 -11.33 -40.41 -19.47
CA VAL C 295 -12.52 -40.97 -20.09
C VAL C 295 -13.23 -39.86 -20.85
N ASP C 296 -13.26 -39.97 -22.17
CA ASP C 296 -14.10 -39.13 -23.00
C ASP C 296 -15.54 -39.64 -22.96
N GLY C 297 -16.49 -38.71 -23.10
CA GLY C 297 -17.89 -39.08 -23.05
C GLY C 297 -18.33 -39.57 -21.68
N PHE C 298 -17.85 -38.94 -20.63
CA PHE C 298 -18.16 -39.33 -19.26
C PHE C 298 -19.36 -38.54 -18.75
N TYR C 299 -20.34 -39.26 -18.22
CA TYR C 299 -21.53 -38.65 -17.62
C TYR C 299 -21.46 -38.80 -16.12
N ALA C 300 -21.52 -37.68 -15.40
CA ALA C 300 -21.52 -37.69 -13.95
C ALA C 300 -22.93 -37.95 -13.41
N THR C 310 -26.45 -34.66 -18.28
CA THR C 310 -27.00 -34.19 -19.55
C THR C 310 -25.91 -34.06 -20.61
N SER C 311 -24.84 -33.35 -20.26
CA SER C 311 -23.72 -33.16 -21.17
C SER C 311 -22.52 -33.96 -20.69
N PRO C 312 -21.86 -34.71 -21.57
CA PRO C 312 -20.65 -35.43 -21.16
C PRO C 312 -19.46 -34.51 -21.04
N THR C 313 -18.47 -34.97 -20.28
CA THR C 313 -17.20 -34.28 -20.11
C THR C 313 -16.07 -35.26 -20.37
N THR C 314 -14.85 -34.72 -20.47
CA THR C 314 -13.64 -35.52 -20.47
C THR C 314 -13.15 -35.58 -19.02
N ARG C 315 -13.19 -36.77 -18.44
CA ARG C 315 -12.98 -36.94 -17.01
C ARG C 315 -11.57 -37.47 -16.74
N ASN C 316 -10.79 -36.70 -16.00
CA ASN C 316 -9.48 -37.12 -15.52
C ASN C 316 -9.65 -37.77 -14.15
N LEU C 317 -9.09 -38.96 -13.99
CA LEU C 317 -9.12 -39.69 -12.72
C LEU C 317 -7.71 -40.13 -12.39
N LEU C 318 -7.14 -39.57 -11.33
CA LEU C 318 -5.78 -39.91 -10.91
C LEU C 318 -5.83 -40.60 -9.55
N THR C 319 -5.20 -41.77 -9.46
CA THR C 319 -5.12 -42.53 -8.23
C THR C 319 -3.77 -42.26 -7.57
N THR C 320 -3.79 -41.59 -6.44
CA THR C 320 -2.63 -41.40 -5.59
C THR C 320 -2.58 -42.49 -4.53
N PRO C 321 -1.49 -42.59 -3.76
CA PRO C 321 -1.46 -43.60 -2.70
C PRO C 321 -2.54 -43.42 -1.63
N LYS C 322 -3.13 -42.23 -1.50
CA LYS C 322 -4.11 -41.98 -0.46
C LYS C 322 -5.54 -41.79 -0.96
N PHE C 323 -5.74 -41.38 -2.20
CA PHE C 323 -7.07 -41.04 -2.69
C PHE C 323 -7.08 -41.09 -4.20
N THR C 324 -8.29 -41.06 -4.77
CA THR C 324 -8.48 -40.86 -6.19
C THR C 324 -9.15 -39.51 -6.41
N VAL C 325 -8.53 -38.66 -7.23
CA VAL C 325 -9.06 -37.34 -7.53
C VAL C 325 -9.50 -37.29 -8.98
N ALA C 326 -10.73 -36.84 -9.21
CA ALA C 326 -11.31 -36.74 -10.53
C ALA C 326 -11.70 -35.29 -10.80
N TRP C 327 -11.49 -34.86 -12.04
CA TRP C 327 -11.89 -33.52 -12.45
C TRP C 327 -12.13 -33.53 -13.95
N ASP C 328 -12.46 -32.36 -14.50
CA ASP C 328 -12.76 -32.23 -15.91
C ASP C 328 -11.53 -31.68 -16.64
N TRP C 329 -11.09 -32.40 -17.65
CA TRP C 329 -9.99 -31.91 -18.48
C TRP C 329 -10.49 -30.79 -19.41
N VAL C 330 -9.75 -29.69 -19.42
CA VAL C 330 -9.97 -28.59 -20.36
C VAL C 330 -8.62 -28.21 -20.95
N PRO C 331 -8.57 -27.70 -22.17
CA PRO C 331 -7.29 -27.21 -22.72
C PRO C 331 -6.73 -26.07 -21.87
N LYS C 332 -5.40 -26.05 -21.75
CA LYS C 332 -4.76 -25.09 -20.84
C LYS C 332 -4.92 -23.66 -21.33
N ARG C 333 -4.70 -23.42 -22.62
CA ARG C 333 -4.59 -22.05 -23.12
C ARG C 333 -5.85 -21.22 -22.88
N PRO C 334 -7.07 -21.70 -23.17
CA PRO C 334 -8.25 -20.88 -22.88
C PRO C 334 -8.57 -20.75 -21.39
N ALA C 335 -7.93 -21.53 -20.53
CA ALA C 335 -8.27 -21.57 -19.11
C ALA C 335 -7.44 -20.62 -18.26
N VAL C 336 -6.14 -20.57 -18.46
CA VAL C 336 -5.25 -19.83 -17.58
C VAL C 336 -4.68 -18.63 -18.32
N CYS C 337 -4.25 -17.63 -17.56
CA CYS C 337 -3.66 -16.44 -18.13
C CYS C 337 -2.74 -15.81 -17.10
N THR C 338 -1.55 -15.40 -17.55
CA THR C 338 -0.60 -14.75 -16.65
C THR C 338 -0.93 -13.29 -16.41
N MET C 339 -1.89 -12.74 -17.14
CA MET C 339 -2.32 -11.35 -16.98
C MET C 339 -3.81 -11.37 -16.68
N THR C 340 -4.27 -10.39 -15.91
CA THR C 340 -5.68 -10.29 -15.56
C THR C 340 -6.16 -8.86 -15.79
N LYS C 341 -7.41 -8.74 -16.21
CA LYS C 341 -8.00 -7.43 -16.47
C LYS C 341 -8.18 -6.68 -15.17
N TRP C 342 -7.68 -5.44 -15.14
CA TRP C 342 -7.73 -4.61 -13.95
C TRP C 342 -8.68 -3.42 -14.12
N GLN C 343 -8.47 -2.60 -15.15
CA GLN C 343 -9.27 -1.39 -15.32
C GLN C 343 -9.84 -1.32 -16.73
N GLU C 344 -11.08 -0.85 -16.83
CA GLU C 344 -11.69 -0.47 -18.09
C GLU C 344 -11.83 1.04 -18.10
N VAL C 345 -11.14 1.70 -19.03
CA VAL C 345 -11.13 3.15 -19.11
C VAL C 345 -11.86 3.54 -20.39
N ASP C 346 -13.01 4.18 -20.23
CA ASP C 346 -13.78 4.61 -21.38
C ASP C 346 -13.29 5.93 -21.98
N GLU C 347 -12.44 6.67 -21.27
CA GLU C 347 -11.80 7.88 -21.79
C GLU C 347 -10.34 7.84 -21.35
N MET C 348 -9.48 7.33 -22.23
CA MET C 348 -8.04 7.35 -22.00
C MET C 348 -7.39 8.19 -23.09
N LEU C 349 -6.71 9.25 -22.67
CA LEU C 349 -6.08 10.19 -23.60
C LEU C 349 -4.63 9.80 -23.77
N ARG C 350 -4.20 9.67 -25.02
CA ARG C 350 -2.81 9.34 -25.34
C ARG C 350 -2.11 10.58 -25.89
N ALA C 351 -0.98 10.92 -25.30
CA ALA C 351 -0.15 12.01 -25.78
C ALA C 351 1.27 11.50 -26.05
N GLU C 352 1.92 12.07 -27.04
CA GLU C 352 3.27 11.70 -27.40
C GLU C 352 4.22 12.82 -27.02
N TYR C 353 5.24 12.50 -26.23
CA TYR C 353 6.22 13.51 -25.83
C TYR C 353 7.52 12.80 -25.46
N GLY C 354 8.63 13.34 -25.95
CA GLY C 354 9.95 12.85 -25.56
C GLY C 354 10.15 11.38 -25.84
N GLY C 355 9.64 10.89 -26.96
CA GLY C 355 9.78 9.48 -27.27
C GLY C 355 8.97 8.57 -26.39
N SER C 356 7.95 9.09 -25.70
CA SER C 356 7.13 8.28 -24.81
C SER C 356 5.66 8.58 -25.05
N PHE C 357 4.83 7.60 -24.73
CA PHE C 357 3.38 7.75 -24.72
C PHE C 357 2.92 7.93 -23.28
N ARG C 358 2.08 8.94 -23.05
CA ARG C 358 1.40 9.13 -21.78
C ARG C 358 -0.07 8.81 -21.98
N PHE C 359 -0.55 7.81 -21.25
CA PHE C 359 -1.96 7.42 -21.24
C PHE C 359 -2.59 7.92 -19.95
N SER C 360 -3.43 8.93 -20.05
CA SER C 360 -4.03 9.57 -18.89
C SER C 360 -5.50 9.23 -18.81
N SER C 361 -5.96 8.89 -17.60
CA SER C 361 -7.35 8.63 -17.32
C SER C 361 -7.80 9.59 -16.23
N ASP C 362 -8.75 10.45 -16.56
CA ASP C 362 -9.31 11.41 -15.62
C ASP C 362 -10.22 10.72 -14.62
N ALA C 363 -10.87 9.62 -15.03
CA ALA C 363 -11.82 8.93 -14.16
C ALA C 363 -11.11 8.30 -12.97
N ILE C 364 -9.95 7.67 -13.18
CA ILE C 364 -9.20 7.03 -12.12
C ILE C 364 -7.96 7.81 -11.72
N SER C 365 -7.75 9.00 -12.30
CA SER C 365 -6.65 9.89 -11.91
C SER C 365 -5.30 9.21 -12.09
N THR C 366 -5.04 8.68 -13.29
CA THR C 366 -3.86 7.86 -13.47
C THR C 366 -3.19 8.17 -14.80
N THR C 367 -1.87 8.35 -14.78
CA THR C 367 -1.08 8.55 -15.99
C THR C 367 -0.06 7.43 -16.08
N PHE C 368 -0.17 6.63 -17.13
CA PHE C 368 0.79 5.57 -17.46
C PHE C 368 1.77 6.06 -18.51
N THR C 369 3.00 5.55 -18.44
CA THR C 369 4.07 5.93 -19.36
C THR C 369 4.56 4.69 -20.08
N THR C 370 4.57 4.74 -21.42
CA THR C 370 5.00 3.63 -22.24
C THR C 370 5.99 4.11 -23.28
N ASN C 371 6.67 3.17 -23.90
CA ASN C 371 7.48 3.45 -25.08
C ASN C 371 6.57 3.58 -26.30
N LEU C 372 7.12 4.16 -27.37
CA LEU C 372 6.35 4.33 -28.59
C LEU C 372 6.12 2.99 -29.29
N THR C 373 7.10 2.09 -29.23
CA THR C 373 6.96 0.80 -29.87
C THR C 373 5.93 -0.05 -29.14
N GLU C 374 5.10 -0.75 -29.90
CA GLU C 374 4.08 -1.61 -29.32
C GLU C 374 4.73 -2.81 -28.64
N TYR C 375 3.96 -3.42 -27.73
CA TYR C 375 4.38 -4.64 -27.06
C TYR C 375 3.67 -5.80 -27.72
N SER C 376 4.40 -6.70 -28.40
CA SER C 376 3.73 -7.82 -29.06
C SER C 376 3.27 -8.85 -28.05
N LEU C 377 1.99 -9.23 -28.15
CA LEU C 377 1.39 -10.16 -27.21
C LEU C 377 2.02 -11.55 -27.27
N SER C 378 2.72 -11.88 -28.35
CA SER C 378 3.42 -13.16 -28.44
C SER C 378 4.54 -13.27 -27.42
N ARG C 379 4.99 -12.15 -26.84
CA ARG C 379 6.00 -12.19 -25.80
C ARG C 379 5.45 -12.64 -24.45
N VAL C 380 4.13 -12.69 -24.31
CA VAL C 380 3.50 -13.11 -23.05
C VAL C 380 3.30 -14.61 -23.09
N ASP C 381 3.70 -15.29 -22.00
CA ASP C 381 3.44 -16.71 -21.87
C ASP C 381 2.02 -16.92 -21.36
N LEU C 382 1.23 -17.70 -22.09
CA LEU C 382 -0.15 -18.00 -21.71
C LEU C 382 -0.95 -16.70 -21.50
N GLY C 383 -0.91 -15.82 -22.50
CA GLY C 383 -1.61 -14.56 -22.41
C GLY C 383 -2.80 -14.47 -23.35
N ASP C 384 -3.49 -15.59 -23.55
CA ASP C 384 -4.61 -15.61 -24.48
C ASP C 384 -5.82 -14.85 -23.98
N CYS C 385 -5.87 -14.51 -22.68
CA CYS C 385 -7.00 -13.75 -22.19
C CYS C 385 -6.93 -12.29 -22.63
N ILE C 386 -5.73 -11.79 -22.92
CA ILE C 386 -5.53 -10.35 -23.07
C ILE C 386 -6.30 -9.84 -24.28
N GLY C 387 -6.09 -10.45 -25.45
CA GLY C 387 -6.80 -10.01 -26.64
C GLY C 387 -8.30 -10.21 -26.54
N ARG C 388 -8.71 -11.36 -25.99
CA ARG C 388 -10.14 -11.67 -25.84
C ARG C 388 -10.84 -10.64 -24.96
N ASP C 389 -10.32 -10.44 -23.74
CA ASP C 389 -10.92 -9.49 -22.81
C ASP C 389 -10.85 -8.07 -23.36
N ALA C 390 -9.73 -7.71 -23.99
CA ALA C 390 -9.59 -6.36 -24.53
C ALA C 390 -10.62 -6.10 -25.61
N ARG C 391 -10.72 -7.02 -26.57
CA ARG C 391 -11.68 -6.85 -27.68
C ARG C 391 -13.11 -6.68 -27.10
N GLU C 392 -13.50 -7.53 -26.18
CA GLU C 392 -14.88 -7.50 -25.63
C GLU C 392 -15.14 -6.16 -24.92
N ALA C 393 -14.26 -5.76 -23.99
CA ALA C 393 -14.47 -4.53 -23.20
C ALA C 393 -14.44 -3.31 -24.12
N ILE C 394 -13.48 -3.27 -25.04
CA ILE C 394 -13.36 -2.12 -25.99
C ILE C 394 -14.68 -1.96 -26.78
N ASP C 395 -15.16 -3.02 -27.41
CA ASP C 395 -16.39 -2.93 -28.25
C ASP C 395 -17.60 -2.57 -27.39
N ARG C 396 -17.69 -3.10 -26.19
CA ARG C 396 -18.82 -2.81 -25.28
C ARG C 396 -18.77 -1.33 -24.88
N MET C 397 -17.59 -0.82 -24.54
CA MET C 397 -17.43 0.60 -24.14
C MET C 397 -17.67 1.49 -25.37
N PHE C 398 -17.28 1.03 -26.56
CA PHE C 398 -17.53 1.80 -27.76
C PHE C 398 -19.02 1.82 -28.11
N ALA C 399 -19.69 0.68 -27.91
CA ALA C 399 -21.13 0.64 -28.11
C ALA C 399 -21.84 1.52 -27.10
N ARG C 400 -21.34 1.60 -25.88
CA ARG C 400 -22.06 2.34 -24.82
C ARG C 400 -21.92 3.86 -24.94
N LYS C 401 -20.78 4.38 -25.40
CA LYS C 401 -20.55 5.84 -25.31
C LYS C 401 -20.18 6.53 -26.64
N TYR C 402 -19.62 5.82 -27.62
CA TYR C 402 -19.10 6.54 -28.81
C TYR C 402 -19.73 6.11 -30.12
N ASN C 403 -20.68 5.18 -30.08
CA ASN C 403 -21.18 4.60 -31.32
C ASN C 403 -21.74 5.64 -32.27
N ALA C 404 -22.09 6.84 -31.78
CA ALA C 404 -22.71 7.84 -32.63
C ALA C 404 -21.76 8.97 -33.02
N THR C 405 -20.86 9.36 -32.12
CA THR C 405 -20.01 10.52 -32.34
C THR C 405 -18.58 10.18 -32.76
N HIS C 406 -18.14 8.94 -32.57
CA HIS C 406 -16.75 8.57 -32.85
C HIS C 406 -16.70 7.32 -33.71
N ILE C 407 -15.58 7.16 -34.40
CA ILE C 407 -15.24 5.95 -35.13
C ILE C 407 -13.96 5.38 -34.55
N LYS C 408 -13.84 4.05 -34.58
CA LYS C 408 -12.59 3.43 -34.22
C LYS C 408 -11.56 3.65 -35.33
N VAL C 409 -10.29 3.74 -34.94
CA VAL C 409 -9.20 3.87 -35.88
C VAL C 409 -8.27 2.68 -35.68
N GLY C 410 -8.18 1.83 -36.69
CA GLY C 410 -7.32 0.67 -36.60
C GLY C 410 -7.86 -0.38 -35.64
N GLN C 411 -6.98 -1.31 -35.28
CA GLN C 411 -7.24 -2.37 -34.34
C GLN C 411 -6.56 -2.06 -33.01
N PRO C 412 -6.96 -2.73 -31.93
CA PRO C 412 -6.36 -2.43 -30.62
C PRO C 412 -4.85 -2.62 -30.64
N GLN C 413 -4.16 -1.72 -29.96
CA GLN C 413 -2.71 -1.72 -29.85
C GLN C 413 -2.32 -2.04 -28.42
N TYR C 414 -1.12 -2.58 -28.22
CA TYR C 414 -0.70 -3.02 -26.90
C TYR C 414 0.60 -2.33 -26.50
N TYR C 415 0.65 -1.90 -25.25
CA TYR C 415 1.84 -1.14 -24.77
C TYR C 415 2.15 -1.55 -23.34
N LEU C 416 3.45 -1.63 -23.02
CA LEU C 416 3.87 -1.95 -21.63
C LEU C 416 4.23 -0.66 -20.89
N ALA C 417 3.50 -0.35 -19.83
CA ALA C 417 3.74 0.88 -19.06
C ALA C 417 4.65 0.60 -17.86
N THR C 418 5.34 1.64 -17.36
CA THR C 418 6.16 1.51 -16.14
C THR C 418 5.29 0.98 -15.01
N GLY C 419 5.84 0.18 -14.10
CA GLY C 419 5.08 -0.54 -13.12
C GLY C 419 4.53 -1.85 -13.61
N GLY C 420 4.85 -2.24 -14.85
CA GLY C 420 4.39 -3.49 -15.42
C GLY C 420 2.91 -3.54 -15.71
N PHE C 421 2.37 -2.50 -16.35
CA PHE C 421 0.94 -2.46 -16.67
C PHE C 421 0.77 -2.63 -18.17
N LEU C 422 0.01 -3.64 -18.58
CA LEU C 422 -0.22 -3.88 -20.00
C LEU C 422 -1.48 -3.17 -20.44
N ILE C 423 -1.35 -2.18 -21.30
CA ILE C 423 -2.50 -1.38 -21.73
C ILE C 423 -2.84 -1.73 -23.17
N ALA C 424 -4.09 -2.14 -23.37
CA ALA C 424 -4.67 -2.33 -24.69
C ALA C 424 -5.48 -1.09 -25.02
N TYR C 425 -5.17 -0.46 -26.13
CA TYR C 425 -5.67 0.88 -26.47
C TYR C 425 -6.32 0.85 -27.84
N GLN C 426 -7.58 1.27 -27.90
CA GLN C 426 -8.29 1.47 -29.16
C GLN C 426 -8.39 2.96 -29.42
N PRO C 427 -7.68 3.50 -30.40
CA PRO C 427 -7.82 4.91 -30.74
C PRO C 427 -9.14 5.22 -31.42
N LEU C 428 -9.65 6.42 -31.18
CA LEU C 428 -10.89 6.88 -31.77
C LEU C 428 -10.64 8.12 -32.62
N LEU C 429 -11.69 8.53 -33.32
CA LEU C 429 -11.66 9.77 -34.11
C LEU C 429 -13.08 10.30 -34.16
N SER C 430 -13.27 11.54 -33.75
CA SER C 430 -14.59 12.15 -33.79
C SER C 430 -14.99 12.45 -35.23
N ASN C 431 -16.27 12.27 -35.52
CA ASN C 431 -16.76 12.51 -36.89
C ASN C 431 -16.58 13.97 -37.28
N THR C 432 -16.89 14.89 -36.37
CA THR C 432 -16.73 16.31 -36.63
C THR C 432 -15.28 16.67 -36.90
N SER C 466 11.14 -16.76 -27.06
CA SER C 466 11.14 -16.65 -25.61
C SER C 466 9.95 -15.84 -25.10
N VAL C 467 9.07 -16.52 -24.37
CA VAL C 467 7.94 -15.88 -23.73
C VAL C 467 8.32 -15.59 -22.28
N GLU C 468 7.58 -14.67 -21.66
CA GLU C 468 7.93 -14.18 -20.34
C GLU C 468 6.68 -13.70 -19.62
N ARG C 469 6.84 -13.48 -18.31
CA ARG C 469 5.76 -12.97 -17.46
C ARG C 469 6.05 -11.54 -17.09
N ILE C 470 5.08 -10.66 -17.34
CA ILE C 470 5.19 -9.26 -16.94
C ILE C 470 4.95 -9.16 -15.44
N LYS C 471 5.85 -8.46 -14.76
CA LYS C 471 5.76 -8.27 -13.31
C LYS C 471 5.15 -6.90 -13.04
N THR C 472 4.24 -6.83 -12.08
CA THR C 472 3.49 -5.61 -11.80
C THR C 472 3.73 -5.18 -10.36
N THR C 473 3.95 -3.88 -10.18
CA THR C 473 4.09 -3.33 -8.84
C THR C 473 2.74 -3.22 -8.16
N SER C 474 2.75 -3.27 -6.83
CA SER C 474 1.51 -3.18 -6.06
C SER C 474 1.04 -1.75 -5.85
N SER C 475 1.90 -0.76 -6.08
CA SER C 475 1.56 0.63 -5.83
C SER C 475 1.33 1.31 -7.16
N ILE C 476 0.06 1.71 -7.42
CA ILE C 476 -0.26 2.55 -8.56
C ILE C 476 0.00 4.02 -8.26
N GLU C 477 0.49 4.32 -7.05
CA GLU C 477 0.44 5.69 -6.57
C GLU C 477 1.50 6.58 -7.23
N PHE C 478 2.55 6.00 -7.81
CA PHE C 478 3.44 6.77 -8.65
C PHE C 478 2.71 7.35 -9.86
N ALA C 479 1.82 6.56 -10.47
CA ALA C 479 1.08 7.03 -11.63
C ALA C 479 0.01 8.05 -11.24
N ARG C 480 -0.57 7.92 -10.04
CA ARG C 480 -1.52 8.92 -9.57
C ARG C 480 -0.81 10.23 -9.21
N LEU C 481 0.38 10.15 -8.62
CA LEU C 481 1.20 11.33 -8.44
C LEU C 481 1.53 11.97 -9.79
N GLN C 482 1.85 11.14 -10.78
CA GLN C 482 2.11 11.65 -12.12
C GLN C 482 0.90 12.39 -12.67
N PHE C 483 -0.29 11.80 -12.53
CA PHE C 483 -1.51 12.46 -13.03
C PHE C 483 -1.73 13.80 -12.32
N THR C 484 -1.66 13.81 -10.99
CA THR C 484 -1.92 15.04 -10.26
C THR C 484 -0.89 16.11 -10.59
N TYR C 485 0.39 15.74 -10.63
CA TYR C 485 1.44 16.68 -10.96
C TYR C 485 1.28 17.22 -12.37
N ASN C 486 0.99 16.35 -13.34
CA ASN C 486 0.83 16.82 -14.71
C ASN C 486 -0.35 17.77 -14.82
N HIS C 487 -1.47 17.44 -14.18
CA HIS C 487 -2.64 18.30 -14.22
C HIS C 487 -2.34 19.68 -13.66
N ILE C 488 -1.77 19.71 -12.44
CA ILE C 488 -1.48 20.98 -11.79
C ILE C 488 -0.44 21.76 -12.58
N GLN C 489 0.60 21.07 -13.06
CA GLN C 489 1.67 21.74 -13.79
C GLN C 489 1.17 22.34 -15.09
N ARG C 490 0.34 21.61 -15.83
CA ARG C 490 -0.22 22.16 -17.06
C ARG C 490 -1.05 23.40 -16.78
N HIS C 491 -1.93 23.33 -15.77
CA HIS C 491 -2.76 24.50 -15.48
C HIS C 491 -1.90 25.70 -15.09
N VAL C 492 -0.95 25.48 -14.19
CA VAL C 492 -0.12 26.59 -13.70
C VAL C 492 0.74 27.15 -14.81
N ASN C 493 1.33 26.28 -15.63
CA ASN C 493 2.17 26.74 -16.73
C ASN C 493 1.37 27.55 -17.73
N ASP C 494 0.15 27.11 -18.06
CA ASP C 494 -0.65 27.83 -19.04
C ASP C 494 -1.11 29.18 -18.48
N MET C 495 -1.56 29.22 -17.22
CA MET C 495 -1.91 30.50 -16.60
C MET C 495 -0.73 31.46 -16.54
N LEU C 496 0.44 30.97 -16.13
CA LEU C 496 1.58 31.88 -15.99
C LEU C 496 2.15 32.29 -17.34
N GLY C 497 2.05 31.44 -18.36
CA GLY C 497 2.40 31.87 -19.69
C GLY C 497 1.48 32.95 -20.21
N ARG C 498 0.18 32.82 -19.95
CA ARG C 498 -0.75 33.90 -20.29
C ARG C 498 -0.41 35.19 -19.56
N ILE C 499 -0.05 35.08 -18.27
CA ILE C 499 0.34 36.25 -17.51
C ILE C 499 1.59 36.89 -18.10
N ALA C 500 2.56 36.06 -18.52
CA ALA C 500 3.78 36.58 -19.13
C ALA C 500 3.50 37.32 -20.42
N VAL C 501 2.65 36.74 -21.27
CA VAL C 501 2.30 37.39 -22.53
C VAL C 501 1.59 38.71 -22.28
N ALA C 502 0.65 38.71 -21.33
CA ALA C 502 -0.06 39.94 -20.99
C ALA C 502 0.88 41.00 -20.45
N TRP C 503 1.84 40.60 -19.61
CA TRP C 503 2.80 41.56 -19.07
C TRP C 503 3.65 42.19 -20.16
N CYS C 504 4.19 41.36 -21.07
CA CYS C 504 4.99 41.90 -22.15
C CYS C 504 4.18 42.85 -23.02
N GLU C 505 2.96 42.46 -23.37
CA GLU C 505 2.12 43.32 -24.20
C GLU C 505 1.78 44.62 -23.48
N LEU C 506 1.54 44.56 -22.17
CA LEU C 506 1.22 45.77 -21.43
C LEU C 506 2.41 46.73 -21.37
N GLN C 507 3.63 46.20 -21.18
CA GLN C 507 4.80 47.06 -21.21
C GLN C 507 4.95 47.73 -22.57
N ASN C 508 4.88 46.92 -23.64
CA ASN C 508 4.99 47.47 -25.00
C ASN C 508 3.89 48.49 -25.28
N HIS C 509 2.72 48.28 -24.68
CA HIS C 509 1.56 49.13 -24.91
C HIS C 509 1.67 50.45 -24.16
N GLU C 510 2.24 50.43 -22.95
CA GLU C 510 2.44 51.64 -22.16
C GLU C 510 3.66 52.45 -22.60
N LEU C 511 4.50 51.88 -23.47
CA LEU C 511 5.57 52.68 -24.06
C LEU C 511 5.05 53.96 -24.71
N THR C 512 3.87 53.91 -25.33
CA THR C 512 3.30 55.11 -25.96
C THR C 512 3.01 56.20 -24.93
N LEU C 513 2.39 55.81 -23.81
CA LEU C 513 2.14 56.77 -22.74
C LEU C 513 3.44 57.34 -22.21
N TRP C 514 4.47 56.49 -22.10
CA TRP C 514 5.77 56.98 -21.66
C TRP C 514 6.36 57.98 -22.64
N ASN C 515 6.20 57.75 -23.95
CA ASN C 515 6.68 58.73 -24.92
C ASN C 515 6.00 60.08 -24.73
N GLU C 516 4.68 60.07 -24.57
CA GLU C 516 3.97 61.35 -24.46
C GLU C 516 4.31 62.06 -23.16
N ALA C 517 4.38 61.34 -22.04
CA ALA C 517 4.80 61.96 -20.79
C ALA C 517 6.23 62.48 -20.89
N ARG C 518 7.10 61.74 -21.57
CA ARG C 518 8.47 62.19 -21.79
C ARG C 518 8.50 63.54 -22.49
N LYS C 519 7.63 63.73 -23.48
CA LYS C 519 7.50 65.07 -24.06
C LYS C 519 6.99 66.07 -23.03
N LEU C 520 6.02 65.69 -22.19
CA LEU C 520 5.41 66.66 -21.30
C LEU C 520 6.39 67.20 -20.27
N ASN C 521 7.24 66.34 -19.68
CA ASN C 521 8.13 66.75 -18.60
C ASN C 521 9.34 65.84 -18.63
N PRO C 522 10.35 66.18 -19.43
CA PRO C 522 11.52 65.29 -19.56
C PRO C 522 12.24 65.00 -18.26
N ASN C 523 12.26 65.93 -17.31
CA ASN C 523 13.02 65.72 -16.07
C ASN C 523 12.49 64.53 -15.28
N ALA C 524 11.18 64.50 -15.04
CA ALA C 524 10.61 63.47 -14.17
C ALA C 524 10.73 62.08 -14.79
N ILE C 525 10.31 61.94 -16.05
CA ILE C 525 10.42 60.66 -16.75
C ILE C 525 11.88 60.24 -16.89
N ALA C 526 12.78 61.19 -17.11
CA ALA C 526 14.20 60.87 -17.13
C ALA C 526 14.65 60.28 -15.81
N SER C 527 14.27 60.92 -14.71
CA SER C 527 14.68 60.44 -13.39
C SER C 527 14.11 59.04 -13.11
N ALA C 528 12.87 58.79 -13.53
CA ALA C 528 12.28 57.47 -13.31
C ALA C 528 12.94 56.41 -14.19
N THR C 529 13.33 56.76 -15.42
CA THR C 529 13.85 55.76 -16.33
C THR C 529 15.33 55.47 -16.14
N VAL C 530 16.12 56.44 -15.65
CA VAL C 530 17.54 56.20 -15.43
C VAL C 530 17.84 55.77 -13.99
N GLY C 531 16.88 55.90 -13.08
CA GLY C 531 17.08 55.49 -11.71
C GLY C 531 17.75 56.50 -10.81
N ARG C 532 17.88 57.75 -11.25
CA ARG C 532 18.56 58.78 -10.47
C ARG C 532 18.08 60.14 -10.94
N ARG C 533 18.12 61.13 -10.04
CA ARG C 533 17.68 62.47 -10.39
C ARG C 533 18.58 63.10 -11.44
N VAL C 534 18.05 63.23 -12.66
CA VAL C 534 18.79 63.76 -13.79
C VAL C 534 17.91 64.75 -14.54
N SER C 535 18.44 65.95 -14.78
CA SER C 535 17.74 66.92 -15.60
C SER C 535 17.75 66.46 -17.05
N ALA C 536 16.67 66.74 -17.77
CA ALA C 536 16.54 66.26 -19.14
C ALA C 536 15.91 67.32 -20.01
N ARG C 537 16.17 67.19 -21.31
CA ARG C 537 15.52 68.01 -22.32
C ARG C 537 15.37 67.18 -23.58
N MET C 538 14.47 67.63 -24.46
CA MET C 538 14.21 66.90 -25.69
C MET C 538 15.06 67.46 -26.82
N LEU C 539 15.93 66.63 -27.36
CA LEU C 539 16.67 66.96 -28.58
C LEU C 539 16.03 66.14 -29.69
N GLY C 540 15.16 66.78 -30.46
CA GLY C 540 14.44 66.10 -31.52
C GLY C 540 13.63 64.95 -31.00
N ASP C 541 14.06 63.73 -31.31
CA ASP C 541 13.37 62.52 -30.90
C ASP C 541 14.14 61.72 -29.85
N VAL C 542 15.10 62.35 -29.16
CA VAL C 542 15.81 61.70 -28.07
C VAL C 542 15.88 62.66 -26.88
N MET C 543 16.49 62.17 -25.80
CA MET C 543 16.58 62.88 -24.54
C MET C 543 18.04 63.18 -24.21
N ALA C 544 18.34 64.45 -23.99
CA ALA C 544 19.62 64.86 -23.43
C ALA C 544 19.49 64.89 -21.91
N VAL C 545 20.42 64.23 -21.23
CA VAL C 545 20.36 64.04 -19.79
C VAL C 545 21.65 64.55 -19.16
N SER C 546 21.51 65.31 -18.07
CA SER C 546 22.64 65.78 -17.28
C SER C 546 22.35 65.54 -15.81
N THR C 547 23.32 64.95 -15.11
CA THR C 547 23.11 64.58 -13.72
C THR C 547 22.88 65.80 -12.85
N CYS C 548 21.85 65.74 -12.01
CA CYS C 548 21.61 66.77 -11.01
C CYS C 548 22.54 66.57 -9.81
N VAL C 549 22.90 67.67 -9.18
CA VAL C 549 23.83 67.66 -8.05
C VAL C 549 23.04 67.83 -6.76
N PRO C 550 23.27 67.00 -5.75
CA PRO C 550 22.45 67.06 -4.53
C PRO C 550 22.85 68.19 -3.60
N VAL C 551 21.84 68.73 -2.91
CA VAL C 551 22.02 69.80 -1.94
C VAL C 551 21.29 69.41 -0.67
N ALA C 552 21.97 69.51 0.47
CA ALA C 552 21.37 69.18 1.75
C ALA C 552 20.24 70.15 2.07
N PRO C 553 19.25 69.65 2.83
CA PRO C 553 18.05 70.44 3.10
C PRO C 553 18.33 71.64 3.99
N ASP C 554 19.33 71.53 4.88
CA ASP C 554 19.60 72.58 5.86
C ASP C 554 20.15 73.86 5.23
N ASN C 555 20.50 73.84 3.95
CA ASN C 555 21.10 74.99 3.28
C ASN C 555 20.11 75.77 2.42
N VAL C 556 18.81 75.54 2.58
CA VAL C 556 17.77 76.18 1.78
C VAL C 556 16.90 77.02 2.70
N ILE C 557 16.67 78.28 2.33
CA ILE C 557 15.76 79.15 3.05
C ILE C 557 14.72 79.68 2.07
N VAL C 558 13.45 79.57 2.43
CA VAL C 558 12.36 80.02 1.56
C VAL C 558 11.94 81.42 1.98
N GLN C 559 11.76 82.30 1.00
CA GLN C 559 11.33 83.67 1.27
C GLN C 559 9.83 83.70 1.54
N ASN C 560 9.28 84.90 1.68
CA ASN C 560 7.93 85.08 2.20
C ASN C 560 6.88 85.24 1.11
N SER C 561 7.07 86.17 0.18
CA SER C 561 6.03 86.52 -0.78
C SER C 561 6.54 86.32 -2.20
N MET C 562 5.72 85.68 -3.04
CA MET C 562 6.07 85.51 -4.44
C MET C 562 5.98 86.83 -5.22
N ARG C 563 5.29 87.84 -4.69
CA ARG C 563 5.22 89.11 -5.40
C ARG C 563 6.60 89.68 -5.63
N VAL C 564 7.04 89.75 -6.89
CA VAL C 564 8.27 90.44 -7.23
C VAL C 564 7.98 91.94 -7.24
N SER C 565 8.73 92.69 -6.43
CA SER C 565 8.46 94.12 -6.28
C SER C 565 8.86 94.88 -7.53
N SER C 566 9.79 94.34 -8.33
CA SER C 566 10.20 95.01 -9.56
C SER C 566 9.14 94.97 -10.64
N ARG C 567 8.12 94.11 -10.49
CA ARG C 567 7.06 93.95 -11.50
C ARG C 567 5.70 94.03 -10.83
N PRO C 568 5.24 95.23 -10.47
CA PRO C 568 3.86 95.37 -10.00
C PRO C 568 2.87 94.90 -11.06
N GLY C 569 1.83 94.20 -10.62
CA GLY C 569 0.95 93.52 -11.54
C GLY C 569 1.44 92.17 -11.99
N THR C 570 2.62 91.74 -11.55
CA THR C 570 3.17 90.44 -11.87
C THR C 570 3.70 89.80 -10.59
N CYS C 571 3.77 88.47 -10.60
CA CYS C 571 4.03 87.70 -9.40
C CYS C 571 4.84 86.48 -9.80
N TYR C 572 5.50 85.86 -8.83
CA TYR C 572 6.23 84.62 -9.07
C TYR C 572 5.26 83.45 -8.91
N SER C 573 5.26 82.56 -9.90
CA SER C 573 4.34 81.43 -9.85
C SER C 573 4.74 80.40 -8.79
N ARG C 574 6.01 80.35 -8.41
CA ARG C 574 6.49 79.44 -7.39
C ARG C 574 7.37 80.19 -6.41
N PRO C 575 7.43 79.76 -5.15
CA PRO C 575 8.13 80.54 -4.13
C PRO C 575 9.62 80.70 -4.43
N LEU C 576 10.15 81.85 -4.05
CA LEU C 576 11.58 82.12 -4.13
C LEU C 576 12.31 81.43 -2.98
N VAL C 577 13.57 81.08 -3.24
CA VAL C 577 14.45 80.53 -2.23
C VAL C 577 15.82 81.17 -2.36
N SER C 578 16.58 81.11 -1.28
CA SER C 578 18.02 81.35 -1.32
C SER C 578 18.68 80.11 -0.74
N PHE C 579 19.58 79.51 -1.52
CA PHE C 579 20.22 78.28 -1.13
C PHE C 579 21.73 78.43 -1.29
N ARG C 580 22.46 77.74 -0.42
CA ARG C 580 23.91 77.69 -0.48
C ARG C 580 24.30 76.24 -0.78
N TYR C 581 25.07 76.04 -1.84
CA TYR C 581 25.38 74.69 -2.31
C TYR C 581 25.91 73.82 -1.18
N GLU C 582 26.76 74.39 -0.33
CA GLU C 582 27.35 73.71 0.81
C GLU C 582 28.05 74.76 1.66
N ASP C 583 28.06 74.54 2.99
CA ASP C 583 28.60 75.53 3.91
C ASP C 583 29.99 75.98 3.46
N GLN C 584 30.27 77.28 3.66
CA GLN C 584 31.36 77.97 2.97
C GLN C 584 31.04 78.07 1.47
N GLY C 585 29.87 78.62 1.16
CA GLY C 585 29.48 78.88 -0.20
C GLY C 585 28.75 80.19 -0.34
N PRO C 586 28.63 80.69 -1.57
CA PRO C 586 27.80 81.88 -1.80
C PRO C 586 26.33 81.54 -1.67
N LEU C 587 25.58 82.34 -0.91
CA LEU C 587 24.11 82.10 -0.81
C LEU C 587 23.50 82.41 -2.17
N ILE C 588 23.31 81.38 -3.01
CA ILE C 588 22.79 81.61 -4.40
C ILE C 588 21.27 81.81 -4.36
N GLU C 589 20.79 82.91 -4.95
CA GLU C 589 19.32 83.15 -5.04
C GLU C 589 18.74 82.22 -6.11
N GLY C 590 17.45 81.90 -6.02
CA GLY C 590 16.86 80.97 -6.95
C GLY C 590 15.38 80.81 -6.67
N GLN C 591 14.77 79.88 -7.38
CA GLN C 591 13.35 79.63 -7.25
C GLN C 591 13.10 78.15 -7.03
N LEU C 592 12.07 77.84 -6.25
CA LEU C 592 11.69 76.46 -6.02
C LEU C 592 11.02 75.89 -7.26
N GLY C 593 11.62 74.84 -7.82
CA GLY C 593 11.03 74.09 -8.90
C GLY C 593 10.54 72.74 -8.41
N GLU C 594 9.85 72.03 -9.29
CA GLU C 594 9.08 70.85 -8.92
C GLU C 594 9.98 69.76 -8.36
N ASN C 595 9.42 69.00 -7.42
CA ASN C 595 10.12 67.89 -6.77
C ASN C 595 11.42 68.35 -6.12
N ASN C 596 11.33 69.46 -5.38
CA ASN C 596 12.46 70.02 -4.64
C ASN C 596 13.64 70.35 -5.56
N GLU C 597 13.36 70.96 -6.69
CA GLU C 597 14.41 71.47 -7.56
C GLU C 597 14.76 72.89 -7.13
N LEU C 598 16.03 73.24 -7.29
CA LEU C 598 16.50 74.61 -7.02
C LEU C 598 16.94 75.21 -8.35
N ARG C 599 16.06 76.03 -8.94
CA ARG C 599 16.27 76.56 -10.27
C ARG C 599 16.98 77.91 -10.16
N LEU C 600 18.14 78.03 -10.82
CA LEU C 600 18.90 79.27 -10.76
C LEU C 600 18.16 80.43 -11.40
N THR C 601 17.32 80.16 -12.39
CA THR C 601 16.65 81.20 -13.16
C THR C 601 15.31 81.55 -12.51
N ARG C 602 15.12 82.84 -12.23
CA ARG C 602 13.86 83.35 -11.71
C ARG C 602 13.04 83.95 -12.86
N ASP C 603 12.55 83.06 -13.73
CA ASP C 603 11.78 83.48 -14.89
C ASP C 603 10.30 83.14 -14.80
N ALA C 604 9.90 82.28 -13.87
CA ALA C 604 8.52 81.83 -13.77
C ALA C 604 7.68 82.94 -13.15
N LEU C 605 7.10 83.77 -14.03
CA LEU C 605 6.30 84.93 -13.61
C LEU C 605 4.92 84.81 -14.25
N GLU C 606 3.89 84.98 -13.44
CA GLU C 606 2.50 84.95 -13.84
C GLU C 606 1.80 86.21 -13.33
N PRO C 607 0.72 86.64 -13.98
CA PRO C 607 -0.07 87.73 -13.41
C PRO C 607 -0.63 87.34 -12.05
N CYS C 608 -0.64 88.30 -11.13
CA CYS C 608 -1.19 88.06 -9.81
C CYS C 608 -2.71 87.94 -9.89
N THR C 609 -3.28 87.15 -8.98
CA THR C 609 -4.70 86.83 -9.05
C THR C 609 -5.25 86.67 -7.64
N VAL C 610 -6.42 87.25 -7.39
CA VAL C 610 -7.10 87.14 -6.10
C VAL C 610 -7.59 85.71 -5.91
N GLY C 611 -7.59 85.24 -4.67
CA GLY C 611 -7.91 83.87 -4.39
C GLY C 611 -6.73 82.92 -4.43
N HIS C 612 -5.51 83.44 -4.37
CA HIS C 612 -4.31 82.63 -4.52
C HIS C 612 -4.16 81.70 -3.32
N ARG C 613 -4.05 80.41 -3.58
CA ARG C 613 -3.88 79.40 -2.54
C ARG C 613 -3.01 78.30 -3.11
N ARG C 614 -1.81 78.11 -2.57
CA ARG C 614 -0.83 77.26 -3.23
C ARG C 614 -0.06 76.41 -2.23
N TYR C 615 0.11 75.14 -2.57
CA TYR C 615 0.98 74.21 -1.85
C TYR C 615 2.16 73.86 -2.75
N PHE C 616 3.35 73.72 -2.15
CA PHE C 616 4.58 73.40 -2.94
C PHE C 616 5.42 72.40 -2.18
N ILE C 617 6.08 71.50 -2.90
CA ILE C 617 6.94 70.47 -2.25
C ILE C 617 8.12 71.18 -1.56
N PHE C 618 8.24 71.04 -0.24
CA PHE C 618 9.38 71.64 0.48
C PHE C 618 10.01 70.59 1.37
N GLY C 619 11.14 70.02 0.94
CA GLY C 619 11.76 68.96 1.73
C GLY C 619 10.86 67.75 1.78
N GLY C 620 10.62 67.26 3.00
CA GLY C 620 9.75 66.11 3.20
C GLY C 620 8.27 66.44 3.28
N GLY C 621 7.92 67.73 3.25
CA GLY C 621 6.52 68.10 3.38
C GLY C 621 6.06 69.09 2.34
N TYR C 622 4.99 69.81 2.62
CA TYR C 622 4.54 70.90 1.76
C TYR C 622 4.69 72.24 2.47
N VAL C 623 4.58 73.30 1.69
CA VAL C 623 4.45 74.66 2.20
C VAL C 623 3.22 75.27 1.56
N TYR C 624 2.57 76.17 2.28
CA TYR C 624 1.27 76.68 1.89
C TYR C 624 1.25 78.19 2.00
N PHE C 625 0.74 78.83 0.94
CA PHE C 625 0.75 80.27 0.73
C PHE C 625 -0.65 80.72 0.36
N GLU C 626 -1.02 81.93 0.80
CA GLU C 626 -2.24 82.58 0.32
C GLU C 626 -1.89 83.97 -0.19
N GLU C 627 -2.55 84.38 -1.26
CA GLU C 627 -2.46 85.75 -1.78
C GLU C 627 -1.01 86.13 -2.06
N TYR C 628 -0.23 85.16 -2.58
CA TYR C 628 1.20 85.34 -2.84
C TYR C 628 1.94 85.78 -1.59
N ALA C 629 1.58 85.18 -0.45
CA ALA C 629 2.20 85.50 0.83
C ALA C 629 2.35 84.22 1.64
N TYR C 630 3.43 84.12 2.39
CA TYR C 630 3.73 82.90 3.14
C TYR C 630 2.72 82.69 4.25
N SER C 631 2.26 81.46 4.40
CA SER C 631 1.40 81.09 5.52
C SER C 631 2.09 80.10 6.45
N HIS C 632 2.45 78.91 5.95
CA HIS C 632 3.08 77.94 6.86
C HIS C 632 3.56 76.72 6.10
N GLN C 633 4.58 76.07 6.63
CA GLN C 633 4.92 74.72 6.21
C GLN C 633 4.05 73.71 6.94
N LEU C 634 3.76 72.60 6.27
CA LEU C 634 2.96 71.54 6.84
C LEU C 634 3.54 70.19 6.46
N SER C 635 3.29 69.21 7.31
CA SER C 635 3.81 67.87 7.09
C SER C 635 3.05 67.19 5.95
N ARG C 636 3.64 66.12 5.43
CA ARG C 636 3.00 65.37 4.36
C ARG C 636 1.69 64.73 4.82
N ALA C 637 1.60 64.35 6.09
CA ALA C 637 0.41 63.68 6.62
C ALA C 637 -0.79 64.59 6.74
N ASP C 638 -0.63 65.90 6.56
CA ASP C 638 -1.75 66.83 6.72
C ASP C 638 -2.65 66.92 5.50
N VAL C 639 -2.31 66.24 4.40
CA VAL C 639 -3.07 66.31 3.17
C VAL C 639 -3.69 64.94 2.92
N THR C 640 -4.96 64.92 2.49
CA THR C 640 -5.63 63.67 2.19
C THR C 640 -4.90 62.93 1.08
N THR C 641 -4.67 61.64 1.29
CA THR C 641 -3.92 60.80 0.36
C THR C 641 -4.89 59.95 -0.46
N VAL C 642 -4.87 60.13 -1.78
CA VAL C 642 -5.58 59.26 -2.70
C VAL C 642 -4.55 58.44 -3.46
N SER C 643 -4.92 57.20 -3.78
CA SER C 643 -4.00 56.25 -4.37
C SER C 643 -4.31 56.06 -5.85
N THR C 644 -3.27 56.18 -6.68
CA THR C 644 -3.33 55.75 -8.07
C THR C 644 -2.88 54.30 -8.23
N PHE C 645 -2.46 53.65 -7.15
CA PHE C 645 -1.99 52.28 -7.21
C PHE C 645 -3.17 51.31 -7.22
N ILE C 646 -3.06 50.25 -8.02
CA ILE C 646 -4.01 49.15 -7.98
C ILE C 646 -3.50 48.12 -6.99
N ASP C 647 -4.36 47.70 -6.07
CA ASP C 647 -3.96 46.74 -5.05
C ASP C 647 -3.93 45.33 -5.63
N LEU C 648 -2.91 44.57 -5.24
CA LEU C 648 -2.86 43.14 -5.50
C LEU C 648 -2.25 42.47 -4.28
N ASN C 649 -2.96 41.51 -3.73
CA ASN C 649 -2.60 40.87 -2.46
C ASN C 649 -2.29 39.41 -2.73
N ILE C 650 -1.02 39.11 -2.96
CA ILE C 650 -0.57 37.73 -3.15
C ILE C 650 0.09 37.25 -1.87
N THR C 651 -0.35 36.11 -1.38
CA THR C 651 0.24 35.46 -0.22
C THR C 651 0.80 34.11 -0.64
N MET C 652 1.87 33.70 0.04
CA MET C 652 2.52 32.43 -0.26
C MET C 652 1.70 31.26 0.25
N LEU C 653 1.75 30.15 -0.48
CA LEU C 653 1.28 28.88 0.06
C LEU C 653 2.16 28.48 1.23
N GLU C 654 1.53 28.12 2.33
CA GLU C 654 2.27 27.80 3.55
C GLU C 654 2.91 26.42 3.44
N ASP C 655 3.88 26.17 4.30
CA ASP C 655 4.47 24.85 4.42
C ASP C 655 3.42 23.87 4.95
N HIS C 656 3.52 22.63 4.50
CA HIS C 656 2.62 21.59 4.98
C HIS C 656 3.40 20.32 5.25
N GLU C 657 3.12 19.68 6.37
CA GLU C 657 3.78 18.45 6.78
C GLU C 657 2.85 17.27 6.57
N PHE C 658 3.32 16.28 5.82
CA PHE C 658 2.58 15.03 5.61
C PHE C 658 3.14 13.97 6.54
N VAL C 659 2.31 13.51 7.48
CA VAL C 659 2.71 12.46 8.41
C VAL C 659 2.48 11.11 7.75
N PRO C 660 3.19 10.06 8.17
CA PRO C 660 2.85 8.72 7.70
C PRO C 660 1.42 8.35 8.10
N LEU C 661 0.72 7.67 7.19
CA LEU C 661 -0.67 7.32 7.44
C LEU C 661 -1.01 6.03 6.70
N GLU C 662 -1.44 5.03 7.44
CA GLU C 662 -1.86 3.75 6.87
C GLU C 662 -3.24 3.40 7.40
N VAL C 663 -4.08 2.84 6.54
CA VAL C 663 -5.37 2.33 7.00
C VAL C 663 -5.16 1.12 7.92
N TYR C 664 -4.35 0.16 7.46
CA TYR C 664 -3.92 -0.96 8.29
C TYR C 664 -2.42 -1.12 8.16
N THR C 665 -1.73 -1.22 9.29
CA THR C 665 -0.32 -1.55 9.24
C THR C 665 -0.15 -3.00 8.79
N ARG C 666 1.06 -3.32 8.33
CA ARG C 666 1.32 -4.69 7.89
C ARG C 666 1.18 -5.69 9.03
N HIS C 667 1.40 -5.24 10.27
CA HIS C 667 1.16 -6.10 11.42
C HIS C 667 -0.32 -6.41 11.59
N GLU C 668 -1.19 -5.43 11.35
CA GLU C 668 -2.62 -5.69 11.35
C GLU C 668 -3.00 -6.69 10.27
N ILE C 669 -2.39 -6.57 9.10
CA ILE C 669 -2.66 -7.52 8.01
C ILE C 669 -2.25 -8.93 8.45
N LYS C 670 -1.07 -9.06 9.06
CA LYS C 670 -0.64 -10.37 9.53
C LYS C 670 -1.58 -10.93 10.58
N ASP C 671 -1.95 -10.10 11.56
CA ASP C 671 -2.83 -10.54 12.64
C ASP C 671 -4.27 -10.75 12.18
N SER C 672 -4.60 -10.32 10.95
CA SER C 672 -5.94 -10.57 10.43
C SER C 672 -6.23 -12.05 10.27
N GLY C 673 -5.19 -12.88 10.12
CA GLY C 673 -5.41 -14.30 9.97
C GLY C 673 -5.77 -14.97 11.28
N LEU C 674 -6.65 -15.98 11.20
CA LEU C 674 -7.14 -16.64 12.40
C LEU C 674 -6.07 -17.55 13.01
N LEU C 675 -5.42 -18.35 12.18
CA LEU C 675 -4.34 -19.23 12.62
C LEU C 675 -3.06 -18.86 11.88
N ASP C 676 -1.98 -18.71 12.62
CA ASP C 676 -0.66 -18.49 12.04
C ASP C 676 0.09 -19.83 12.08
N TYR C 677 0.45 -20.33 10.89
CA TYR C 677 1.07 -21.65 10.82
C TYR C 677 2.39 -21.69 11.60
N THR C 678 3.19 -20.64 11.48
CA THR C 678 4.46 -20.59 12.19
C THR C 678 4.26 -20.62 13.70
N GLU C 679 3.32 -19.82 14.20
CA GLU C 679 3.05 -19.80 15.64
C GLU C 679 2.54 -21.15 16.13
N VAL C 680 1.62 -21.76 15.39
CA VAL C 680 1.07 -23.04 15.81
C VAL C 680 2.16 -24.11 15.84
N GLN C 681 3.00 -24.15 14.80
CA GLN C 681 4.07 -25.14 14.77
C GLN C 681 5.08 -24.89 15.89
N ARG C 682 5.42 -23.63 16.14
CA ARG C 682 6.40 -23.29 17.15
C ARG C 682 5.89 -23.63 18.54
N ARG C 683 4.59 -23.46 18.78
CA ARG C 683 4.01 -23.85 20.05
C ARG C 683 3.91 -25.37 20.17
N ASN C 684 3.45 -26.04 19.11
CA ASN C 684 3.21 -27.48 19.17
C ASN C 684 4.49 -28.28 19.30
N GLN C 685 5.58 -27.82 18.68
CA GLN C 685 6.82 -28.56 18.73
C GLN C 685 7.62 -28.28 20.00
N LEU C 686 7.13 -27.42 20.89
CA LEU C 686 7.68 -27.26 22.21
C LEU C 686 7.01 -28.16 23.24
N HIS C 687 6.09 -29.02 22.81
CA HIS C 687 5.27 -29.78 23.74
C HIS C 687 6.13 -30.73 24.59
N ASP C 688 7.07 -31.43 23.96
CA ASP C 688 7.91 -32.36 24.70
C ASP C 688 8.91 -31.61 25.58
N LEU C 689 9.38 -30.44 25.13
CA LEU C 689 10.29 -29.64 25.92
C LEU C 689 9.58 -28.97 27.09
N ARG C 690 8.25 -28.93 27.08
CA ARG C 690 7.52 -28.34 28.19
C ARG C 690 6.97 -29.40 29.16
N PHE C 691 6.30 -30.43 28.63
CA PHE C 691 5.57 -31.39 29.46
C PHE C 691 6.21 -32.77 29.52
N ALA C 692 7.35 -32.98 28.87
CA ALA C 692 7.96 -34.29 28.81
C ALA C 692 9.42 -34.20 29.23
N ASP C 693 10.10 -35.34 29.20
CA ASP C 693 11.54 -35.41 29.43
C ASP C 693 12.16 -36.08 28.22
N ILE C 694 12.94 -35.31 27.45
CA ILE C 694 13.59 -35.90 26.27
C ILE C 694 14.98 -36.43 26.59
N ASP C 695 15.57 -36.05 27.73
CA ASP C 695 16.90 -36.52 28.11
C ASP C 695 16.80 -37.24 29.43
N THR C 696 16.37 -38.50 29.37
CA THR C 696 16.36 -39.45 30.48
C THR C 696 16.10 -40.84 29.91
N VAL C 697 16.98 -41.78 30.18
CA VAL C 697 16.86 -43.14 29.69
C VAL C 697 16.61 -44.04 30.89
N ILE C 698 15.51 -44.78 30.84
CA ILE C 698 15.14 -45.70 31.91
C ILE C 698 15.50 -47.13 31.52
N GLU D 1 36.09 -19.15 25.94
CA GLU D 1 37.46 -18.92 26.38
C GLU D 1 37.83 -19.93 27.44
N VAL D 2 38.98 -20.58 27.28
CA VAL D 2 39.43 -21.64 28.17
C VAL D 2 40.79 -21.28 28.74
N GLN D 3 40.92 -21.39 30.05
CA GLN D 3 42.19 -21.31 30.75
C GLN D 3 42.71 -22.72 31.00
N LEU D 4 44.00 -22.92 30.78
CA LEU D 4 44.66 -24.21 30.97
C LEU D 4 45.77 -24.06 31.99
N VAL D 5 45.74 -24.88 33.03
CA VAL D 5 46.75 -24.87 34.09
C VAL D 5 47.47 -26.21 34.07
N GLU D 6 48.77 -26.16 33.80
CA GLU D 6 49.62 -27.35 33.70
C GLU D 6 50.37 -27.58 35.00
N SER D 7 50.73 -28.84 35.24
CA SER D 7 51.49 -29.20 36.44
C SER D 7 52.09 -30.58 36.24
N GLY D 8 53.06 -30.91 37.09
CA GLY D 8 53.54 -32.27 37.23
C GLY D 8 54.79 -32.65 36.46
N GLY D 9 55.47 -31.70 35.81
CA GLY D 9 56.67 -31.98 35.07
C GLY D 9 57.93 -31.82 35.91
N GLY D 10 59.06 -31.80 35.21
CA GLY D 10 60.34 -31.57 35.85
C GLY D 10 61.41 -32.48 35.29
N LEU D 11 62.40 -32.76 36.13
CA LEU D 11 63.53 -33.59 35.74
C LEU D 11 63.37 -34.99 36.32
N VAL D 12 63.81 -35.99 35.53
CA VAL D 12 63.63 -37.38 35.91
C VAL D 12 64.71 -38.21 35.26
N GLN D 13 65.06 -39.34 35.88
CA GLN D 13 66.03 -40.26 35.32
C GLN D 13 65.37 -41.14 34.25
N PRO D 14 66.14 -41.62 33.28
CA PRO D 14 65.57 -42.53 32.27
C PRO D 14 65.00 -43.78 32.90
N GLY D 15 63.87 -44.23 32.36
CA GLY D 15 63.15 -45.34 32.94
C GLY D 15 62.20 -44.97 34.05
N GLY D 16 62.14 -43.71 34.44
CA GLY D 16 61.24 -43.27 35.48
C GLY D 16 59.84 -43.03 34.95
N SER D 17 59.02 -42.37 35.77
CA SER D 17 57.64 -42.12 35.43
C SER D 17 57.23 -40.73 35.91
N LEU D 18 56.49 -40.02 35.06
CA LEU D 18 55.98 -38.70 35.41
C LEU D 18 54.53 -38.57 34.97
N ARG D 19 53.69 -38.01 35.83
CA ARG D 19 52.29 -37.75 35.50
C ARG D 19 52.10 -36.24 35.41
N LEU D 20 51.88 -35.74 34.19
CA LEU D 20 51.53 -34.34 34.00
C LEU D 20 50.01 -34.18 33.99
N SER D 21 49.55 -33.10 34.59
CA SER D 21 48.14 -32.79 34.72
C SER D 21 47.85 -31.45 34.07
N CYS D 22 46.64 -31.32 33.53
CA CYS D 22 46.19 -30.07 32.92
C CYS D 22 44.72 -29.87 33.25
N ALA D 23 44.44 -28.83 34.02
CA ALA D 23 43.08 -28.46 34.39
C ALA D 23 42.55 -27.36 33.48
N ALA D 24 41.32 -27.52 33.00
CA ALA D 24 40.69 -26.60 32.08
C ALA D 24 39.54 -25.89 32.77
N SER D 25 39.49 -24.57 32.66
CA SER D 25 38.42 -23.76 33.22
C SER D 25 37.87 -22.84 32.15
N GLY D 26 36.61 -22.44 32.32
CA GLY D 26 35.98 -21.56 31.36
C GLY D 26 34.85 -22.20 30.58
N VAL D 27 34.80 -21.96 29.28
CA VAL D 27 33.76 -22.55 28.42
C VAL D 27 34.31 -23.90 27.96
N THR D 28 34.09 -24.92 28.80
CA THR D 28 34.62 -26.26 28.56
C THR D 28 33.53 -27.32 28.50
N PHE D 29 32.28 -26.95 28.71
CA PHE D 29 31.18 -27.90 28.61
C PHE D 29 31.00 -28.37 27.17
N GLY D 30 30.52 -29.61 27.04
CA GLY D 30 30.36 -30.24 25.74
C GLY D 30 31.57 -31.06 25.35
N SER D 31 31.42 -31.76 24.23
CA SER D 31 32.49 -32.62 23.73
C SER D 31 33.66 -31.78 23.24
N ASN D 32 34.87 -32.23 23.54
CA ASN D 32 36.07 -31.49 23.18
C ASN D 32 37.24 -32.47 23.10
N ARG D 33 38.37 -31.97 22.60
CA ARG D 33 39.60 -32.73 22.57
C ARG D 33 40.61 -32.08 23.50
N MET D 34 41.17 -32.86 24.42
CA MET D 34 42.25 -32.41 25.28
C MET D 34 43.45 -33.32 25.08
N GLY D 35 44.62 -32.72 24.88
CA GLY D 35 45.79 -33.51 24.61
C GLY D 35 47.11 -32.89 25.01
N TRP D 36 48.20 -33.54 24.63
CA TRP D 36 49.55 -33.08 24.90
C TRP D 36 50.33 -33.08 23.59
N PHE D 37 51.04 -31.99 23.36
CA PHE D 37 52.03 -31.84 22.31
C PHE D 37 53.38 -31.61 22.97
N ARG D 38 54.46 -31.64 22.21
CA ARG D 38 55.74 -31.34 22.84
C ARG D 38 56.64 -30.55 21.88
N GLN D 39 57.54 -29.80 22.50
CA GLN D 39 58.48 -28.89 21.85
C GLN D 39 59.89 -29.33 22.25
N ALA D 40 60.58 -30.02 21.36
CA ALA D 40 61.95 -30.42 21.62
C ALA D 40 62.90 -29.29 21.20
N PRO D 41 64.11 -29.25 21.78
CA PRO D 41 65.08 -28.21 21.38
C PRO D 41 65.43 -28.29 19.91
N GLY D 42 65.09 -27.25 19.16
CA GLY D 42 65.39 -27.21 17.74
C GLY D 42 64.52 -28.10 16.88
N LYS D 43 63.32 -28.43 17.33
CA LYS D 43 62.39 -29.25 16.57
C LYS D 43 61.04 -28.57 16.55
N GLY D 44 60.08 -29.16 15.84
CA GLY D 44 58.74 -28.61 15.80
C GLY D 44 57.91 -29.06 16.99
N ARG D 45 56.77 -28.39 17.16
CA ARG D 45 55.81 -28.81 18.18
C ARG D 45 54.95 -29.92 17.58
N GLU D 46 55.16 -31.14 18.05
CA GLU D 46 54.59 -32.32 17.45
C GLU D 46 53.56 -32.98 18.36
N PHE D 47 52.65 -33.71 17.74
CA PHE D 47 51.60 -34.41 18.46
C PHE D 47 52.18 -35.48 19.37
N VAL D 48 51.67 -35.56 20.60
CA VAL D 48 52.05 -36.59 21.56
C VAL D 48 50.87 -37.50 21.88
N ALA D 49 49.78 -36.94 22.38
CA ALA D 49 48.61 -37.75 22.69
C ALA D 49 47.39 -36.85 22.69
N THR D 50 46.22 -37.46 22.51
CA THR D 50 44.96 -36.74 22.63
C THR D 50 43.90 -37.66 23.20
N HIS D 51 42.92 -37.06 23.88
CA HIS D 51 41.79 -37.73 24.48
C HIS D 51 40.55 -36.93 24.08
N SER D 52 39.62 -37.59 23.40
CA SER D 52 38.49 -36.93 22.77
C SER D 52 37.20 -37.47 23.37
N THR D 53 36.39 -36.56 23.92
CA THR D 53 35.07 -36.89 24.43
C THR D 53 33.97 -36.69 23.38
N TYR D 54 34.36 -36.47 22.12
CA TYR D 54 33.39 -36.46 21.03
C TYR D 54 32.75 -37.83 20.84
N PHE D 55 33.36 -38.88 21.38
CA PHE D 55 32.91 -40.25 21.21
C PHE D 55 32.78 -40.89 22.59
N ASN D 56 31.84 -41.81 22.71
CA ASN D 56 31.61 -42.54 23.96
C ASN D 56 31.64 -44.03 23.66
N PRO D 57 32.67 -44.76 24.09
CA PRO D 57 33.77 -44.35 24.97
C PRO D 57 34.75 -43.39 24.31
N ALA D 58 35.48 -42.62 25.13
CA ALA D 58 36.35 -41.58 24.61
C ALA D 58 37.47 -42.18 23.76
N ARG D 59 37.94 -41.41 22.79
CA ARG D 59 38.94 -41.89 21.84
C ARG D 59 40.30 -41.31 22.21
N THR D 60 41.28 -42.18 22.39
CA THR D 60 42.64 -41.78 22.73
C THR D 60 43.56 -42.09 21.56
N ASN D 61 44.40 -41.14 21.21
CA ASN D 61 45.38 -41.30 20.15
C ASN D 61 46.77 -40.96 20.67
N TYR D 62 47.78 -41.64 20.14
CA TYR D 62 49.15 -41.48 20.59
C TYR D 62 50.07 -41.37 19.39
N ALA D 63 51.21 -40.74 19.59
CA ALA D 63 52.27 -40.77 18.60
C ALA D 63 52.90 -42.16 18.56
N ASP D 64 53.59 -42.45 17.45
CA ASP D 64 54.21 -43.75 17.29
C ASP D 64 55.26 -44.01 18.36
N SER D 65 56.09 -43.01 18.65
CA SER D 65 57.17 -43.20 19.61
C SER D 65 56.64 -43.46 21.01
N VAL D 66 55.58 -42.74 21.42
CA VAL D 66 55.13 -42.78 22.80
C VAL D 66 54.14 -43.90 23.08
N LYS D 67 53.65 -44.58 22.06
CA LYS D 67 52.63 -45.61 22.27
C LYS D 67 53.19 -46.77 23.07
N GLY D 68 52.40 -47.23 24.05
CA GLY D 68 52.80 -48.29 24.94
C GLY D 68 53.51 -47.82 26.20
N ARG D 69 54.02 -46.60 26.20
CA ARG D 69 54.64 -46.02 27.39
C ARG D 69 53.85 -44.86 27.97
N PHE D 70 53.16 -44.09 27.13
CA PHE D 70 52.39 -42.94 27.55
C PHE D 70 50.92 -43.31 27.56
N THR D 71 50.21 -42.90 28.60
CA THR D 71 48.78 -43.13 28.70
C THR D 71 48.08 -41.81 29.00
N ILE D 72 47.04 -41.49 28.24
CA ILE D 72 46.28 -40.27 28.44
C ILE D 72 44.93 -40.63 29.02
N SER D 73 44.51 -39.91 30.06
CA SER D 73 43.23 -40.14 30.71
C SER D 73 42.65 -38.80 31.14
N ARG D 74 41.45 -38.85 31.71
CA ARG D 74 40.76 -37.64 32.12
C ARG D 74 40.17 -37.83 33.51
N ASP D 75 39.86 -36.70 34.14
CA ASP D 75 39.22 -36.71 35.45
C ASP D 75 37.78 -37.19 35.32
N ASN D 76 37.16 -37.49 36.47
CA ASN D 76 35.80 -38.00 36.48
C ASN D 76 34.83 -36.99 35.88
N ALA D 77 35.03 -35.70 36.16
CA ALA D 77 34.21 -34.64 35.60
C ALA D 77 34.82 -34.04 34.35
N GLY D 78 35.81 -34.70 33.75
CA GLY D 78 36.51 -34.11 32.65
C GLY D 78 37.35 -32.97 33.19
N ASN D 79 37.73 -32.08 32.26
CA ASN D 79 38.39 -30.81 32.53
C ASN D 79 39.75 -30.98 33.19
N SER D 80 40.26 -32.20 33.24
CA SER D 80 41.59 -32.41 33.80
C SER D 80 42.18 -33.62 33.09
N VAL D 81 43.05 -33.35 32.14
CA VAL D 81 43.68 -34.41 31.36
C VAL D 81 45.04 -34.74 31.96
N TYR D 82 45.30 -36.02 32.11
CA TYR D 82 46.54 -36.53 32.69
C TYR D 82 47.30 -37.33 31.65
N LEU D 83 48.58 -37.03 31.50
CA LEU D 83 49.52 -37.82 30.73
C LEU D 83 50.44 -38.54 31.71
N GLN D 84 50.25 -39.85 31.82
CA GLN D 84 51.11 -40.68 32.65
C GLN D 84 52.17 -41.31 31.75
N MET D 85 53.42 -40.92 31.95
CA MET D 85 54.52 -41.35 31.11
C MET D 85 55.36 -42.36 31.90
N ASN D 86 55.56 -43.54 31.31
CA ASN D 86 56.39 -44.59 31.87
C ASN D 86 57.57 -44.84 30.94
N SER D 87 58.68 -45.29 31.53
CA SER D 87 59.89 -45.66 30.79
C SER D 87 60.37 -44.51 29.90
N LEU D 88 60.57 -43.35 30.52
CA LEU D 88 60.95 -42.15 29.79
C LEU D 88 62.35 -42.31 29.20
N ARG D 89 62.42 -42.44 27.88
CA ARG D 89 63.68 -42.50 27.17
C ARG D 89 64.26 -41.10 27.04
N ALA D 90 65.44 -41.01 26.41
CA ALA D 90 66.11 -39.72 26.25
C ALA D 90 65.42 -38.84 25.23
N GLU D 91 64.62 -39.41 24.32
CA GLU D 91 63.94 -38.63 23.30
C GLU D 91 62.80 -37.79 23.86
N ASP D 92 62.45 -37.97 25.13
CA ASP D 92 61.28 -37.33 25.72
C ASP D 92 61.57 -35.95 26.31
N THR D 93 62.82 -35.49 26.26
CA THR D 93 63.18 -34.18 26.82
C THR D 93 62.56 -33.09 25.95
N ALA D 94 61.58 -32.38 26.49
CA ALA D 94 60.86 -31.36 25.72
C ALA D 94 59.99 -30.55 26.67
N VAL D 95 59.49 -29.43 26.15
CA VAL D 95 58.43 -28.67 26.82
C VAL D 95 57.10 -29.21 26.32
N TYR D 96 56.36 -29.86 27.20
CA TYR D 96 55.05 -30.41 26.84
C TYR D 96 53.98 -29.34 27.02
N TYR D 97 53.11 -29.23 26.02
CA TYR D 97 52.03 -28.26 26.00
C TYR D 97 50.69 -28.99 26.10
N CYS D 98 49.81 -28.48 26.95
CA CYS D 98 48.45 -28.99 27.04
C CYS D 98 47.56 -28.25 26.05
N LEU D 99 46.74 -29.01 25.33
CA LEU D 99 45.86 -28.47 24.31
C LEU D 99 44.41 -28.77 24.67
N PHE D 100 43.57 -27.74 24.58
CA PHE D 100 42.12 -27.89 24.65
C PHE D 100 41.54 -27.25 23.41
N ASP D 101 40.86 -28.04 22.59
CA ASP D 101 40.22 -27.46 21.41
C ASP D 101 38.97 -28.27 21.09
N ARG D 102 38.34 -27.92 19.97
CA ARG D 102 37.07 -28.49 19.56
C ARG D 102 37.23 -29.21 18.22
N ARG D 103 38.28 -30.00 18.10
CA ARG D 103 38.66 -30.61 16.84
C ARG D 103 38.63 -32.12 16.93
N LEU D 104 38.52 -32.75 15.76
CA LEU D 104 38.73 -34.17 15.61
C LEU D 104 40.17 -34.41 15.19
N GLY D 105 40.52 -35.66 14.90
CA GLY D 105 41.86 -35.96 14.42
C GLY D 105 42.90 -35.92 15.52
N THR D 106 44.17 -35.96 15.09
CA THR D 106 45.29 -35.98 16.02
C THR D 106 46.22 -34.78 15.87
N VAL D 107 46.78 -34.55 14.69
CA VAL D 107 47.94 -33.67 14.56
C VAL D 107 47.55 -32.22 14.26
N VAL D 108 46.43 -32.00 13.57
CA VAL D 108 46.08 -30.67 13.11
C VAL D 108 45.49 -29.87 14.27
N THR D 109 46.03 -28.68 14.50
CA THR D 109 45.48 -27.69 15.41
C THR D 109 45.16 -26.41 14.63
N GLY D 110 44.78 -25.36 15.34
CA GLY D 110 44.44 -24.11 14.69
C GLY D 110 44.69 -22.91 15.58
N PRO D 111 44.49 -21.71 15.02
CA PRO D 111 44.54 -20.51 15.87
C PRO D 111 43.50 -20.52 16.97
N GLU D 112 42.32 -21.06 16.68
CA GLU D 112 41.39 -21.38 17.75
C GLU D 112 41.91 -22.60 18.51
N GLY D 113 41.40 -22.79 19.71
CA GLY D 113 42.06 -23.79 20.51
C GLY D 113 43.06 -23.16 21.45
N TYR D 114 43.23 -23.79 22.61
CA TYR D 114 43.90 -23.16 23.74
C TYR D 114 45.09 -24.00 24.14
N TRP D 115 46.25 -23.36 24.23
CA TRP D 115 47.48 -24.02 24.64
C TRP D 115 47.84 -23.60 26.06
N GLY D 116 48.50 -24.51 26.78
CA GLY D 116 49.04 -24.17 28.07
C GLY D 116 50.35 -23.41 27.94
N GLN D 117 50.84 -22.92 29.09
CA GLN D 117 52.10 -22.20 29.09
C GLN D 117 53.28 -23.10 28.75
N GLY D 118 53.15 -24.40 29.03
CA GLY D 118 54.21 -25.34 28.75
C GLY D 118 54.97 -25.76 29.98
N THR D 119 55.15 -27.07 30.16
CA THR D 119 55.85 -27.63 31.31
C THR D 119 57.08 -28.36 30.83
N GLN D 120 58.23 -28.04 31.41
CA GLN D 120 59.49 -28.66 31.01
C GLN D 120 59.58 -30.08 31.54
N VAL D 121 60.04 -31.00 30.70
CA VAL D 121 60.32 -32.38 31.10
C VAL D 121 61.72 -32.72 30.59
N THR D 122 62.60 -33.05 31.52
CA THR D 122 64.00 -33.35 31.21
C THR D 122 64.30 -34.78 31.64
N VAL D 123 64.90 -35.55 30.74
CA VAL D 123 65.33 -36.91 31.02
C VAL D 123 66.84 -36.99 30.78
N SER D 124 67.58 -37.35 31.81
CA SER D 124 69.03 -37.44 31.72
C SER D 124 69.54 -38.47 32.72
N SER D 125 70.42 -39.35 32.26
CA SER D 125 70.99 -40.38 33.11
C SER D 125 71.95 -39.78 34.13
N GLU E 1 -2.33 -37.98 -29.97
CA GLU E 1 -2.11 -38.09 -31.42
C GLU E 1 -1.72 -39.53 -31.76
N VAL E 2 -2.62 -40.26 -32.42
CA VAL E 2 -2.45 -41.69 -32.64
C VAL E 2 -2.57 -41.99 -34.13
N GLN E 3 -1.64 -42.79 -34.63
CA GLN E 3 -1.70 -43.34 -35.97
C GLN E 3 -2.10 -44.81 -35.89
N LEU E 4 -2.99 -45.23 -36.79
CA LEU E 4 -3.50 -46.59 -36.83
C LEU E 4 -3.20 -47.21 -38.19
N VAL E 5 -2.64 -48.41 -38.18
CA VAL E 5 -2.32 -49.14 -39.40
C VAL E 5 -3.01 -50.50 -39.34
N GLU E 6 -3.93 -50.74 -40.25
CA GLU E 6 -4.62 -52.02 -40.34
C GLU E 6 -3.90 -52.96 -41.32
N SER E 7 -4.28 -54.24 -41.24
CA SER E 7 -3.77 -55.26 -42.15
C SER E 7 -4.60 -56.52 -42.00
N GLY E 8 -4.52 -57.39 -43.00
CA GLY E 8 -5.03 -58.74 -42.88
C GLY E 8 -6.44 -59.02 -43.40
N GLY E 9 -6.98 -58.18 -44.26
CA GLY E 9 -8.30 -58.38 -44.82
C GLY E 9 -8.28 -59.00 -46.20
N GLY E 10 -9.42 -58.94 -46.88
CA GLY E 10 -9.50 -59.42 -48.25
C GLY E 10 -10.68 -60.31 -48.58
N LEU E 11 -10.45 -61.27 -49.46
CA LEU E 11 -11.50 -62.15 -49.98
C LEU E 11 -11.58 -63.43 -49.15
N VAL E 12 -12.79 -63.86 -48.84
CA VAL E 12 -13.05 -65.02 -48.00
C VAL E 12 -14.23 -65.79 -48.57
N GLN E 13 -14.14 -67.12 -48.56
CA GLN E 13 -15.35 -67.89 -48.83
C GLN E 13 -16.06 -68.21 -47.52
N PRO E 14 -17.39 -68.34 -47.54
CA PRO E 14 -18.14 -68.52 -46.28
C PRO E 14 -17.65 -69.72 -45.49
N GLY E 15 -17.55 -69.54 -44.18
CA GLY E 15 -16.98 -70.53 -43.31
C GLY E 15 -15.49 -70.42 -43.08
N GLY E 16 -14.82 -69.52 -43.79
CA GLY E 16 -13.39 -69.34 -43.64
C GLY E 16 -13.06 -68.48 -42.43
N SER E 17 -11.77 -68.16 -42.33
CA SER E 17 -11.25 -67.40 -41.20
C SER E 17 -10.41 -66.23 -41.70
N LEU E 18 -10.40 -65.15 -40.94
CA LEU E 18 -9.60 -63.99 -41.31
C LEU E 18 -9.21 -63.23 -40.05
N ARG E 19 -7.94 -62.87 -39.95
CA ARG E 19 -7.42 -62.19 -38.77
C ARG E 19 -6.92 -60.81 -39.17
N LEU E 20 -7.69 -59.79 -38.80
CA LEU E 20 -7.24 -58.41 -39.00
C LEU E 20 -6.41 -57.93 -37.82
N SER E 21 -5.41 -57.12 -38.14
CA SER E 21 -4.49 -56.54 -37.18
C SER E 21 -4.53 -55.03 -37.30
N CYS E 22 -4.31 -54.35 -36.18
CA CYS E 22 -4.25 -52.89 -36.17
C CYS E 22 -3.18 -52.47 -35.17
N ALA E 23 -2.12 -51.86 -35.69
CA ALA E 23 -1.02 -51.35 -34.88
C ALA E 23 -1.23 -49.85 -34.63
N ALA E 24 -1.00 -49.44 -33.38
CA ALA E 24 -1.22 -48.07 -32.94
C ALA E 24 0.10 -47.46 -32.51
N SER E 25 0.39 -46.26 -33.01
CA SER E 25 1.61 -45.54 -32.67
C SER E 25 1.26 -44.14 -32.23
N GLY E 26 2.12 -43.56 -31.40
CA GLY E 26 1.88 -42.21 -30.92
C GLY E 26 1.62 -42.15 -29.43
N VAL E 27 0.61 -41.38 -29.03
CA VAL E 27 0.26 -41.22 -27.62
C VAL E 27 -0.74 -42.31 -27.28
N THR E 28 -0.22 -43.49 -26.91
CA THR E 28 -1.05 -44.64 -26.62
C THR E 28 -0.74 -45.27 -25.26
N PHE E 29 -0.03 -44.56 -24.38
CA PHE E 29 0.62 -45.19 -23.25
C PHE E 29 -0.32 -45.48 -22.07
N GLY E 30 -1.53 -44.92 -22.05
CA GLY E 30 -2.44 -45.13 -20.94
C GLY E 30 -3.46 -46.21 -21.23
N SER E 31 -4.44 -46.32 -20.31
CA SER E 31 -5.58 -47.19 -20.54
C SER E 31 -6.42 -46.64 -21.69
N ASN E 32 -6.89 -47.53 -22.56
CA ASN E 32 -7.58 -47.09 -23.74
C ASN E 32 -8.49 -48.22 -24.25
N ARG E 33 -9.31 -47.87 -25.23
CA ARG E 33 -10.19 -48.80 -25.93
C ARG E 33 -9.72 -48.91 -27.37
N MET E 34 -9.44 -50.12 -27.82
CA MET E 34 -9.17 -50.39 -29.22
C MET E 34 -10.18 -51.41 -29.72
N GLY E 35 -10.77 -51.13 -30.88
CA GLY E 35 -11.80 -52.01 -31.38
C GLY E 35 -11.98 -51.98 -32.88
N TRP E 36 -13.02 -52.67 -33.35
CA TRP E 36 -13.35 -52.76 -34.75
C TRP E 36 -14.80 -52.38 -34.93
N PHE E 37 -15.05 -51.51 -35.92
CA PHE E 37 -16.37 -51.21 -36.42
C PHE E 37 -16.43 -51.68 -37.88
N ARG E 38 -17.62 -51.66 -38.47
CA ARG E 38 -17.68 -52.01 -39.89
C ARG E 38 -18.75 -51.19 -40.58
N GLN E 39 -18.52 -50.94 -41.86
CA GLN E 39 -19.46 -50.24 -42.72
C GLN E 39 -19.79 -51.16 -43.90
N ALA E 40 -21.02 -51.65 -43.94
CA ALA E 40 -21.49 -52.45 -45.06
C ALA E 40 -21.95 -51.54 -46.20
N PRO E 41 -22.00 -52.05 -47.42
CA PRO E 41 -22.51 -51.23 -48.54
C PRO E 41 -23.92 -50.73 -48.27
N GLY E 42 -24.07 -49.40 -48.29
CA GLY E 42 -25.33 -48.77 -48.00
C GLY E 42 -25.80 -48.94 -46.56
N LYS E 43 -24.88 -48.97 -45.62
CA LYS E 43 -25.21 -49.11 -44.20
C LYS E 43 -24.24 -48.26 -43.38
N GLY E 44 -24.70 -47.84 -42.21
CA GLY E 44 -23.87 -47.03 -41.35
C GLY E 44 -22.76 -47.83 -40.69
N ARG E 45 -21.79 -47.11 -40.14
CA ARG E 45 -20.66 -47.74 -39.44
C ARG E 45 -21.15 -48.19 -38.07
N GLU E 46 -21.20 -49.50 -37.87
CA GLU E 46 -21.78 -50.09 -36.67
C GLU E 46 -20.71 -50.79 -35.85
N PHE E 47 -20.97 -50.91 -34.54
CA PHE E 47 -20.03 -51.53 -33.62
C PHE E 47 -19.87 -53.01 -33.92
N VAL E 48 -18.62 -53.49 -33.85
CA VAL E 48 -18.33 -54.91 -34.06
C VAL E 48 -17.74 -55.48 -32.78
N ALA E 49 -16.64 -54.90 -32.31
CA ALA E 49 -16.01 -55.39 -31.09
C ALA E 49 -15.14 -54.30 -30.50
N THR E 50 -14.89 -54.41 -29.20
CA THR E 50 -13.96 -53.54 -28.51
C THR E 50 -13.20 -54.32 -27.46
N HIS E 51 -11.98 -53.85 -27.17
CA HIS E 51 -11.10 -54.41 -26.17
C HIS E 51 -10.56 -53.24 -25.37
N SER E 52 -10.85 -53.23 -24.07
CA SER E 52 -10.63 -52.09 -23.20
C SER E 52 -9.64 -52.47 -22.11
N THR E 53 -8.53 -51.73 -22.03
CA THR E 53 -7.55 -51.86 -20.97
C THR E 53 -7.82 -50.93 -19.81
N TYR E 54 -8.99 -50.27 -19.78
CA TYR E 54 -9.39 -49.51 -18.61
C TYR E 54 -9.60 -50.40 -17.40
N PHE E 55 -9.78 -51.70 -17.62
CA PHE E 55 -10.04 -52.66 -16.56
C PHE E 55 -9.03 -53.79 -16.67
N ASN E 56 -8.71 -54.38 -15.52
CA ASN E 56 -7.76 -55.50 -15.45
C ASN E 56 -8.42 -56.63 -14.68
N PRO E 57 -8.80 -57.74 -15.33
CA PRO E 57 -8.54 -58.11 -16.73
C PRO E 57 -9.28 -57.25 -17.74
N ALA E 58 -8.75 -57.17 -18.96
CA ALA E 58 -9.32 -56.30 -19.97
C ALA E 58 -10.73 -56.74 -20.35
N ARG E 59 -11.55 -55.77 -20.73
CA ARG E 59 -12.96 -56.01 -21.00
C ARG E 59 -13.20 -56.05 -22.51
N THR E 60 -13.77 -57.14 -22.99
CA THR E 60 -14.07 -57.31 -24.40
C THR E 60 -15.59 -57.27 -24.60
N ASN E 61 -16.02 -56.56 -25.63
CA ASN E 61 -17.43 -56.48 -26.00
C ASN E 61 -17.60 -56.78 -27.47
N TYR E 62 -18.73 -57.38 -27.82
CA TYR E 62 -19.01 -57.80 -29.18
C TYR E 62 -20.42 -57.40 -29.55
N ALA E 63 -20.65 -57.23 -30.85
CA ALA E 63 -22.00 -57.08 -31.35
C ALA E 63 -22.73 -58.42 -31.27
N ASP E 64 -24.06 -58.35 -31.31
CA ASP E 64 -24.86 -59.57 -31.16
C ASP E 64 -24.57 -60.56 -32.28
N SER E 65 -24.40 -60.07 -33.51
CA SER E 65 -24.21 -60.95 -34.64
C SER E 65 -22.91 -61.74 -34.54
N VAL E 66 -21.85 -61.11 -34.01
CA VAL E 66 -20.51 -61.67 -34.10
C VAL E 66 -20.11 -62.46 -32.87
N LYS E 67 -20.94 -62.53 -31.84
CA LYS E 67 -20.57 -63.24 -30.62
C LYS E 67 -20.41 -64.73 -30.90
N GLY E 68 -19.30 -65.30 -30.42
CA GLY E 68 -18.99 -66.69 -30.62
C GLY E 68 -18.20 -66.99 -31.88
N ARG E 69 -18.23 -66.11 -32.86
CA ARG E 69 -17.45 -66.24 -34.08
C ARG E 69 -16.25 -65.31 -34.13
N PHE E 70 -16.40 -64.10 -33.60
CA PHE E 70 -15.35 -63.09 -33.63
C PHE E 70 -14.71 -63.01 -32.26
N THR E 71 -13.38 -62.93 -32.23
CA THR E 71 -12.64 -62.79 -30.98
C THR E 71 -11.68 -61.61 -31.12
N ILE E 72 -11.71 -60.71 -30.15
CA ILE E 72 -10.84 -59.55 -30.13
C ILE E 72 -9.80 -59.74 -29.04
N SER E 73 -8.54 -59.44 -29.37
CA SER E 73 -7.46 -59.57 -28.40
C SER E 73 -6.42 -58.50 -28.68
N ARG E 74 -5.39 -58.48 -27.85
CA ARG E 74 -4.28 -57.55 -28.00
C ARG E 74 -2.97 -58.31 -27.83
N ASP E 75 -1.92 -57.77 -28.42
CA ASP E 75 -0.60 -58.34 -28.21
C ASP E 75 -0.11 -58.01 -26.80
N ASN E 76 0.99 -58.66 -26.41
CA ASN E 76 1.68 -58.22 -25.22
C ASN E 76 2.27 -56.83 -25.44
N ALA E 77 2.34 -56.05 -24.37
CA ALA E 77 2.71 -54.64 -24.36
C ALA E 77 1.65 -53.74 -25.01
N GLY E 78 0.56 -54.31 -25.51
CA GLY E 78 -0.51 -53.51 -26.06
C GLY E 78 -0.15 -52.87 -27.39
N ASN E 79 -0.94 -51.86 -27.75
CA ASN E 79 -0.80 -51.02 -28.93
C ASN E 79 -1.11 -51.74 -30.23
N SER E 80 -1.44 -53.04 -30.19
CA SER E 80 -1.90 -53.75 -31.38
C SER E 80 -3.12 -54.57 -31.01
N VAL E 81 -4.18 -54.44 -31.80
CA VAL E 81 -5.42 -55.15 -31.57
C VAL E 81 -5.69 -56.09 -32.75
N TYR E 82 -6.12 -57.30 -32.43
CA TYR E 82 -6.39 -58.34 -33.41
C TYR E 82 -7.85 -58.76 -33.35
N LEU E 83 -8.47 -58.87 -34.51
CA LEU E 83 -9.82 -59.41 -34.66
C LEU E 83 -9.71 -60.70 -35.45
N GLN E 84 -9.89 -61.83 -34.77
CA GLN E 84 -9.92 -63.14 -35.41
C GLN E 84 -11.38 -63.49 -35.69
N MET E 85 -11.74 -63.58 -36.96
CA MET E 85 -13.10 -63.94 -37.36
C MET E 85 -13.10 -65.38 -37.87
N ASN E 86 -13.98 -66.18 -37.29
CA ASN E 86 -14.25 -67.56 -37.69
C ASN E 86 -15.68 -67.64 -38.22
N SER E 87 -15.89 -68.57 -39.14
CA SER E 87 -17.22 -68.86 -39.68
C SER E 87 -17.85 -67.60 -40.28
N LEU E 88 -17.12 -66.98 -41.20
CA LEU E 88 -17.57 -65.74 -41.83
C LEU E 88 -18.78 -66.01 -42.70
N ARG E 89 -19.95 -65.58 -42.24
CA ARG E 89 -21.17 -65.66 -43.03
C ARG E 89 -21.21 -64.51 -44.03
N ALA E 90 -22.25 -64.49 -44.87
CA ALA E 90 -22.34 -63.49 -45.92
C ALA E 90 -22.61 -62.08 -45.37
N GLU E 91 -23.11 -61.97 -44.14
CA GLU E 91 -23.41 -60.67 -43.55
C GLU E 91 -22.15 -59.89 -43.18
N ASP E 92 -20.97 -60.52 -43.25
CA ASP E 92 -19.74 -59.92 -42.77
C ASP E 92 -19.02 -59.09 -43.82
N THR E 93 -19.56 -58.98 -45.03
CA THR E 93 -18.91 -58.22 -46.09
C THR E 93 -19.04 -56.73 -45.80
N ALA E 94 -17.92 -56.08 -45.50
CA ALA E 94 -17.92 -54.68 -45.12
C ALA E 94 -16.49 -54.16 -45.11
N VAL E 95 -16.35 -52.85 -44.99
CA VAL E 95 -15.07 -52.23 -44.69
C VAL E 95 -14.96 -52.11 -43.17
N TYR E 96 -14.02 -52.83 -42.59
CA TYR E 96 -13.80 -52.80 -41.15
C TYR E 96 -12.81 -51.69 -40.80
N TYR E 97 -13.15 -50.93 -39.77
CA TYR E 97 -12.37 -49.78 -39.32
C TYR E 97 -11.82 -50.07 -37.93
N CYS E 98 -10.54 -49.80 -37.73
CA CYS E 98 -9.90 -49.91 -36.43
C CYS E 98 -10.07 -48.61 -35.67
N LEU E 99 -10.43 -48.70 -34.40
CA LEU E 99 -10.67 -47.55 -33.56
C LEU E 99 -9.72 -47.59 -32.37
N PHE E 100 -9.04 -46.46 -32.12
CA PHE E 100 -8.34 -46.22 -30.87
C PHE E 100 -9.00 -45.01 -30.23
N ASP E 101 -9.36 -45.15 -28.95
CA ASP E 101 -10.29 -44.19 -28.36
C ASP E 101 -10.08 -44.20 -26.85
N ARG E 102 -10.26 -43.04 -26.22
CA ARG E 102 -10.22 -42.97 -24.76
C ARG E 102 -11.64 -42.96 -24.18
N ARG E 103 -12.43 -43.98 -24.51
CA ARG E 103 -13.78 -44.03 -23.97
C ARG E 103 -14.11 -45.40 -23.37
N LEU E 104 -15.33 -45.55 -22.88
CA LEU E 104 -15.85 -46.81 -22.38
C LEU E 104 -17.08 -47.16 -23.22
N GLY E 105 -17.81 -48.21 -22.85
CA GLY E 105 -18.98 -48.57 -23.62
C GLY E 105 -18.63 -49.25 -24.93
N THR E 106 -19.64 -49.38 -25.79
CA THR E 106 -19.48 -50.10 -27.05
C THR E 106 -19.71 -49.22 -28.27
N VAL E 107 -20.88 -48.60 -28.40
CA VAL E 107 -21.31 -48.05 -29.68
C VAL E 107 -20.94 -46.58 -29.83
N VAL E 108 -20.92 -45.82 -28.73
CA VAL E 108 -20.70 -44.38 -28.83
C VAL E 108 -19.23 -44.10 -29.10
N THR E 109 -18.96 -43.36 -30.16
CA THR E 109 -17.65 -42.84 -30.48
C THR E 109 -17.71 -41.31 -30.53
N GLY E 110 -16.58 -40.69 -30.84
CA GLY E 110 -16.51 -39.25 -30.92
C GLY E 110 -15.48 -38.78 -31.92
N PRO E 111 -15.50 -37.48 -32.23
CA PRO E 111 -14.49 -36.93 -33.13
C PRO E 111 -13.08 -36.95 -32.55
N GLU E 112 -12.95 -37.09 -31.22
CA GLU E 112 -11.63 -37.13 -30.62
C GLU E 112 -10.95 -38.48 -30.82
N GLY E 113 -11.71 -39.51 -31.16
CA GLY E 113 -11.14 -40.81 -31.39
C GLY E 113 -10.40 -40.88 -32.71
N TYR E 114 -9.69 -41.98 -32.89
CA TYR E 114 -8.85 -42.19 -34.07
C TYR E 114 -9.34 -43.41 -34.83
N TRP E 115 -9.69 -43.21 -36.09
CA TRP E 115 -10.13 -44.29 -36.95
C TRP E 115 -9.01 -44.64 -37.94
N GLY E 116 -8.94 -45.92 -38.29
CA GLY E 116 -8.04 -46.35 -39.33
C GLY E 116 -8.59 -46.06 -40.71
N GLN E 117 -7.75 -46.30 -41.72
CA GLN E 117 -8.16 -46.05 -43.10
C GLN E 117 -9.22 -47.03 -43.57
N GLY E 118 -9.26 -48.23 -43.00
CA GLY E 118 -10.28 -49.19 -43.34
C GLY E 118 -9.78 -50.33 -44.19
N THR E 119 -10.09 -51.56 -43.79
CA THR E 119 -9.69 -52.76 -44.52
C THR E 119 -10.94 -53.45 -45.06
N GLN E 120 -10.93 -53.74 -46.35
CA GLN E 120 -12.08 -54.38 -46.99
C GLN E 120 -12.11 -55.87 -46.67
N VAL E 121 -13.29 -56.38 -46.36
CA VAL E 121 -13.51 -57.81 -46.15
C VAL E 121 -14.72 -58.21 -46.97
N THR E 122 -14.52 -59.11 -47.93
CA THR E 122 -15.59 -59.61 -48.77
C THR E 122 -15.77 -61.10 -48.50
N VAL E 123 -17.02 -61.53 -48.33
CA VAL E 123 -17.37 -62.93 -48.14
C VAL E 123 -18.38 -63.27 -49.22
N SER E 124 -17.94 -64.00 -50.25
CA SER E 124 -18.79 -64.38 -51.36
C SER E 124 -18.62 -65.87 -51.63
N SER E 125 -19.73 -66.57 -51.85
CA SER E 125 -19.71 -68.01 -52.09
C SER E 125 -19.03 -68.32 -53.43
N GLU F 1 -34.14 -17.92 29.08
CA GLU F 1 -35.29 -17.57 29.90
C GLU F 1 -36.06 -18.82 30.29
N VAL F 2 -36.37 -18.97 31.58
CA VAL F 2 -37.01 -20.16 32.11
C VAL F 2 -38.25 -19.74 32.87
N GLN F 3 -39.37 -20.41 32.58
CA GLN F 3 -40.60 -20.29 33.34
C GLN F 3 -40.70 -21.46 34.31
N LEU F 4 -41.07 -21.16 35.55
CA LEU F 4 -41.22 -22.16 36.60
C LEU F 4 -42.66 -22.16 37.08
N VAL F 5 -43.26 -23.35 37.12
CA VAL F 5 -44.64 -23.51 37.57
C VAL F 5 -44.63 -24.48 38.75
N GLU F 6 -45.01 -23.98 39.93
CA GLU F 6 -45.06 -24.80 41.14
C GLU F 6 -46.47 -25.33 41.37
N SER F 7 -46.55 -26.38 42.19
CA SER F 7 -47.82 -26.98 42.54
C SER F 7 -47.63 -27.90 43.74
N GLY F 8 -48.74 -28.21 44.41
CA GLY F 8 -48.77 -29.28 45.38
C GLY F 8 -48.58 -28.90 46.84
N GLY F 9 -48.67 -27.63 47.19
CA GLY F 9 -48.56 -27.20 48.57
C GLY F 9 -49.92 -27.17 49.26
N GLY F 10 -49.94 -26.53 50.42
CA GLY F 10 -51.17 -26.34 51.16
C GLY F 10 -50.96 -26.56 52.64
N LEU F 11 -52.03 -27.00 53.30
CA LEU F 11 -52.04 -27.19 54.74
C LEU F 11 -52.03 -28.67 55.08
N VAL F 12 -51.32 -29.03 56.15
CA VAL F 12 -51.11 -30.42 56.53
C VAL F 12 -50.89 -30.49 58.03
N GLN F 13 -51.12 -31.68 58.61
CA GLN F 13 -50.92 -31.86 60.04
C GLN F 13 -49.54 -32.42 60.33
N PRO F 14 -49.02 -32.18 61.53
CA PRO F 14 -47.69 -32.71 61.89
C PRO F 14 -47.60 -34.21 61.65
N GLY F 15 -46.50 -34.62 61.00
CA GLY F 15 -46.29 -36.01 60.66
C GLY F 15 -46.82 -36.44 59.32
N GLY F 16 -47.54 -35.55 58.62
CA GLY F 16 -48.09 -35.89 57.32
C GLY F 16 -47.04 -35.81 56.21
N SER F 17 -47.53 -35.89 54.98
CA SER F 17 -46.69 -35.86 53.80
C SER F 17 -47.24 -34.88 52.79
N LEU F 18 -46.33 -34.34 51.96
CA LEU F 18 -46.71 -33.36 50.95
C LEU F 18 -45.65 -33.37 49.85
N ARG F 19 -46.09 -33.48 48.60
CA ARG F 19 -45.19 -33.48 47.45
C ARG F 19 -45.39 -32.21 46.64
N LEU F 20 -44.37 -31.36 46.62
CA LEU F 20 -44.35 -30.20 45.75
C LEU F 20 -43.71 -30.54 44.42
N SER F 21 -44.30 -30.00 43.35
CA SER F 21 -43.82 -30.20 41.99
C SER F 21 -43.47 -28.86 41.39
N CYS F 22 -42.48 -28.88 40.50
CA CYS F 22 -42.06 -27.67 39.81
C CYS F 22 -41.67 -28.03 38.39
N ALA F 23 -42.42 -27.53 37.42
CA ALA F 23 -42.16 -27.76 36.00
C ALA F 23 -41.44 -26.56 35.42
N ALA F 24 -40.39 -26.82 34.64
CA ALA F 24 -39.55 -25.79 34.04
C ALA F 24 -39.72 -25.83 32.52
N SER F 25 -39.97 -24.67 31.93
CA SER F 25 -40.13 -24.54 30.49
C SER F 25 -39.22 -23.44 29.99
N GLY F 26 -38.86 -23.51 28.72
CA GLY F 26 -37.99 -22.52 28.13
C GLY F 26 -36.61 -23.06 27.79
N VAL F 27 -35.58 -22.29 28.13
CA VAL F 27 -34.18 -22.71 27.86
C VAL F 27 -33.74 -23.51 29.07
N THR F 28 -34.10 -24.79 29.08
CA THR F 28 -33.78 -25.68 30.19
C THR F 28 -32.82 -26.80 29.79
N PHE F 29 -32.46 -26.90 28.51
CA PHE F 29 -31.56 -27.96 28.07
C PHE F 29 -30.16 -27.77 28.64
N GLY F 30 -29.47 -28.89 28.82
CA GLY F 30 -28.15 -28.89 29.43
C GLY F 30 -28.20 -29.10 30.93
N SER F 31 -27.01 -29.25 31.50
CA SER F 31 -26.90 -29.47 32.94
C SER F 31 -27.34 -28.22 33.70
N ASN F 32 -28.08 -28.43 34.78
CA ASN F 32 -28.59 -27.30 35.55
C ASN F 32 -28.86 -27.77 36.98
N ARG F 33 -29.20 -26.80 37.82
CA ARG F 33 -29.55 -27.04 39.22
C ARG F 33 -31.00 -26.62 39.43
N MET F 34 -31.82 -27.55 39.94
CA MET F 34 -33.19 -27.25 40.32
C MET F 34 -33.38 -27.62 41.78
N GLY F 35 -33.94 -26.70 42.55
CA GLY F 35 -34.10 -26.94 43.97
C GLY F 35 -35.25 -26.21 44.63
N TRP F 36 -35.32 -26.32 45.93
CA TRP F 36 -36.34 -25.66 46.74
C TRP F 36 -35.65 -24.86 47.84
N PHE F 37 -36.09 -23.62 48.01
CA PHE F 37 -35.76 -22.77 49.14
C PHE F 37 -37.04 -22.51 49.90
N ARG F 38 -36.94 -21.92 51.09
CA ARG F 38 -38.16 -21.57 51.80
C ARG F 38 -37.96 -20.27 52.56
N GLN F 39 -39.05 -19.55 52.75
CA GLN F 39 -39.08 -18.31 53.52
C GLN F 39 -40.14 -18.43 54.59
N ALA F 40 -39.72 -18.39 55.85
CA ALA F 40 -40.60 -18.44 56.99
C ALA F 40 -41.06 -17.03 57.37
N PRO F 41 -42.16 -16.91 58.14
CA PRO F 41 -42.60 -15.58 58.60
C PRO F 41 -41.49 -14.80 59.32
N GLY F 42 -41.05 -13.71 58.71
CA GLY F 42 -40.02 -12.88 59.28
C GLY F 42 -38.61 -13.42 59.13
N LYS F 43 -38.44 -14.57 58.49
CA LYS F 43 -37.15 -15.20 58.31
C LYS F 43 -36.73 -15.12 56.85
N GLY F 44 -35.42 -15.21 56.63
CA GLY F 44 -34.89 -15.11 55.28
C GLY F 44 -35.16 -16.36 54.46
N ARG F 45 -34.95 -16.22 53.16
CA ARG F 45 -35.11 -17.33 52.23
C ARG F 45 -33.86 -18.22 52.29
N GLU F 46 -33.99 -19.38 52.92
CA GLU F 46 -32.88 -20.27 53.17
C GLU F 46 -32.95 -21.50 52.28
N PHE F 47 -31.80 -22.14 52.11
CA PHE F 47 -31.69 -23.34 51.29
C PHE F 47 -32.45 -24.51 51.93
N VAL F 48 -33.15 -25.28 51.09
CA VAL F 48 -33.86 -26.47 51.56
C VAL F 48 -33.26 -27.70 50.89
N ALA F 49 -33.27 -27.70 49.56
CA ALA F 49 -32.71 -28.84 48.83
C ALA F 49 -32.36 -28.41 47.42
N THR F 50 -31.44 -29.15 46.81
CA THR F 50 -31.11 -28.96 45.40
C THR F 50 -30.83 -30.31 44.76
N HIS F 51 -31.09 -30.37 43.45
CA HIS F 51 -30.85 -31.53 42.61
C HIS F 51 -30.11 -31.02 41.38
N SER F 52 -28.91 -31.56 41.17
CA SER F 52 -27.99 -31.05 40.16
C SER F 52 -27.69 -32.14 39.15
N THR F 53 -27.98 -31.85 37.88
CA THR F 53 -27.64 -32.72 36.77
C THR F 53 -26.30 -32.36 36.15
N TYR F 54 -25.53 -31.49 36.80
CA TYR F 54 -24.15 -31.24 36.39
C TYR F 54 -23.29 -32.48 36.53
N PHE F 55 -23.72 -33.43 37.35
CA PHE F 55 -22.99 -34.66 37.61
C PHE F 55 -23.91 -35.84 37.32
N ASN F 56 -23.31 -36.94 36.89
CA ASN F 56 -24.07 -38.16 36.58
C ASN F 56 -23.41 -39.31 37.33
N PRO F 57 -24.06 -39.86 38.37
CA PRO F 57 -25.43 -39.61 38.84
C PRO F 57 -25.63 -38.22 39.44
N ALA F 58 -26.86 -37.73 39.37
CA ALA F 58 -27.17 -36.37 39.82
C ALA F 58 -26.92 -36.24 41.31
N ARG F 59 -26.50 -35.04 41.74
CA ARG F 59 -26.16 -34.82 43.13
C ARG F 59 -27.28 -34.06 43.82
N THR F 60 -27.70 -34.58 44.97
CA THR F 60 -28.76 -33.97 45.78
C THR F 60 -28.17 -33.46 47.07
N ASN F 61 -28.50 -32.23 47.43
CA ASN F 61 -28.07 -31.62 48.67
C ASN F 61 -29.28 -31.20 49.47
N TYR F 62 -29.18 -31.31 50.80
CA TYR F 62 -30.28 -31.00 51.70
C TYR F 62 -29.77 -30.12 52.83
N ALA F 63 -30.70 -29.35 53.40
CA ALA F 63 -30.39 -28.63 54.63
C ALA F 63 -30.29 -29.61 55.80
N ASP F 64 -29.67 -29.15 56.88
CA ASP F 64 -29.51 -30.00 58.06
C ASP F 64 -30.86 -30.40 58.65
N SER F 65 -31.79 -29.44 58.72
CA SER F 65 -33.08 -29.71 59.34
C SER F 65 -33.88 -30.75 58.56
N VAL F 66 -33.86 -30.65 57.23
CA VAL F 66 -34.73 -31.48 56.40
C VAL F 66 -34.11 -32.81 56.01
N LYS F 67 -32.84 -33.04 56.33
CA LYS F 67 -32.16 -34.27 55.95
C LYS F 67 -32.86 -35.48 56.60
N GLY F 68 -33.13 -36.49 55.78
CA GLY F 68 -33.79 -37.69 56.22
C GLY F 68 -35.31 -37.64 56.16
N ARG F 69 -35.89 -36.44 56.08
CA ARG F 69 -37.32 -36.27 55.94
C ARG F 69 -37.74 -35.79 54.56
N PHE F 70 -36.91 -34.99 53.91
CA PHE F 70 -37.22 -34.43 52.60
C PHE F 70 -36.40 -35.17 51.55
N THR F 71 -37.02 -35.49 50.43
CA THR F 71 -36.34 -36.13 49.32
C THR F 71 -36.61 -35.34 48.05
N ILE F 72 -35.56 -34.99 47.33
CA ILE F 72 -35.67 -34.25 46.08
C ILE F 72 -35.36 -35.19 44.92
N SER F 73 -36.20 -35.16 43.89
CA SER F 73 -36.02 -36.00 42.73
C SER F 73 -36.43 -35.21 41.49
N ARG F 74 -36.29 -35.83 40.32
CA ARG F 74 -36.62 -35.16 39.07
C ARG F 74 -37.44 -36.08 38.18
N ASP F 75 -38.00 -35.46 37.13
CA ASP F 75 -38.79 -36.16 36.14
C ASP F 75 -37.88 -37.05 35.30
N ASN F 76 -38.49 -38.02 34.61
CA ASN F 76 -37.73 -38.91 33.74
C ASN F 76 -37.02 -38.13 32.63
N ALA F 77 -37.69 -37.12 32.06
CA ALA F 77 -37.10 -36.27 31.04
C ALA F 77 -36.41 -35.06 31.63
N GLY F 78 -36.23 -35.01 32.95
CA GLY F 78 -35.74 -33.80 33.57
C GLY F 78 -36.83 -32.75 33.53
N ASN F 79 -36.40 -31.50 33.66
CA ASN F 79 -37.24 -30.30 33.51
C ASN F 79 -38.32 -30.20 34.57
N SER F 80 -38.42 -31.14 35.49
CA SER F 80 -39.39 -31.07 36.58
C SER F 80 -38.74 -31.61 37.84
N VAL F 81 -38.91 -30.91 38.95
CA VAL F 81 -38.31 -31.29 40.22
C VAL F 81 -39.41 -31.48 41.25
N TYR F 82 -39.29 -32.55 42.04
CA TYR F 82 -40.26 -32.90 43.06
C TYR F 82 -39.58 -32.92 44.43
N LEU F 83 -40.27 -32.33 45.40
CA LEU F 83 -39.87 -32.38 46.81
C LEU F 83 -40.92 -33.17 47.58
N GLN F 84 -40.58 -34.41 47.95
CA GLN F 84 -41.37 -35.21 48.88
C GLN F 84 -40.97 -34.86 50.30
N MET F 85 -41.83 -34.13 51.01
CA MET F 85 -41.65 -33.89 52.43
C MET F 85 -42.49 -34.91 53.19
N ASN F 86 -41.84 -35.71 54.03
CA ASN F 86 -42.53 -36.61 54.94
C ASN F 86 -42.11 -36.30 56.37
N SER F 87 -43.01 -36.61 57.30
CA SER F 87 -42.82 -36.29 58.72
C SER F 87 -42.63 -34.78 58.89
N LEU F 88 -43.66 -34.02 58.49
CA LEU F 88 -43.61 -32.57 58.58
C LEU F 88 -43.81 -32.11 60.02
N ARG F 89 -43.28 -30.92 60.30
CA ARG F 89 -43.33 -30.34 61.63
C ARG F 89 -43.57 -28.83 61.50
N ALA F 90 -43.66 -28.16 62.65
CA ALA F 90 -44.01 -26.74 62.66
C ALA F 90 -42.95 -25.89 61.95
N GLU F 91 -41.69 -26.31 62.03
CA GLU F 91 -40.61 -25.55 61.41
C GLU F 91 -40.74 -25.52 59.89
N ASP F 92 -41.56 -26.40 59.32
CA ASP F 92 -41.72 -26.51 57.88
C ASP F 92 -42.76 -25.53 57.32
N THR F 93 -43.41 -24.73 58.17
CA THR F 93 -44.39 -23.76 57.72
C THR F 93 -43.66 -22.59 57.07
N ALA F 94 -43.81 -22.44 55.76
CA ALA F 94 -43.09 -21.40 55.02
C ALA F 94 -43.64 -21.36 53.61
N VAL F 95 -43.24 -20.32 52.88
CA VAL F 95 -43.46 -20.27 51.43
C VAL F 95 -42.23 -20.87 50.77
N TYR F 96 -42.42 -22.00 50.08
CA TYR F 96 -41.34 -22.68 49.39
C TYR F 96 -41.24 -22.17 47.96
N TYR F 97 -40.02 -21.84 47.54
CA TYR F 97 -39.74 -21.30 46.22
C TYR F 97 -38.95 -22.32 45.41
N CYS F 98 -39.38 -22.52 44.18
CA CYS F 98 -38.64 -23.34 43.23
C CYS F 98 -37.54 -22.51 42.57
N LEU F 99 -36.36 -23.11 42.46
CA LEU F 99 -35.21 -22.46 41.84
C LEU F 99 -34.73 -23.29 40.66
N PHE F 100 -34.54 -22.64 39.52
CA PHE F 100 -33.82 -23.20 38.39
C PHE F 100 -32.69 -22.25 38.07
N ASP F 101 -31.46 -22.74 38.12
CA ASP F 101 -30.32 -21.91 37.77
C ASP F 101 -29.19 -22.79 37.25
N ARG F 102 -28.04 -22.17 37.01
CA ARG F 102 -26.89 -22.83 36.42
C ARG F 102 -25.69 -22.80 37.37
N ARG F 103 -25.91 -23.11 38.64
CA ARG F 103 -24.89 -23.01 39.66
C ARG F 103 -24.49 -24.38 40.19
N LEU F 104 -23.42 -24.41 40.98
CA LEU F 104 -22.81 -25.66 41.41
C LEU F 104 -22.91 -25.93 42.91
N GLY F 105 -23.17 -24.92 43.72
CA GLY F 105 -23.18 -25.06 45.17
C GLY F 105 -24.53 -25.48 45.71
N THR F 106 -24.82 -25.02 46.92
CA THR F 106 -26.11 -25.26 47.54
C THR F 106 -26.87 -23.99 47.89
N VAL F 107 -26.21 -23.02 48.54
CA VAL F 107 -26.93 -21.94 49.22
C VAL F 107 -26.72 -20.57 48.57
N VAL F 108 -25.68 -20.40 47.74
CA VAL F 108 -25.29 -19.06 47.32
C VAL F 108 -26.40 -18.38 46.52
N THR F 109 -26.74 -18.94 45.35
CA THR F 109 -27.76 -18.40 44.46
C THR F 109 -27.40 -17.00 43.95
N GLY F 110 -28.03 -16.56 42.85
CA GLY F 110 -27.75 -15.26 42.29
C GLY F 110 -28.94 -14.68 41.53
N PRO F 111 -28.78 -13.43 41.06
CA PRO F 111 -29.90 -12.78 40.36
C PRO F 111 -30.16 -13.33 38.96
N GLU F 112 -29.22 -14.07 38.38
CA GLU F 112 -29.41 -14.65 37.06
C GLU F 112 -30.27 -15.91 37.11
N GLY F 113 -30.51 -16.48 38.28
CA GLY F 113 -31.35 -17.64 38.40
C GLY F 113 -32.82 -17.29 38.27
N TYR F 114 -33.64 -18.34 38.22
CA TYR F 114 -35.07 -18.20 38.02
C TYR F 114 -35.81 -18.76 39.22
N TRP F 115 -36.70 -17.95 39.78
CA TRP F 115 -37.48 -18.32 40.94
C TRP F 115 -38.94 -18.55 40.55
N GLY F 116 -39.61 -19.40 41.31
CA GLY F 116 -41.04 -19.58 41.16
C GLY F 116 -41.83 -18.54 41.93
N GLN F 117 -43.15 -18.60 41.76
CA GLN F 117 -44.02 -17.66 42.46
C GLN F 117 -44.02 -17.90 43.97
N GLY F 118 -43.84 -19.15 44.39
CA GLY F 118 -43.86 -19.47 45.79
C GLY F 118 -45.13 -20.17 46.20
N THR F 119 -45.01 -21.32 46.84
CA THR F 119 -46.15 -22.13 47.25
C THR F 119 -46.18 -22.21 48.77
N GLN F 120 -47.34 -21.90 49.36
CA GLN F 120 -47.46 -21.90 50.81
C GLN F 120 -47.57 -23.32 51.34
N VAL F 121 -46.85 -23.60 52.42
CA VAL F 121 -46.95 -24.86 53.14
C VAL F 121 -47.15 -24.52 54.61
N THR F 122 -48.28 -24.94 55.16
CA THR F 122 -48.63 -24.69 56.56
C THR F 122 -48.77 -26.01 57.29
N VAL F 123 -48.11 -26.12 58.44
CA VAL F 123 -48.21 -27.29 59.29
C VAL F 123 -48.80 -26.83 60.62
N SER F 124 -50.01 -27.29 60.91
CA SER F 124 -50.70 -26.91 62.14
C SER F 124 -51.81 -27.92 62.41
N SER F 125 -52.30 -27.90 63.65
CA SER F 125 -53.38 -28.79 64.04
C SER F 125 -54.73 -28.07 63.98
#